data_3ETB
#
_entry.id   3ETB
#
_cell.length_a   48.940
_cell.length_b   299.720
_cell.length_c   68.950
_cell.angle_alpha   90.00
_cell.angle_beta   94.45
_cell.angle_gamma   90.00
#
_symmetry.space_group_name_H-M   'P 1 21 1'
#
loop_
_entity.id
_entity.type
_entity.pdbx_description
1 polymer 'Antibody M18 light chain and antibody M18 heavy chain linked with a synthetic (GGGGS)4 linker'
2 polymer 'Anthrax Protective Antigen'
#
loop_
_entity_poly.entity_id
_entity_poly.type
_entity_poly.pdbx_seq_one_letter_code
_entity_poly.pdbx_strand_id
1 'polypeptide(L)'
;MADYKDIQMTQTTSSLSASLGDRVTVSCRASQDIRNYLNWYQQKPDGTVKFLIYYTSRLQPGVPSRFSGSGSGTDYSLTI
NNLEQEDIGTYFCQQGNTPPWTFGGGTKLEIKRGGGGSGGGGSGGGGSGGGGSEVQLQQSGPELVKPGASVKISCKDSGY
AFNSSWMNWVKQRPGQGLEWIGRIYPGDGDSNYNGKFEGKAILTADKSSSTAYMQLSSLTSVDSAVYFCARSGLLRYAMD
YWGQGTSVTVSS
;
F,G,H,I
2 'polypeptide(L)'
;RDKRFHYDRNNIAVGADESVVKEAHREVINSSTEGLLLNIDKDIRKILSGYIVEIEDTEGLKEVINDRYDMLNISSLRQD
GKTFIDFKKYNDKLPLYISNPNYKVNVYAVTKENTIINPSENGDTSTNGIKKILIFSKKGYEIG
;
J,K,L,M
#
# COMPACT_ATOMS: atom_id res chain seq x y z
N LYS A 5 -31.71 -2.83 -1.09
CA LYS A 5 -32.95 -3.57 -1.48
C LYS A 5 -32.77 -4.52 -2.68
N ASP A 6 -33.87 -5.02 -3.22
CA ASP A 6 -33.87 -5.91 -4.36
C ASP A 6 -33.65 -5.01 -5.61
N ILE A 7 -32.73 -5.40 -6.49
CA ILE A 7 -32.46 -4.63 -7.70
C ILE A 7 -33.72 -4.85 -8.50
N GLN A 8 -34.52 -3.81 -8.72
CA GLN A 8 -35.80 -3.91 -9.45
C GLN A 8 -35.76 -3.79 -10.98
N MET A 9 -35.94 -4.92 -11.68
CA MET A 9 -35.90 -4.97 -13.14
C MET A 9 -37.19 -4.47 -13.76
N THR A 10 -37.07 -3.60 -14.75
CA THR A 10 -38.22 -3.01 -15.41
C THR A 10 -38.29 -3.27 -16.91
N GLN A 11 -39.42 -3.82 -17.36
CA GLN A 11 -39.60 -4.07 -18.78
C GLN A 11 -40.79 -3.24 -19.27
N THR A 12 -40.52 -1.95 -19.46
CA THR A 12 -41.53 -0.99 -19.89
C THR A 12 -42.53 -1.46 -20.94
N THR A 13 -42.05 -2.04 -22.04
CA THR A 13 -42.95 -2.54 -23.08
C THR A 13 -43.45 -3.90 -22.61
N SER A 14 -44.67 -3.95 -22.12
CA SER A 14 -45.23 -5.19 -21.62
C SER A 14 -45.68 -6.17 -22.70
N SER A 15 -45.87 -5.68 -23.92
CA SER A 15 -46.29 -6.55 -25.02
C SER A 15 -46.15 -5.98 -26.42
N LEU A 16 -46.11 -6.89 -27.39
CA LEU A 16 -46.00 -6.50 -28.79
C LEU A 16 -46.21 -7.66 -29.79
N SER A 17 -46.64 -7.27 -30.98
CA SER A 17 -46.93 -8.18 -32.08
C SER A 17 -46.12 -7.69 -33.26
N ALA A 18 -45.75 -8.60 -34.17
CA ALA A 18 -44.96 -8.23 -35.35
C ALA A 18 -44.87 -9.36 -36.37
N SER A 19 -45.15 -9.03 -37.62
CA SER A 19 -45.12 -10.03 -38.69
C SER A 19 -43.79 -10.76 -38.69
N LEU A 20 -43.70 -11.82 -39.48
CA LEU A 20 -42.47 -12.59 -39.59
C LEU A 20 -41.50 -11.82 -40.44
N GLY A 21 -40.21 -12.03 -40.19
CA GLY A 21 -39.21 -11.32 -40.97
C GLY A 21 -38.93 -9.95 -40.39
N ASP A 22 -39.49 -9.68 -39.21
CA ASP A 22 -39.29 -8.40 -38.55
C ASP A 22 -38.12 -8.52 -37.60
N ARG A 23 -37.52 -7.40 -37.24
CA ARG A 23 -36.40 -7.39 -36.31
C ARG A 23 -37.00 -6.87 -35.02
N VAL A 24 -37.45 -7.81 -34.19
CA VAL A 24 -38.04 -7.48 -32.90
C VAL A 24 -36.97 -7.12 -31.89
N THR A 25 -37.28 -6.19 -30.99
CA THR A 25 -36.35 -5.77 -29.95
C THR A 25 -37.04 -5.71 -28.61
N VAL A 26 -36.54 -6.48 -27.64
CA VAL A 26 -37.12 -6.48 -26.30
C VAL A 26 -36.14 -5.77 -25.38
N SER A 27 -36.61 -4.77 -24.66
CA SER A 27 -35.72 -4.03 -23.76
C SER A 27 -35.99 -4.15 -22.26
N CYS A 28 -34.90 -4.38 -21.53
CA CYS A 28 -34.91 -4.54 -20.08
C CYS A 28 -34.29 -3.24 -19.59
N ARG A 29 -34.28 -3.02 -18.28
CA ARG A 29 -33.73 -1.78 -17.76
C ARG A 29 -33.61 -1.86 -16.24
N ALA A 30 -32.41 -2.15 -15.75
CA ALA A 30 -32.14 -2.29 -14.32
C ALA A 30 -32.31 -0.99 -13.54
N SER A 31 -32.12 -1.05 -12.23
CA SER A 31 -32.28 0.12 -11.39
C SER A 31 -30.95 0.51 -10.76
N GLN A 32 -29.86 -0.02 -11.29
CA GLN A 32 -28.52 0.29 -10.79
C GLN A 32 -27.53 -0.62 -11.46
N ASP A 33 -26.52 -0.02 -12.09
CA ASP A 33 -25.50 -0.79 -12.78
C ASP A 33 -25.41 -2.22 -12.24
N ILE A 34 -25.79 -3.18 -13.08
CA ILE A 34 -25.73 -4.58 -12.69
C ILE A 34 -24.48 -5.17 -13.29
N ARG A 35 -23.69 -4.30 -13.91
CA ARG A 35 -22.44 -4.67 -14.55
C ARG A 35 -22.45 -5.93 -15.41
N ASN A 36 -23.35 -5.96 -16.40
CA ASN A 36 -23.46 -7.06 -17.33
C ASN A 36 -24.12 -8.34 -16.84
N TYR A 37 -24.13 -8.56 -15.54
CA TYR A 37 -24.75 -9.77 -15.01
C TYR A 37 -26.24 -9.79 -15.27
N LEU A 38 -26.61 -10.04 -16.52
CA LEU A 38 -28.02 -10.08 -16.90
C LEU A 38 -28.20 -11.21 -17.91
N ASN A 39 -29.33 -11.89 -17.84
CA ASN A 39 -29.61 -13.00 -18.73
C ASN A 39 -31.01 -12.87 -19.25
N TRP A 40 -31.30 -13.50 -20.39
CA TRP A 40 -32.62 -13.47 -20.98
C TRP A 40 -33.22 -14.86 -21.12
N TYR A 41 -34.52 -15.01 -20.86
CA TYR A 41 -35.18 -16.30 -21.01
C TYR A 41 -36.39 -16.10 -21.87
N GLN A 42 -36.76 -17.12 -22.63
CA GLN A 42 -37.91 -17.07 -23.50
C GLN A 42 -38.95 -18.04 -22.99
N GLN A 43 -40.15 -17.56 -22.69
CA GLN A 43 -41.18 -18.48 -22.23
C GLN A 43 -42.06 -18.86 -23.39
N LYS A 44 -41.81 -20.05 -23.93
CA LYS A 44 -42.57 -20.55 -25.06
C LYS A 44 -44.06 -20.45 -24.83
N PRO A 45 -44.87 -20.78 -25.85
CA PRO A 45 -46.32 -20.70 -25.68
C PRO A 45 -46.75 -21.82 -24.74
N ASP A 46 -46.13 -22.99 -24.92
CA ASP A 46 -46.44 -24.16 -24.10
C ASP A 46 -45.94 -24.01 -22.66
N GLY A 47 -46.28 -22.88 -22.04
CA GLY A 47 -45.90 -22.60 -20.66
C GLY A 47 -44.53 -23.02 -20.16
N THR A 48 -43.63 -23.40 -21.06
CA THR A 48 -42.30 -23.83 -20.67
C THR A 48 -41.35 -22.63 -20.56
N VAL A 49 -40.09 -22.86 -20.21
CA VAL A 49 -39.11 -21.79 -20.09
C VAL A 49 -37.71 -22.17 -20.56
N LYS A 50 -37.20 -21.44 -21.55
CA LYS A 50 -35.88 -21.68 -22.11
C LYS A 50 -34.82 -20.64 -21.70
N PHE A 51 -33.61 -21.11 -21.40
CA PHE A 51 -32.50 -20.24 -21.03
C PHE A 51 -31.82 -19.86 -22.34
N LEU A 52 -31.77 -18.57 -22.65
CA LEU A 52 -31.21 -18.10 -23.91
C LEU A 52 -29.83 -17.46 -23.91
N ILE A 53 -29.71 -16.35 -23.21
CA ILE A 53 -28.47 -15.62 -23.16
C ILE A 53 -28.10 -15.31 -21.71
N TYR A 54 -26.82 -15.41 -21.40
CA TYR A 54 -26.34 -15.15 -20.06
C TYR A 54 -25.24 -14.10 -20.10
N TYR A 55 -25.12 -13.33 -19.03
CA TYR A 55 -24.12 -12.29 -18.94
C TYR A 55 -24.19 -11.29 -20.09
N THR A 56 -25.39 -10.76 -20.33
CA THR A 56 -25.63 -9.76 -21.36
C THR A 56 -25.65 -10.19 -22.81
N SER A 57 -24.57 -10.79 -23.30
CA SER A 57 -24.50 -11.18 -24.70
C SER A 57 -23.99 -12.57 -25.08
N ARG A 58 -23.59 -13.37 -24.12
CA ARG A 58 -23.11 -14.71 -24.44
C ARG A 58 -24.32 -15.58 -24.78
N LEU A 59 -24.36 -16.16 -25.99
CA LEU A 59 -25.51 -17.00 -26.37
C LEU A 59 -25.36 -18.41 -25.86
N GLN A 60 -26.45 -18.93 -25.30
CA GLN A 60 -26.46 -20.30 -24.81
C GLN A 60 -26.28 -21.15 -26.06
N PRO A 61 -25.56 -22.28 -25.97
CA PRO A 61 -25.38 -23.08 -27.18
C PRO A 61 -26.72 -23.60 -27.67
N GLY A 62 -26.90 -23.59 -28.99
CA GLY A 62 -28.15 -24.04 -29.56
C GLY A 62 -28.99 -22.87 -30.06
N VAL A 63 -28.97 -21.75 -29.33
CA VAL A 63 -29.73 -20.55 -29.73
C VAL A 63 -29.33 -20.13 -31.14
N PRO A 64 -30.31 -19.84 -31.99
CA PRO A 64 -30.06 -19.42 -33.37
C PRO A 64 -29.34 -18.11 -33.51
N SER A 65 -28.24 -18.15 -34.24
CA SER A 65 -27.38 -16.99 -34.50
C SER A 65 -28.06 -15.64 -34.70
N ARG A 66 -29.36 -15.64 -35.00
CA ARG A 66 -30.06 -14.38 -35.22
C ARG A 66 -30.51 -13.69 -33.94
N PHE A 67 -30.14 -14.25 -32.81
CA PHE A 67 -30.46 -13.63 -31.53
C PHE A 67 -29.23 -12.81 -31.16
N SER A 68 -29.29 -12.11 -30.03
CA SER A 68 -28.16 -11.31 -29.58
C SER A 68 -28.60 -10.39 -28.47
N GLY A 69 -27.80 -10.31 -27.42
CA GLY A 69 -28.12 -9.44 -26.30
C GLY A 69 -27.21 -8.26 -26.39
N SER A 70 -27.54 -7.17 -25.69
CA SER A 70 -26.68 -6.00 -25.76
C SER A 70 -26.76 -5.16 -24.52
N GLY A 71 -25.87 -4.20 -24.43
CA GLY A 71 -25.87 -3.29 -23.30
C GLY A 71 -24.72 -3.43 -22.33
N SER A 72 -24.83 -2.64 -21.27
CA SER A 72 -23.90 -2.55 -20.16
C SER A 72 -24.46 -1.42 -19.33
N GLY A 73 -24.36 -1.52 -18.02
CA GLY A 73 -24.90 -0.46 -17.19
C GLY A 73 -26.31 -0.88 -16.80
N THR A 74 -27.32 -0.09 -17.17
CA THR A 74 -28.68 -0.44 -16.82
C THR A 74 -29.63 -0.47 -18.00
N ASP A 75 -29.12 -0.73 -19.19
CA ASP A 75 -29.96 -0.77 -20.38
C ASP A 75 -29.53 -1.93 -21.28
N TYR A 76 -30.10 -3.10 -21.04
CA TYR A 76 -29.74 -4.25 -21.86
C TYR A 76 -30.92 -4.53 -22.76
N SER A 77 -30.70 -5.23 -23.87
CA SER A 77 -31.80 -5.51 -24.77
C SER A 77 -31.55 -6.64 -25.75
N LEU A 78 -32.57 -7.47 -25.92
CA LEU A 78 -32.55 -8.61 -26.82
C LEU A 78 -33.04 -8.14 -28.16
N THR A 79 -32.41 -8.63 -29.23
CA THR A 79 -32.80 -8.24 -30.55
C THR A 79 -32.92 -9.48 -31.41
N ILE A 80 -34.11 -9.74 -31.92
CA ILE A 80 -34.34 -10.91 -32.73
C ILE A 80 -34.40 -10.58 -34.21
N ASN A 81 -33.27 -10.59 -34.89
CA ASN A 81 -33.23 -10.26 -36.31
C ASN A 81 -34.18 -11.16 -37.10
N ASN A 82 -34.80 -10.62 -38.15
CA ASN A 82 -35.77 -11.33 -38.99
C ASN A 82 -36.46 -12.47 -38.27
N LEU A 83 -37.48 -12.11 -37.51
CA LEU A 83 -38.28 -13.02 -36.70
C LEU A 83 -38.71 -14.29 -37.41
N GLU A 84 -39.06 -15.30 -36.62
CA GLU A 84 -39.51 -16.60 -37.12
C GLU A 84 -40.54 -17.22 -36.19
N GLN A 85 -41.60 -17.78 -36.76
CA GLN A 85 -42.66 -18.40 -35.97
C GLN A 85 -42.23 -19.06 -34.66
N GLU A 86 -41.08 -19.72 -34.66
CA GLU A 86 -40.58 -20.40 -33.47
C GLU A 86 -39.78 -19.52 -32.50
N ASP A 87 -40.10 -18.24 -32.46
CA ASP A 87 -39.42 -17.30 -31.56
C ASP A 87 -40.49 -16.66 -30.73
N ILE A 88 -41.73 -16.87 -31.13
CA ILE A 88 -42.85 -16.30 -30.41
C ILE A 88 -42.69 -16.74 -28.97
N GLY A 89 -43.30 -15.97 -28.07
CA GLY A 89 -43.22 -16.27 -26.65
C GLY A 89 -43.13 -15.00 -25.83
N THR A 90 -42.92 -15.16 -24.54
CA THR A 90 -42.82 -14.00 -23.66
C THR A 90 -41.40 -14.00 -23.09
N TYR A 91 -40.64 -12.94 -23.36
CA TYR A 91 -39.27 -12.84 -22.90
C TYR A 91 -39.10 -12.12 -21.59
N PHE A 92 -38.36 -12.73 -20.69
CA PHE A 92 -38.08 -12.14 -19.39
C PHE A 92 -36.62 -11.83 -19.40
N CYS A 93 -36.16 -11.07 -18.43
CA CYS A 93 -34.75 -10.72 -18.32
C CYS A 93 -34.41 -10.63 -16.86
N GLN A 94 -33.84 -11.70 -16.34
CA GLN A 94 -33.47 -11.74 -14.94
C GLN A 94 -32.08 -11.23 -14.79
N GLN A 95 -31.88 -10.36 -13.81
CA GLN A 95 -30.56 -9.83 -13.55
C GLN A 95 -29.88 -10.90 -12.70
N GLY A 96 -28.60 -10.71 -12.36
CA GLY A 96 -27.92 -11.72 -11.56
C GLY A 96 -26.64 -11.19 -10.94
N ASN A 97 -26.66 -9.91 -10.60
CA ASN A 97 -25.51 -9.25 -10.01
C ASN A 97 -25.55 -9.36 -8.49
N THR A 98 -26.60 -8.80 -7.90
CA THR A 98 -26.78 -8.80 -6.46
C THR A 98 -28.06 -9.51 -6.06
N PRO A 99 -27.93 -10.74 -5.51
CA PRO A 99 -29.14 -11.46 -5.11
C PRO A 99 -29.93 -10.63 -4.11
N PRO A 100 -31.24 -10.87 -3.99
CA PRO A 100 -31.96 -11.88 -4.76
C PRO A 100 -32.13 -11.56 -6.24
N TRP A 101 -31.96 -12.56 -7.08
CA TRP A 101 -32.13 -12.37 -8.50
C TRP A 101 -33.55 -11.88 -8.68
N THR A 102 -33.79 -11.06 -9.69
CA THR A 102 -35.13 -10.56 -9.94
C THR A 102 -35.33 -10.42 -11.45
N PHE A 103 -36.43 -10.96 -11.96
CA PHE A 103 -36.71 -10.91 -13.39
C PHE A 103 -37.51 -9.68 -13.78
N GLY A 104 -37.61 -9.45 -15.08
CA GLY A 104 -38.38 -8.32 -15.56
C GLY A 104 -39.84 -8.70 -15.47
N GLY A 105 -40.66 -8.19 -16.38
CA GLY A 105 -42.07 -8.49 -16.35
C GLY A 105 -42.52 -9.22 -17.60
N GLY A 106 -41.58 -9.38 -18.54
CA GLY A 106 -41.87 -10.07 -19.77
C GLY A 106 -42.47 -9.17 -20.84
N THR A 107 -42.10 -9.42 -22.08
CA THR A 107 -42.60 -8.64 -23.19
C THR A 107 -43.20 -9.63 -24.15
N LYS A 108 -44.43 -10.04 -23.87
CA LYS A 108 -45.10 -11.02 -24.71
C LYS A 108 -45.08 -10.68 -26.19
N LEU A 109 -44.40 -11.52 -26.96
CA LEU A 109 -44.28 -11.34 -28.40
C LEU A 109 -45.30 -12.21 -29.10
N GLU A 110 -46.11 -11.62 -29.97
CA GLU A 110 -47.13 -12.37 -30.70
C GLU A 110 -46.86 -12.43 -32.20
N ILE A 111 -47.91 -12.29 -32.98
CA ILE A 111 -47.79 -12.32 -34.43
C ILE A 111 -48.98 -11.60 -35.04
N LYS A 112 -48.78 -10.32 -35.33
CA LYS A 112 -49.85 -9.55 -35.95
C LYS A 112 -50.20 -10.35 -37.19
N ARG A 113 -51.49 -10.64 -37.38
CA ARG A 113 -51.94 -11.41 -38.53
C ARG A 113 -52.35 -10.52 -39.73
N GLY A 114 -52.77 -11.08 -40.77
N VAL A 135 -37.54 -33.81 -21.35
CA VAL A 135 -37.99 -33.32 -20.00
C VAL A 135 -37.07 -33.83 -18.88
N GLN A 136 -35.87 -33.26 -18.78
CA GLN A 136 -34.93 -33.67 -17.76
C GLN A 136 -35.40 -33.29 -16.34
N LEU A 137 -36.09 -32.16 -16.22
CA LEU A 137 -36.64 -31.71 -14.94
C LEU A 137 -38.14 -31.87 -15.01
N GLN A 138 -38.66 -32.87 -14.28
CA GLN A 138 -40.08 -33.20 -14.23
C GLN A 138 -40.72 -32.72 -12.94
N GLN A 139 -41.61 -31.74 -13.00
CA GLN A 139 -42.22 -31.26 -11.76
C GLN A 139 -43.41 -32.10 -11.37
N SER A 140 -44.06 -31.72 -10.26
CA SER A 140 -45.22 -32.45 -9.73
C SER A 140 -46.54 -32.18 -10.44
N GLY A 141 -47.64 -32.50 -9.76
CA GLY A 141 -48.96 -32.27 -10.32
C GLY A 141 -49.60 -31.03 -9.73
N PRO A 142 -50.59 -30.44 -10.41
CA PRO A 142 -51.29 -29.24 -9.94
C PRO A 142 -51.95 -29.51 -8.61
N GLU A 143 -51.75 -28.59 -7.68
CA GLU A 143 -52.34 -28.71 -6.35
C GLU A 143 -53.50 -27.74 -6.24
N LEU A 144 -54.42 -28.06 -5.32
CA LEU A 144 -55.60 -27.25 -5.04
C LEU A 144 -55.79 -27.34 -3.53
N VAL A 145 -55.60 -26.24 -2.83
CA VAL A 145 -55.69 -26.25 -1.38
C VAL A 145 -56.69 -25.33 -0.76
N LYS A 146 -57.10 -25.69 0.45
CA LYS A 146 -58.03 -24.89 1.20
C LYS A 146 -57.16 -23.84 1.92
N PRO A 147 -57.50 -22.55 1.75
CA PRO A 147 -56.80 -21.41 2.35
C PRO A 147 -56.31 -21.62 3.76
N GLY A 148 -55.03 -21.98 3.91
CA GLY A 148 -54.50 -22.20 5.23
C GLY A 148 -53.76 -23.51 5.39
N ALA A 149 -53.61 -24.25 4.29
CA ALA A 149 -52.92 -25.55 4.31
C ALA A 149 -51.63 -25.54 3.50
N SER A 150 -50.71 -26.41 3.90
CA SER A 150 -49.41 -26.52 3.25
C SER A 150 -49.42 -27.50 2.10
N VAL A 151 -48.40 -27.44 1.25
CA VAL A 151 -48.31 -28.32 0.11
C VAL A 151 -46.85 -28.62 -0.12
N LYS A 152 -46.57 -29.67 -0.87
CA LYS A 152 -45.20 -30.05 -1.13
C LYS A 152 -45.00 -30.39 -2.60
N ILE A 153 -44.56 -29.39 -3.37
CA ILE A 153 -44.30 -29.54 -4.79
C ILE A 153 -42.95 -30.21 -4.98
N SER A 154 -42.83 -31.02 -6.01
CA SER A 154 -41.60 -31.76 -6.23
C SER A 154 -40.95 -31.65 -7.61
N CYS A 155 -39.66 -31.33 -7.60
CA CYS A 155 -38.87 -31.19 -8.82
C CYS A 155 -38.14 -32.50 -8.89
N LYS A 156 -38.35 -33.26 -9.95
CA LYS A 156 -37.70 -34.55 -10.09
C LYS A 156 -36.72 -34.60 -11.23
N ASP A 157 -35.50 -34.15 -10.96
CA ASP A 157 -34.46 -34.17 -11.98
C ASP A 157 -34.16 -35.61 -12.36
N SER A 158 -33.96 -35.84 -13.65
CA SER A 158 -33.69 -37.18 -14.13
C SER A 158 -32.29 -37.25 -14.72
N GLY A 159 -31.68 -36.08 -14.89
CA GLY A 159 -30.35 -36.00 -15.44
C GLY A 159 -29.33 -36.65 -14.54
N TYR A 160 -28.08 -36.23 -14.66
CA TYR A 160 -27.02 -36.81 -13.86
C TYR A 160 -26.46 -35.81 -12.85
N ALA A 161 -26.46 -34.55 -13.23
CA ALA A 161 -25.93 -33.48 -12.36
C ALA A 161 -26.98 -32.91 -11.39
N PHE A 162 -27.27 -33.67 -10.34
CA PHE A 162 -28.24 -33.20 -9.38
C PHE A 162 -27.46 -32.69 -8.18
N ASN A 163 -26.81 -33.61 -7.49
CA ASN A 163 -26.05 -33.28 -6.29
C ASN A 163 -24.79 -32.51 -6.64
N SER A 164 -24.69 -32.05 -7.89
CA SER A 164 -23.53 -31.28 -8.34
C SER A 164 -23.91 -29.97 -9.02
N SER A 165 -25.19 -29.63 -8.93
CA SER A 165 -25.74 -28.41 -9.48
C SER A 165 -26.87 -27.93 -8.59
N TRP A 166 -26.97 -26.62 -8.40
CA TRP A 166 -28.02 -26.05 -7.56
C TRP A 166 -29.43 -26.42 -7.94
N MET A 167 -30.38 -25.62 -7.45
CA MET A 167 -31.79 -25.83 -7.72
C MET A 167 -32.58 -24.62 -7.24
N ASN A 168 -32.92 -23.72 -8.16
CA ASN A 168 -33.67 -22.52 -7.82
C ASN A 168 -35.17 -22.76 -8.01
N TRP A 169 -36.01 -22.13 -7.22
CA TRP A 169 -37.43 -22.27 -7.42
C TRP A 169 -38.03 -20.92 -7.74
N VAL A 170 -38.49 -20.73 -8.99
CA VAL A 170 -39.08 -19.47 -9.43
C VAL A 170 -40.61 -19.48 -9.35
N LYS A 171 -41.20 -18.36 -8.96
CA LYS A 171 -42.66 -18.26 -8.82
C LYS A 171 -43.36 -17.31 -9.79
N GLN A 172 -44.09 -17.86 -10.75
CA GLN A 172 -44.80 -17.03 -11.73
C GLN A 172 -46.29 -16.93 -11.48
N ARG A 173 -46.81 -15.71 -11.57
CA ARG A 173 -48.22 -15.42 -11.39
C ARG A 173 -48.46 -14.20 -12.29
N PRO A 174 -49.56 -14.19 -13.05
CA PRO A 174 -49.87 -13.07 -13.96
C PRO A 174 -49.63 -11.69 -13.37
N GLY A 175 -48.94 -10.84 -14.14
CA GLY A 175 -48.63 -9.49 -13.70
C GLY A 175 -47.36 -9.37 -12.86
N GLN A 176 -46.92 -10.48 -12.27
CA GLN A 176 -45.74 -10.48 -11.42
C GLN A 176 -44.57 -11.23 -12.06
N GLY A 177 -44.17 -10.76 -13.24
CA GLY A 177 -43.06 -11.39 -13.93
C GLY A 177 -42.63 -12.71 -13.34
N LEU A 178 -41.64 -12.67 -12.46
CA LEU A 178 -41.13 -13.88 -11.81
C LEU A 178 -40.39 -13.47 -10.56
N GLU A 179 -40.53 -14.24 -9.50
CA GLU A 179 -39.87 -13.94 -8.24
C GLU A 179 -39.01 -15.14 -7.89
N TRP A 180 -37.73 -14.90 -7.60
CA TRP A 180 -36.85 -15.99 -7.23
C TRP A 180 -37.12 -16.30 -5.77
N ILE A 181 -37.44 -17.56 -5.47
CA ILE A 181 -37.76 -17.95 -4.09
C ILE A 181 -36.54 -18.31 -3.28
N GLY A 182 -35.76 -19.26 -3.79
CA GLY A 182 -34.56 -19.67 -3.08
C GLY A 182 -33.95 -20.84 -3.82
N ARG A 183 -33.05 -21.54 -3.15
CA ARG A 183 -32.42 -22.66 -3.81
C ARG A 183 -31.65 -23.42 -2.79
N ILE A 184 -31.45 -24.70 -3.05
CA ILE A 184 -30.70 -25.54 -2.15
C ILE A 184 -29.76 -26.30 -3.05
N TYR A 185 -28.63 -26.73 -2.52
CA TYR A 185 -27.65 -27.49 -3.31
C TYR A 185 -27.64 -28.94 -2.83
N PRO A 186 -28.51 -29.79 -3.41
CA PRO A 186 -28.59 -31.19 -3.01
C PRO A 186 -27.28 -31.79 -2.53
N GLY A 187 -26.23 -31.67 -3.35
CA GLY A 187 -24.92 -32.21 -3.03
C GLY A 187 -24.35 -32.10 -1.61
N ASP A 188 -24.84 -31.14 -0.80
CA ASP A 188 -24.35 -30.97 0.57
C ASP A 188 -25.40 -30.42 1.54
N GLY A 189 -26.32 -29.59 1.03
CA GLY A 189 -27.38 -29.08 1.90
C GLY A 189 -27.48 -27.58 2.11
N ASP A 190 -26.55 -26.81 1.53
CA ASP A 190 -26.59 -25.37 1.68
C ASP A 190 -27.74 -24.78 0.87
N SER A 191 -28.36 -23.73 1.40
CA SER A 191 -29.49 -23.09 0.75
C SER A 191 -29.56 -21.58 0.96
N ASN A 192 -30.22 -20.89 0.02
CA ASN A 192 -30.42 -19.44 0.09
C ASN A 192 -31.90 -19.10 -0.13
N TYR A 193 -32.40 -18.10 0.58
CA TYR A 193 -33.80 -17.73 0.41
C TYR A 193 -33.98 -16.28 0.07
N ASN A 194 -35.21 -15.92 -0.26
CA ASN A 194 -35.56 -14.56 -0.62
C ASN A 194 -36.18 -13.95 0.62
N GLY A 195 -36.13 -12.64 0.73
CA GLY A 195 -36.70 -11.98 1.89
C GLY A 195 -38.21 -12.10 2.05
N LYS A 196 -38.93 -12.03 0.94
CA LYS A 196 -40.38 -12.13 0.96
C LYS A 196 -40.84 -13.57 1.24
N PHE A 197 -40.00 -14.54 0.91
CA PHE A 197 -40.32 -15.95 1.10
C PHE A 197 -39.59 -16.59 2.28
N GLU A 198 -38.98 -15.75 3.12
CA GLU A 198 -38.24 -16.25 4.27
C GLU A 198 -39.14 -17.17 5.06
N GLY A 199 -40.36 -16.68 5.30
CA GLY A 199 -41.32 -17.46 6.04
C GLY A 199 -42.46 -17.90 5.17
N LYS A 200 -42.21 -18.92 4.36
CA LYS A 200 -43.24 -19.46 3.48
C LYS A 200 -42.77 -20.77 2.86
N ALA A 201 -41.74 -20.68 2.03
CA ALA A 201 -41.21 -21.87 1.40
C ALA A 201 -40.17 -22.49 2.32
N ILE A 202 -39.97 -23.79 2.15
CA ILE A 202 -38.99 -24.52 2.94
C ILE A 202 -38.42 -25.56 2.00
N LEU A 203 -37.27 -25.22 1.43
CA LEU A 203 -36.60 -26.11 0.49
C LEU A 203 -35.90 -27.30 1.13
N THR A 204 -36.31 -28.47 0.68
CA THR A 204 -35.77 -29.74 1.14
C THR A 204 -35.49 -30.56 -0.10
N ALA A 205 -34.44 -31.38 -0.08
CA ALA A 205 -34.10 -32.20 -1.25
C ALA A 205 -33.63 -33.58 -0.86
N ASP A 206 -33.73 -34.52 -1.80
CA ASP A 206 -33.30 -35.90 -1.55
C ASP A 206 -32.31 -36.46 -2.57
N LYS A 207 -31.03 -36.37 -2.22
CA LYS A 207 -29.95 -36.83 -3.09
C LYS A 207 -30.07 -38.24 -3.69
N SER A 208 -30.80 -39.14 -3.03
CA SER A 208 -30.91 -40.51 -3.53
C SER A 208 -31.85 -40.64 -4.71
N SER A 209 -32.83 -39.75 -4.79
CA SER A 209 -33.77 -39.84 -5.90
C SER A 209 -33.85 -38.55 -6.66
N SER A 210 -32.73 -37.83 -6.68
CA SER A 210 -32.64 -36.56 -7.40
C SER A 210 -33.99 -35.82 -7.34
N THR A 211 -34.28 -35.18 -6.22
CA THR A 211 -35.55 -34.49 -6.16
C THR A 211 -35.51 -33.38 -5.18
N ALA A 212 -36.15 -32.29 -5.53
CA ALA A 212 -36.23 -31.15 -4.63
C ALA A 212 -37.69 -31.01 -4.27
N TYR A 213 -37.96 -30.29 -3.19
CA TYR A 213 -39.33 -30.08 -2.78
C TYR A 213 -39.44 -28.72 -2.13
N MET A 214 -40.51 -28.01 -2.43
CA MET A 214 -40.76 -26.71 -1.85
C MET A 214 -41.94 -26.95 -0.95
N GLN A 215 -42.13 -26.13 0.07
CA GLN A 215 -43.25 -26.41 0.95
C GLN A 215 -43.96 -25.15 1.39
N LEU A 216 -44.64 -24.51 0.44
CA LEU A 216 -45.37 -23.31 0.73
C LEU A 216 -46.28 -23.63 1.89
N SER A 217 -45.86 -23.25 3.09
CA SER A 217 -46.65 -23.51 4.28
C SER A 217 -47.58 -22.35 4.54
N SER A 218 -48.77 -22.67 5.03
CA SER A 218 -49.76 -21.65 5.30
C SER A 218 -50.02 -20.82 4.05
N LEU A 219 -50.85 -21.33 3.16
CA LEU A 219 -51.18 -20.63 1.91
C LEU A 219 -52.24 -19.55 2.09
N THR A 220 -52.40 -18.74 1.04
CA THR A 220 -53.38 -17.66 1.00
C THR A 220 -53.76 -17.45 -0.46
N SER A 221 -54.79 -16.63 -0.69
CA SER A 221 -55.25 -16.37 -2.05
C SER A 221 -54.13 -15.72 -2.83
N VAL A 222 -53.07 -15.36 -2.11
CA VAL A 222 -51.93 -14.72 -2.73
C VAL A 222 -51.04 -15.74 -3.42
N ASP A 223 -50.74 -16.82 -2.74
CA ASP A 223 -49.87 -17.86 -3.29
C ASP A 223 -50.42 -18.49 -4.55
N SER A 224 -51.73 -18.39 -4.76
CA SER A 224 -52.32 -18.98 -5.94
C SER A 224 -51.53 -18.55 -7.17
N ALA A 225 -50.63 -19.42 -7.62
CA ALA A 225 -49.77 -19.16 -8.78
C ALA A 225 -49.10 -20.43 -9.28
N VAL A 226 -48.26 -20.30 -10.29
CA VAL A 226 -47.54 -21.44 -10.83
C VAL A 226 -46.21 -21.42 -10.12
N TYR A 227 -45.50 -22.53 -10.09
CA TYR A 227 -44.19 -22.56 -9.42
C TYR A 227 -43.22 -23.42 -10.20
N PHE A 228 -42.29 -22.80 -10.92
CA PHE A 228 -41.31 -23.56 -11.69
C PHE A 228 -40.12 -23.87 -10.83
N CYS A 229 -39.36 -24.88 -11.18
CA CYS A 229 -38.20 -25.19 -10.39
C CYS A 229 -36.98 -25.25 -11.28
N ALA A 230 -36.44 -24.08 -11.60
CA ALA A 230 -35.29 -23.99 -12.47
C ALA A 230 -33.99 -24.31 -11.77
N ARG A 231 -33.24 -25.23 -12.35
CA ARG A 231 -31.97 -25.65 -11.80
C ARG A 231 -30.83 -24.85 -12.38
N SER A 232 -30.02 -24.25 -11.53
CA SER A 232 -28.90 -23.49 -12.02
C SER A 232 -27.65 -24.30 -11.85
N GLY A 233 -27.19 -24.86 -12.97
CA GLY A 233 -25.99 -25.67 -13.02
C GLY A 233 -25.00 -25.03 -13.99
N LEU A 234 -23.81 -24.75 -13.49
CA LEU A 234 -22.80 -24.12 -14.32
C LEU A 234 -23.39 -22.77 -14.67
N LEU A 235 -23.12 -21.83 -13.78
CA LEU A 235 -23.57 -20.43 -13.84
C LEU A 235 -24.38 -20.14 -12.59
N ARG A 236 -23.70 -19.72 -11.54
CA ARG A 236 -24.35 -19.40 -10.30
C ARG A 236 -25.54 -18.46 -10.43
N TYR A 237 -25.49 -17.54 -11.39
CA TYR A 237 -26.60 -16.57 -11.56
C TYR A 237 -27.52 -16.82 -12.74
N ALA A 238 -27.72 -18.07 -13.10
CA ALA A 238 -28.57 -18.38 -14.22
C ALA A 238 -29.18 -19.77 -14.17
N MET A 239 -30.50 -19.85 -14.29
CA MET A 239 -31.22 -21.11 -14.30
C MET A 239 -31.37 -21.57 -15.75
N ASP A 240 -30.77 -22.70 -16.09
CA ASP A 240 -30.84 -23.20 -17.45
C ASP A 240 -31.99 -24.13 -17.81
N TYR A 241 -32.35 -25.04 -16.91
CA TYR A 241 -33.44 -25.96 -17.20
C TYR A 241 -34.56 -25.65 -16.25
N TRP A 242 -35.76 -25.54 -16.77
CA TRP A 242 -36.92 -25.22 -15.95
C TRP A 242 -37.96 -26.35 -15.90
N GLY A 243 -38.63 -26.51 -14.78
CA GLY A 243 -39.63 -27.54 -14.72
C GLY A 243 -40.72 -27.19 -15.71
N GLN A 244 -41.91 -27.76 -15.50
CA GLN A 244 -43.05 -27.50 -16.36
C GLN A 244 -43.98 -26.52 -15.67
N GLY A 245 -44.01 -26.61 -14.34
CA GLY A 245 -44.87 -25.75 -13.54
C GLY A 245 -45.78 -26.55 -12.63
N THR A 246 -46.53 -25.87 -11.77
CA THR A 246 -47.43 -26.58 -10.86
C THR A 246 -48.56 -25.71 -10.30
N SER A 247 -49.58 -25.46 -11.13
CA SER A 247 -50.72 -24.65 -10.75
C SER A 247 -51.22 -24.92 -9.32
N VAL A 248 -50.78 -24.10 -8.39
CA VAL A 248 -51.20 -24.24 -7.01
C VAL A 248 -52.29 -23.22 -6.74
N THR A 249 -53.49 -23.45 -7.29
CA THR A 249 -54.58 -22.50 -7.09
C THR A 249 -55.20 -22.68 -5.72
N VAL A 250 -55.64 -21.59 -5.11
CA VAL A 250 -56.19 -21.65 -3.77
C VAL A 250 -57.63 -21.14 -3.67
N SER A 251 -58.56 -22.00 -3.24
CA SER A 251 -59.99 -21.69 -3.11
C SER A 251 -60.38 -20.68 -2.05
N SER A 252 -61.69 -20.57 -1.80
CA SER A 252 -62.23 -19.65 -0.80
C SER A 252 -62.43 -20.36 0.55
N LYS B 5 -41.92 21.94 -27.63
CA LYS B 5 -40.53 21.68 -27.12
C LYS B 5 -39.72 20.73 -28.01
N ASP B 6 -38.47 20.48 -27.61
CA ASP B 6 -37.56 19.59 -28.32
C ASP B 6 -37.74 18.18 -27.73
N ILE B 7 -36.84 17.27 -28.08
CA ILE B 7 -36.86 15.92 -27.52
C ILE B 7 -35.47 15.79 -26.92
N GLN B 8 -35.39 15.62 -25.61
CA GLN B 8 -34.09 15.53 -24.98
C GLN B 8 -33.45 14.15 -24.96
N MET B 9 -32.28 14.07 -25.58
CA MET B 9 -31.48 12.86 -25.62
C MET B 9 -30.54 12.85 -24.41
N THR B 10 -30.51 11.74 -23.69
CA THR B 10 -29.68 11.62 -22.50
C THR B 10 -28.63 10.53 -22.57
N GLN B 11 -27.38 10.91 -22.32
CA GLN B 11 -26.29 9.95 -22.33
C GLN B 11 -25.69 9.88 -20.93
N THR B 12 -26.40 9.19 -20.04
CA THR B 12 -26.00 9.05 -18.64
C THR B 12 -24.51 8.87 -18.37
N THR B 13 -23.88 7.90 -19.04
CA THR B 13 -22.45 7.67 -18.85
C THR B 13 -21.72 8.73 -19.67
N SER B 14 -21.21 9.75 -19.00
CA SER B 14 -20.52 10.83 -19.70
C SER B 14 -19.11 10.49 -20.15
N SER B 15 -18.53 9.43 -19.59
CA SER B 15 -17.17 9.04 -19.98
C SER B 15 -16.73 7.67 -19.51
N LEU B 16 -15.70 7.15 -20.19
CA LEU B 16 -15.15 5.85 -19.86
C LEU B 16 -13.85 5.52 -20.58
N SER B 17 -13.08 4.64 -19.95
CA SER B 17 -11.80 4.19 -20.44
C SER B 17 -11.85 2.67 -20.46
N ALA B 18 -11.08 2.04 -21.34
CA ALA B 18 -11.07 0.59 -21.44
C ALA B 18 -9.94 0.07 -22.32
N SER B 19 -9.19 -0.91 -21.83
CA SER B 19 -8.08 -1.48 -22.58
C SER B 19 -8.53 -1.93 -23.97
N LEU B 20 -7.57 -2.29 -24.82
CA LEU B 20 -7.89 -2.75 -26.15
C LEU B 20 -8.39 -4.18 -26.05
N GLY B 21 -9.22 -4.57 -27.00
CA GLY B 21 -9.77 -5.92 -26.98
C GLY B 21 -10.98 -6.01 -26.08
N ASP B 22 -11.45 -4.87 -25.59
CA ASP B 22 -12.63 -4.83 -24.74
C ASP B 22 -13.87 -4.61 -25.60
N ARG B 23 -15.03 -4.99 -25.09
CA ARG B 23 -16.29 -4.80 -25.80
C ARG B 23 -16.94 -3.60 -25.12
N VAL B 24 -16.68 -2.42 -25.66
CA VAL B 24 -17.23 -1.19 -25.12
C VAL B 24 -18.69 -1.04 -25.53
N THR B 25 -19.50 -0.46 -24.65
CA THR B 25 -20.92 -0.21 -24.93
C THR B 25 -21.29 1.22 -24.55
N VAL B 26 -21.76 1.99 -25.52
CA VAL B 26 -22.18 3.36 -25.26
C VAL B 26 -23.69 3.40 -25.33
N SER B 27 -24.35 3.92 -24.29
CA SER B 27 -25.80 3.95 -24.28
C SER B 27 -26.46 5.32 -24.31
N CYS B 28 -27.45 5.44 -25.20
CA CYS B 28 -28.24 6.65 -25.43
C CYS B 28 -29.57 6.35 -24.77
N ARG B 29 -30.47 7.33 -24.70
CA ARG B 29 -31.75 7.08 -24.07
C ARG B 29 -32.67 8.28 -24.30
N ALA B 30 -33.56 8.15 -25.27
CA ALA B 30 -34.50 9.20 -25.62
C ALA B 30 -35.52 9.51 -24.52
N SER B 31 -36.37 10.50 -24.76
CA SER B 31 -37.38 10.89 -23.78
C SER B 31 -38.79 10.62 -24.29
N GLN B 32 -38.89 9.79 -25.33
CA GLN B 32 -40.17 9.42 -25.92
C GLN B 32 -39.93 8.65 -27.20
N ASP B 33 -40.49 7.45 -27.28
CA ASP B 33 -40.33 6.61 -28.46
C ASP B 33 -39.97 7.45 -29.68
N ILE B 34 -38.75 7.28 -30.18
CA ILE B 34 -38.30 8.00 -31.35
C ILE B 34 -38.44 7.05 -32.53
N ARG B 35 -39.01 5.88 -32.25
CA ARG B 35 -39.23 4.86 -33.26
C ARG B 35 -38.07 4.57 -34.20
N ASN B 36 -36.92 4.23 -33.62
CA ASN B 36 -35.73 3.88 -34.40
C ASN B 36 -34.97 5.00 -35.07
N TYR B 37 -35.62 6.13 -35.30
CA TYR B 37 -34.93 7.23 -35.95
C TYR B 37 -33.83 7.77 -35.07
N LEU B 38 -32.74 7.02 -34.98
CA LEU B 38 -31.61 7.43 -34.14
C LEU B 38 -30.33 7.08 -34.89
N ASN B 39 -29.30 7.92 -34.77
CA ASN B 39 -28.03 7.67 -35.44
C ASN B 39 -26.91 7.92 -34.47
N TRP B 40 -25.73 7.37 -34.75
CA TRP B 40 -24.60 7.56 -33.87
C TRP B 40 -23.44 8.17 -34.63
N TYR B 41 -22.69 9.07 -33.98
CA TYR B 41 -21.54 9.69 -34.61
C TYR B 41 -20.35 9.55 -33.68
N GLN B 42 -19.16 9.44 -34.24
CA GLN B 42 -17.95 9.30 -33.45
C GLN B 42 -17.11 10.54 -33.65
N GLN B 43 -16.78 11.24 -32.57
CA GLN B 43 -15.93 12.41 -32.74
C GLN B 43 -14.51 12.03 -32.46
N LYS B 44 -13.75 11.85 -33.53
CA LYS B 44 -12.35 11.47 -33.42
C LYS B 44 -11.59 12.38 -32.47
N PRO B 45 -10.31 12.07 -32.19
CA PRO B 45 -9.54 12.91 -31.28
C PRO B 45 -9.23 14.23 -31.99
N ASP B 46 -8.93 14.14 -33.28
CA ASP B 46 -8.62 15.31 -34.07
C ASP B 46 -9.86 16.18 -34.34
N GLY B 47 -10.59 16.49 -33.28
CA GLY B 47 -11.78 17.32 -33.35
C GLY B 47 -12.74 17.17 -34.53
N THR B 48 -12.59 16.09 -35.30
CA THR B 48 -13.44 15.87 -36.46
C THR B 48 -14.71 15.11 -36.06
N VAL B 49 -15.57 14.83 -37.03
CA VAL B 49 -16.81 14.09 -36.76
C VAL B 49 -17.21 13.14 -37.88
N LYS B 50 -17.34 11.87 -37.53
CA LYS B 50 -17.72 10.81 -38.48
C LYS B 50 -19.13 10.30 -38.28
N PHE B 51 -19.83 10.07 -39.39
CA PHE B 51 -21.20 9.54 -39.38
C PHE B 51 -21.04 8.02 -39.39
N LEU B 52 -21.55 7.35 -38.36
CA LEU B 52 -21.39 5.90 -38.25
C LEU B 52 -22.56 5.01 -38.56
N ILE B 53 -23.62 5.15 -37.77
CA ILE B 53 -24.83 4.36 -37.94
C ILE B 53 -26.06 5.23 -38.00
N TYR B 54 -26.98 4.88 -38.87
CA TYR B 54 -28.21 5.63 -39.02
C TYR B 54 -29.40 4.71 -38.83
N TYR B 55 -30.50 5.28 -38.34
CA TYR B 55 -31.71 4.51 -38.11
C TYR B 55 -31.51 3.31 -37.19
N THR B 56 -30.89 3.57 -36.04
CA THR B 56 -30.66 2.55 -35.03
C THR B 56 -29.55 1.53 -35.27
N SER B 57 -29.65 0.77 -36.36
CA SER B 57 -28.65 -0.27 -36.63
C SER B 57 -28.02 -0.39 -38.01
N ARG B 58 -28.44 0.41 -38.97
CA ARG B 58 -27.86 0.33 -40.31
C ARG B 58 -26.47 0.94 -40.27
N LEU B 59 -25.44 0.17 -40.62
CA LEU B 59 -24.08 0.69 -40.59
C LEU B 59 -23.74 1.48 -41.84
N GLN B 60 -23.12 2.63 -41.64
CA GLN B 60 -22.69 3.45 -42.76
C GLN B 60 -21.65 2.60 -43.49
N PRO B 61 -21.58 2.67 -44.83
CA PRO B 61 -20.58 1.84 -45.50
C PRO B 61 -19.18 2.27 -45.09
N GLY B 62 -18.31 1.30 -44.88
CA GLY B 62 -16.95 1.62 -44.46
C GLY B 62 -16.72 1.29 -42.99
N VAL B 63 -17.73 1.53 -42.15
CA VAL B 63 -17.62 1.24 -40.73
C VAL B 63 -17.27 -0.23 -40.54
N PRO B 64 -16.30 -0.52 -39.67
CA PRO B 64 -15.86 -1.90 -39.39
C PRO B 64 -16.90 -2.79 -38.75
N SER B 65 -17.14 -3.92 -39.40
CA SER B 65 -18.11 -4.92 -38.95
C SER B 65 -18.26 -5.15 -37.46
N ARG B 66 -17.26 -4.75 -36.67
CA ARG B 66 -17.33 -4.97 -35.23
C ARG B 66 -18.16 -3.93 -34.49
N PHE B 67 -18.78 -3.01 -35.23
CA PHE B 67 -19.64 -2.01 -34.63
C PHE B 67 -21.04 -2.58 -34.71
N SER B 68 -22.03 -1.85 -34.19
CA SER B 68 -23.42 -2.32 -34.24
C SER B 68 -24.27 -1.49 -33.31
N GLY B 69 -25.42 -1.07 -33.81
CA GLY B 69 -26.33 -0.28 -33.00
C GLY B 69 -27.46 -1.19 -32.57
N SER B 70 -28.22 -0.79 -31.55
CA SER B 70 -29.30 -1.64 -31.10
C SER B 70 -30.41 -0.86 -30.44
N GLY B 71 -31.52 -1.54 -30.20
CA GLY B 71 -32.63 -0.90 -29.56
C GLY B 71 -33.85 -0.66 -30.41
N SER B 72 -34.80 0.02 -29.77
CA SER B 72 -36.10 0.43 -30.33
C SER B 72 -36.81 1.02 -29.13
N GLY B 73 -37.62 2.04 -29.36
CA GLY B 73 -38.30 2.65 -28.23
C GLY B 73 -37.45 3.81 -27.76
N THR B 74 -36.96 3.79 -26.52
CA THR B 74 -36.15 4.88 -26.02
C THR B 74 -34.85 4.41 -25.40
N ASP B 75 -34.33 3.28 -25.85
CA ASP B 75 -33.08 2.75 -25.31
C ASP B 75 -32.23 2.18 -26.42
N TYR B 76 -31.41 3.01 -27.03
CA TYR B 76 -30.57 2.52 -28.11
C TYR B 76 -29.16 2.48 -27.58
N SER B 77 -28.29 1.70 -28.20
CA SER B 77 -26.92 1.61 -27.73
C SER B 77 -25.92 1.02 -28.72
N LEU B 78 -24.76 1.68 -28.80
CA LEU B 78 -23.67 1.28 -29.68
C LEU B 78 -22.81 0.32 -28.92
N THR B 79 -22.33 -0.71 -29.61
CA THR B 79 -21.50 -1.71 -28.97
C THR B 79 -20.29 -1.96 -29.83
N ILE B 80 -19.11 -1.68 -29.30
CA ILE B 80 -17.89 -1.86 -30.05
C ILE B 80 -17.13 -3.13 -29.64
N ASN B 81 -17.45 -4.25 -30.28
CA ASN B 81 -16.80 -5.51 -29.96
C ASN B 81 -15.28 -5.37 -30.08
N ASN B 82 -14.56 -6.07 -29.20
CA ASN B 82 -13.09 -6.02 -29.17
C ASN B 82 -12.50 -4.74 -29.72
N LEU B 83 -12.52 -3.72 -28.86
CA LEU B 83 -12.02 -2.39 -29.17
C LEU B 83 -10.68 -2.35 -29.89
N GLU B 84 -10.41 -1.23 -30.54
CA GLU B 84 -9.15 -1.03 -31.27
C GLU B 84 -8.74 0.44 -31.23
N GLN B 85 -7.46 0.69 -31.02
CA GLN B 85 -6.95 2.05 -30.93
C GLN B 85 -7.66 3.08 -31.80
N GLU B 86 -8.03 2.71 -33.02
CA GLU B 86 -8.70 3.63 -33.92
C GLU B 86 -10.22 3.74 -33.76
N ASP B 87 -10.70 3.52 -32.55
CA ASP B 87 -12.13 3.63 -32.27
C ASP B 87 -12.27 4.66 -31.18
N ILE B 88 -11.15 5.02 -30.56
CA ILE B 88 -11.16 5.99 -29.51
C ILE B 88 -11.88 7.20 -30.02
N GLY B 89 -12.45 7.98 -29.11
CA GLY B 89 -13.17 9.19 -29.47
C GLY B 89 -14.35 9.41 -28.57
N THR B 90 -15.17 10.40 -28.89
CA THR B 90 -16.35 10.70 -28.11
C THR B 90 -17.56 10.46 -28.98
N TYR B 91 -18.41 9.51 -28.58
CA TYR B 91 -19.63 9.16 -29.33
C TYR B 91 -20.88 9.90 -28.93
N PHE B 92 -21.55 10.45 -29.92
CA PHE B 92 -22.78 11.17 -29.69
C PHE B 92 -23.85 10.33 -30.32
N CYS B 93 -25.10 10.65 -30.02
CA CYS B 93 -26.21 9.90 -30.58
C CYS B 93 -27.33 10.86 -30.81
N GLN B 94 -27.45 11.34 -32.04
CA GLN B 94 -28.48 12.28 -32.39
C GLN B 94 -29.70 11.54 -32.83
N GLN B 95 -30.85 11.95 -32.30
CA GLN B 95 -32.11 11.34 -32.67
C GLN B 95 -32.51 12.03 -33.97
N GLY B 96 -33.60 11.60 -34.60
CA GLY B 96 -33.99 12.22 -35.85
C GLY B 96 -35.42 11.91 -36.22
N ASN B 97 -36.26 11.79 -35.21
CA ASN B 97 -37.66 11.49 -35.41
C ASN B 97 -38.47 12.77 -35.55
N THR B 98 -38.43 13.60 -34.51
CA THR B 98 -39.17 14.84 -34.51
C THR B 98 -38.24 16.02 -34.35
N PRO B 99 -38.01 16.78 -35.44
CA PRO B 99 -37.12 17.94 -35.33
C PRO B 99 -37.66 18.89 -34.27
N PRO B 100 -36.78 19.72 -33.70
CA PRO B 100 -35.36 19.77 -34.03
C PRO B 100 -34.55 18.56 -33.56
N TRP B 101 -33.65 18.11 -34.42
CA TRP B 101 -32.81 16.97 -34.09
C TRP B 101 -32.07 17.40 -32.83
N THR B 102 -31.72 16.46 -31.98
CA THR B 102 -30.99 16.79 -30.78
C THR B 102 -30.05 15.64 -30.45
N PHE B 103 -28.78 15.95 -30.18
CA PHE B 103 -27.81 14.92 -29.88
C PHE B 103 -27.70 14.64 -28.41
N GLY B 104 -26.98 13.58 -28.07
CA GLY B 104 -26.79 13.24 -26.68
C GLY B 104 -25.73 14.17 -26.11
N GLY B 105 -24.94 13.68 -25.17
CA GLY B 105 -23.92 14.53 -24.58
C GLY B 105 -22.54 13.95 -24.81
N GLY B 106 -22.50 12.79 -25.45
CA GLY B 106 -21.23 12.15 -25.73
C GLY B 106 -20.70 11.32 -24.59
N THR B 107 -20.05 10.22 -24.93
CA THR B 107 -19.49 9.32 -23.95
C THR B 107 -18.04 9.16 -24.34
N LYS B 108 -17.22 10.12 -23.94
CA LYS B 108 -15.82 10.08 -24.27
C LYS B 108 -15.13 8.76 -23.91
N LEU B 109 -14.68 8.06 -24.95
CA LEU B 109 -13.99 6.78 -24.80
C LEU B 109 -12.49 6.99 -24.84
N GLU B 110 -11.77 6.52 -23.82
CA GLU B 110 -10.33 6.69 -23.76
C GLU B 110 -9.58 5.37 -23.88
N ILE B 111 -8.52 5.23 -23.09
CA ILE B 111 -7.73 4.00 -23.08
C ILE B 111 -6.99 3.97 -21.75
N LYS B 112 -7.57 3.40 -20.69
CA LYS B 112 -6.86 3.40 -19.41
C LYS B 112 -5.38 3.14 -19.69
N ARG B 113 -4.50 3.97 -19.12
CA ARG B 113 -3.05 3.90 -19.33
C ARG B 113 -2.28 2.59 -18.91
N GLY B 114 -1.03 2.55 -19.06
N GLU B 134 -7.62 14.27 -48.99
CA GLU B 134 -9.07 14.60 -49.15
C GLU B 134 -9.52 15.56 -48.03
N VAL B 135 -10.79 15.98 -48.06
CA VAL B 135 -11.34 16.89 -47.03
C VAL B 135 -12.79 17.34 -47.27
N GLN B 136 -13.19 17.42 -48.54
CA GLN B 136 -14.53 17.87 -48.97
C GLN B 136 -15.06 19.12 -48.27
N LEU B 137 -15.85 18.95 -47.22
CA LEU B 137 -16.39 20.11 -46.51
C LEU B 137 -15.30 20.88 -45.78
N GLN B 138 -14.92 22.02 -46.34
CA GLN B 138 -13.88 22.86 -45.76
C GLN B 138 -14.51 24.07 -45.08
N GLN B 139 -14.38 24.17 -43.76
CA GLN B 139 -14.97 25.32 -43.05
C GLN B 139 -14.04 26.50 -43.02
N SER B 140 -14.50 27.61 -42.45
CA SER B 140 -13.70 28.84 -42.38
C SER B 140 -12.61 28.84 -41.32
N GLY B 141 -12.16 30.04 -40.97
CA GLY B 141 -11.11 30.19 -39.96
C GLY B 141 -11.63 30.64 -38.60
N PRO B 142 -10.87 30.39 -37.53
CA PRO B 142 -11.30 30.79 -36.20
C PRO B 142 -11.52 32.27 -36.13
N GLU B 143 -12.65 32.67 -35.55
CA GLU B 143 -13.02 34.07 -35.40
C GLU B 143 -12.82 34.45 -33.95
N LEU B 144 -12.71 35.75 -33.69
CA LEU B 144 -12.58 36.28 -32.34
C LEU B 144 -13.30 37.61 -32.42
N VAL B 145 -14.39 37.75 -31.67
CA VAL B 145 -15.15 38.97 -31.76
C VAL B 145 -15.41 39.69 -30.46
N LYS B 146 -15.68 40.98 -30.58
CA LYS B 146 -15.97 41.79 -29.42
C LYS B 146 -17.46 41.59 -29.12
N PRO B 147 -17.79 41.31 -27.85
CA PRO B 147 -19.15 41.08 -27.36
C PRO B 147 -20.19 42.02 -27.94
N GLY B 148 -20.85 41.57 -29.01
CA GLY B 148 -21.88 42.40 -29.61
C GLY B 148 -21.77 42.55 -31.11
N ALA B 149 -20.81 41.86 -31.71
CA ALA B 149 -20.65 41.96 -33.15
C ALA B 149 -21.00 40.66 -33.87
N SER B 150 -21.30 40.79 -35.15
CA SER B 150 -21.67 39.65 -35.97
C SER B 150 -20.44 39.02 -36.63
N VAL B 151 -20.64 37.81 -37.13
CA VAL B 151 -19.61 37.04 -37.81
C VAL B 151 -20.26 36.20 -38.90
N LYS B 152 -19.47 35.77 -39.87
CA LYS B 152 -19.99 34.98 -40.98
C LYS B 152 -19.08 33.81 -41.24
N ILE B 153 -19.41 32.66 -40.66
CA ILE B 153 -18.61 31.47 -40.83
C ILE B 153 -18.99 30.85 -42.18
N SER B 154 -18.03 30.21 -42.84
CA SER B 154 -18.29 29.65 -44.14
C SER B 154 -17.95 28.18 -44.34
N CYS B 155 -18.94 27.43 -44.83
CA CYS B 155 -18.82 26.00 -45.12
C CYS B 155 -18.52 25.99 -46.61
N LYS B 156 -17.39 25.44 -46.99
CA LYS B 156 -17.08 25.42 -48.41
C LYS B 156 -17.01 24.02 -48.98
N ASP B 157 -18.15 23.51 -49.42
CA ASP B 157 -18.22 22.16 -49.98
C ASP B 157 -17.46 22.14 -51.29
N SER B 158 -16.67 21.09 -51.49
CA SER B 158 -15.86 20.92 -52.70
C SER B 158 -16.37 19.79 -53.56
N GLY B 159 -17.17 18.91 -52.97
CA GLY B 159 -17.73 17.79 -53.69
C GLY B 159 -18.61 18.23 -54.84
N TYR B 160 -19.52 17.37 -55.28
CA TYR B 160 -20.40 17.70 -56.41
C TYR B 160 -21.86 17.90 -56.02
N ALA B 161 -22.27 17.27 -54.93
CA ALA B 161 -23.64 17.36 -54.46
C ALA B 161 -23.84 18.45 -53.45
N PHE B 162 -23.86 19.69 -53.92
CA PHE B 162 -24.08 20.80 -53.02
C PHE B 162 -25.55 21.23 -53.16
N ASN B 163 -25.91 21.69 -54.35
CA ASN B 163 -27.24 22.15 -54.63
C ASN B 163 -28.21 21.00 -54.74
N SER B 164 -27.80 19.84 -54.29
CA SER B 164 -28.66 18.66 -54.34
C SER B 164 -28.67 17.90 -53.02
N SER B 165 -28.09 18.53 -52.01
CA SER B 165 -28.00 17.97 -50.68
C SER B 165 -28.05 19.13 -49.69
N TRP B 166 -28.79 18.93 -48.59
CA TRP B 166 -28.94 19.95 -47.57
C TRP B 166 -27.66 20.46 -46.98
N MET B 167 -27.80 21.12 -45.84
CA MET B 167 -26.66 21.70 -45.11
C MET B 167 -27.06 22.08 -43.68
N ASN B 168 -26.76 21.22 -42.71
CA ASN B 168 -27.08 21.48 -41.31
C ASN B 168 -25.88 22.12 -40.64
N TRP B 169 -26.09 22.99 -39.66
CA TRP B 169 -24.97 23.61 -38.94
C TRP B 169 -25.10 23.25 -37.47
N VAL B 170 -24.19 22.41 -36.98
CA VAL B 170 -24.23 21.99 -35.57
C VAL B 170 -23.33 22.83 -34.70
N LYS B 171 -23.75 23.07 -33.45
CA LYS B 171 -23.01 23.90 -32.50
C LYS B 171 -22.47 23.21 -31.25
N GLN B 172 -21.19 22.88 -31.22
CA GLN B 172 -20.61 22.21 -30.07
C GLN B 172 -19.91 23.11 -29.11
N ARG B 173 -20.18 22.92 -27.82
CA ARG B 173 -19.55 23.72 -26.74
C ARG B 173 -19.48 22.77 -25.56
N PRO B 174 -18.32 22.69 -24.89
CA PRO B 174 -18.17 21.78 -23.74
C PRO B 174 -19.37 21.71 -22.82
N GLY B 175 -19.80 20.49 -22.51
CA GLY B 175 -20.94 20.28 -21.63
C GLY B 175 -22.28 20.25 -22.33
N GLN B 176 -22.35 20.86 -23.51
CA GLN B 176 -23.59 20.93 -24.30
C GLN B 176 -23.55 20.08 -25.57
N GLY B 177 -23.35 18.78 -25.38
CA GLY B 177 -23.27 17.86 -26.48
C GLY B 177 -23.19 18.53 -27.83
N LEU B 178 -24.36 18.73 -28.43
CA LEU B 178 -24.46 19.35 -29.73
C LEU B 178 -25.88 19.87 -29.95
N GLU B 179 -26.00 21.05 -30.51
CA GLU B 179 -27.32 21.60 -30.75
C GLU B 179 -27.45 21.83 -32.25
N TRP B 180 -28.54 21.36 -32.85
CA TRP B 180 -28.75 21.56 -34.28
C TRP B 180 -29.27 22.97 -34.42
N ILE B 181 -28.64 23.74 -35.29
CA ILE B 181 -29.04 25.13 -35.48
C ILE B 181 -30.09 25.28 -36.54
N GLY B 182 -29.79 24.76 -37.72
CA GLY B 182 -30.74 24.87 -38.82
C GLY B 182 -30.11 24.33 -40.07
N ARG B 183 -30.73 24.60 -41.19
CA ARG B 183 -30.19 24.12 -42.44
C ARG B 183 -30.88 24.81 -43.58
N ILE B 184 -30.20 24.87 -44.71
CA ILE B 184 -30.73 25.48 -45.91
C ILE B 184 -30.42 24.49 -47.02
N TYR B 185 -31.19 24.52 -48.09
CA TYR B 185 -30.96 23.61 -49.21
C TYR B 185 -30.52 24.45 -50.41
N PRO B 186 -29.20 24.68 -50.55
CA PRO B 186 -28.65 25.47 -51.65
C PRO B 186 -29.43 25.36 -52.95
N GLY B 187 -29.72 24.14 -53.35
CA GLY B 187 -30.45 23.92 -54.59
C GLY B 187 -31.67 24.77 -54.90
N ASP B 188 -32.34 25.32 -53.89
CA ASP B 188 -33.52 26.13 -54.15
C ASP B 188 -33.71 27.28 -53.18
N GLY B 189 -33.28 27.12 -51.94
CA GLY B 189 -33.40 28.18 -50.97
C GLY B 189 -34.22 27.95 -49.71
N ASP B 190 -34.84 26.77 -49.61
CA ASP B 190 -35.65 26.45 -48.42
C ASP B 190 -34.75 26.17 -47.22
N SER B 191 -35.21 26.60 -46.05
CA SER B 191 -34.43 26.45 -44.83
C SER B 191 -35.27 26.21 -43.57
N ASN B 192 -34.68 25.54 -42.59
CA ASN B 192 -35.35 25.25 -41.32
C ASN B 192 -34.47 25.70 -40.18
N TYR B 193 -35.08 26.25 -39.13
CA TYR B 193 -34.32 26.70 -37.98
C TYR B 193 -34.75 26.07 -36.67
N ASN B 194 -33.91 26.27 -35.65
CA ASN B 194 -34.16 25.76 -34.31
C ASN B 194 -34.80 26.91 -33.54
N GLY B 195 -35.64 26.59 -32.56
CA GLY B 195 -36.29 27.61 -31.78
C GLY B 195 -35.35 28.54 -31.03
N LYS B 196 -34.34 27.97 -30.37
CA LYS B 196 -33.38 28.77 -29.61
C LYS B 196 -32.54 29.67 -30.53
N PHE B 197 -32.34 29.23 -31.77
CA PHE B 197 -31.53 29.99 -32.72
C PHE B 197 -32.36 30.73 -33.73
N GLU B 198 -33.65 30.88 -33.44
CA GLU B 198 -34.55 31.58 -34.36
C GLU B 198 -33.98 32.96 -34.60
N GLY B 199 -33.56 33.60 -33.52
CA GLY B 199 -33.01 34.94 -33.63
C GLY B 199 -31.54 35.00 -33.27
N LYS B 200 -30.70 34.44 -34.14
CA LYS B 200 -29.27 34.46 -33.93
C LYS B 200 -28.54 34.11 -35.22
N ALA B 201 -28.74 32.89 -35.72
CA ALA B 201 -28.10 32.48 -36.96
C ALA B 201 -28.98 32.89 -38.14
N ILE B 202 -28.36 33.10 -39.29
CA ILE B 202 -29.09 33.46 -40.49
C ILE B 202 -28.38 32.74 -41.62
N LEU B 203 -28.90 31.57 -41.97
CA LEU B 203 -28.30 30.76 -43.00
C LEU B 203 -28.51 31.31 -44.39
N THR B 204 -27.39 31.47 -45.09
CA THR B 204 -27.31 31.97 -46.44
C THR B 204 -26.29 31.08 -47.17
N ALA B 205 -26.55 30.81 -48.45
CA ALA B 205 -25.67 29.96 -49.25
C ALA B 205 -25.49 30.46 -50.68
N ASP B 206 -24.39 30.06 -51.31
CA ASP B 206 -24.14 30.48 -52.68
C ASP B 206 -23.92 29.31 -53.63
N LYS B 207 -24.93 28.98 -54.42
CA LYS B 207 -24.86 27.85 -55.36
C LYS B 207 -23.71 27.84 -56.37
N SER B 208 -23.19 29.02 -56.72
CA SER B 208 -22.12 29.10 -57.70
C SER B 208 -20.78 28.65 -57.19
N SER B 209 -20.54 28.83 -55.90
CA SER B 209 -19.26 28.45 -55.32
C SER B 209 -19.40 27.45 -54.18
N SER B 210 -20.43 26.62 -54.26
CA SER B 210 -20.68 25.59 -53.25
C SER B 210 -20.27 26.05 -51.87
N THR B 211 -21.07 26.91 -51.25
CA THR B 211 -20.72 27.42 -49.95
C THR B 211 -21.90 27.84 -49.14
N ALA B 212 -21.84 27.58 -47.84
CA ALA B 212 -22.91 27.99 -46.96
C ALA B 212 -22.31 28.97 -45.98
N TYR B 213 -23.15 29.78 -45.35
CA TYR B 213 -22.66 30.74 -44.38
C TYR B 213 -23.64 30.89 -43.26
N MET B 214 -23.13 31.00 -42.05
CA MET B 214 -23.99 31.18 -40.91
C MET B 214 -23.66 32.59 -40.50
N GLN B 215 -24.54 33.24 -39.77
CA GLN B 215 -24.22 34.60 -39.36
C GLN B 215 -24.66 34.93 -37.95
N LEU B 216 -24.03 34.30 -36.97
CA LEU B 216 -24.36 34.54 -35.59
C LEU B 216 -24.32 36.03 -35.32
N SER B 217 -25.47 36.68 -35.46
CA SER B 217 -25.55 38.12 -35.24
C SER B 217 -25.73 38.45 -33.76
N SER B 218 -25.11 39.53 -33.32
CA SER B 218 -25.19 39.93 -31.92
C SER B 218 -24.74 38.82 -31.01
N LEU B 219 -23.42 38.66 -30.90
CA LEU B 219 -22.83 37.62 -30.06
C LEU B 219 -22.84 37.94 -28.56
N THR B 220 -22.51 36.92 -27.77
CA THR B 220 -22.43 37.02 -26.31
C THR B 220 -21.42 35.99 -25.82
N SER B 221 -21.06 36.09 -24.55
CA SER B 221 -20.09 35.16 -23.96
C SER B 221 -20.67 33.77 -24.04
N VAL B 222 -21.93 33.69 -24.46
CA VAL B 222 -22.62 32.42 -24.57
C VAL B 222 -22.26 31.69 -25.86
N ASP B 223 -22.22 32.43 -26.96
CA ASP B 223 -21.91 31.87 -28.29
C ASP B 223 -20.51 31.31 -28.41
N SER B 224 -19.62 31.77 -27.54
CA SER B 224 -18.26 31.28 -27.53
C SER B 224 -18.25 29.76 -27.58
N ALA B 225 -18.10 29.20 -28.78
CA ALA B 225 -18.08 27.75 -28.96
C ALA B 225 -17.56 27.43 -30.35
N VAL B 226 -17.57 26.17 -30.74
CA VAL B 226 -17.14 25.76 -32.08
C VAL B 226 -18.42 25.59 -32.90
N TYR B 227 -18.33 25.64 -34.22
CA TYR B 227 -19.51 25.47 -35.03
C TYR B 227 -19.19 24.64 -36.25
N PHE B 228 -19.69 23.40 -36.27
CA PHE B 228 -19.48 22.49 -37.40
C PHE B 228 -20.60 22.69 -38.42
N CYS B 229 -20.33 22.34 -39.67
CA CYS B 229 -21.38 22.48 -40.67
C CYS B 229 -21.56 21.17 -41.38
N ALA B 230 -22.29 20.27 -40.76
CA ALA B 230 -22.50 18.97 -41.33
C ALA B 230 -23.59 19.01 -42.38
N ARG B 231 -23.29 18.44 -43.53
CA ARG B 231 -24.23 18.42 -44.62
C ARG B 231 -25.02 17.14 -44.58
N SER B 232 -26.33 17.22 -44.74
CA SER B 232 -27.12 16.00 -44.74
C SER B 232 -27.58 15.75 -46.16
N GLY B 233 -26.91 14.80 -46.80
CA GLY B 233 -27.21 14.41 -48.17
C GLY B 233 -27.55 12.94 -48.16
N LEU B 234 -28.73 12.62 -48.67
CA LEU B 234 -29.17 11.24 -48.68
C LEU B 234 -29.31 10.84 -47.21
N LEU B 235 -30.50 11.12 -46.67
CA LEU B 235 -30.90 10.88 -45.29
C LEU B 235 -31.30 12.20 -44.68
N ARG B 236 -32.57 12.55 -44.79
CA ARG B 236 -33.05 13.81 -44.23
C ARG B 236 -32.67 14.02 -42.77
N TYR B 237 -32.65 12.95 -41.97
CA TYR B 237 -32.34 13.05 -40.53
C TYR B 237 -30.94 12.64 -40.09
N ALA B 238 -29.96 12.86 -40.97
CA ALA B 238 -28.58 12.49 -40.66
C ALA B 238 -27.54 13.29 -41.43
N MET B 239 -26.59 13.84 -40.70
CA MET B 239 -25.52 14.61 -41.27
C MET B 239 -24.36 13.66 -41.46
N ASP B 240 -23.93 13.47 -42.70
CA ASP B 240 -22.85 12.52 -42.96
C ASP B 240 -21.42 13.06 -43.03
N TYR B 241 -21.26 14.27 -43.56
CA TYR B 241 -19.94 14.89 -43.66
C TYR B 241 -19.93 16.16 -42.83
N TRP B 242 -18.96 16.27 -41.94
CA TRP B 242 -18.86 17.43 -41.06
C TRP B 242 -17.66 18.32 -41.36
N GLY B 243 -17.82 19.61 -41.14
CA GLY B 243 -16.71 20.48 -41.37
C GLY B 243 -15.62 20.12 -40.37
N GLN B 244 -14.73 21.06 -40.13
CA GLN B 244 -13.64 20.85 -39.19
C GLN B 244 -13.95 21.60 -37.90
N GLY B 245 -14.68 22.71 -38.03
CA GLY B 245 -15.05 23.50 -36.87
C GLY B 245 -14.55 24.94 -36.98
N THR B 246 -15.03 25.81 -36.11
CA THR B 246 -14.59 27.19 -36.19
C THR B 246 -14.62 27.95 -34.88
N SER B 247 -13.63 27.71 -34.04
CA SER B 247 -13.55 28.36 -32.73
C SER B 247 -13.96 29.83 -32.76
N VAL B 248 -15.20 30.11 -32.40
CA VAL B 248 -15.70 31.47 -32.35
C VAL B 248 -15.72 31.94 -30.89
N THR B 249 -14.53 32.23 -30.34
CA THR B 249 -14.44 32.68 -28.98
C THR B 249 -14.78 34.16 -28.92
N VAL B 250 -15.42 34.57 -27.83
CA VAL B 250 -15.84 35.97 -27.62
C VAL B 250 -15.29 36.61 -26.35
N SER B 251 -14.52 37.68 -26.54
CA SER B 251 -13.86 38.39 -25.44
C SER B 251 -14.78 39.08 -24.45
N SER B 252 -14.18 39.90 -23.58
CA SER B 252 -14.91 40.67 -22.56
C SER B 252 -15.19 42.10 -23.06
N LYS C 5 20.25 -11.84 5.55
CA LYS C 5 20.86 -12.45 6.77
C LYS C 5 20.53 -11.61 8.00
N ASP C 6 20.17 -12.27 9.08
CA ASP C 6 19.82 -11.55 10.30
C ASP C 6 21.02 -10.86 10.94
N ILE C 7 20.79 -9.67 11.47
CA ILE C 7 21.84 -8.91 12.16
C ILE C 7 22.25 -9.77 13.36
N GLN C 8 23.56 -10.01 13.55
CA GLN C 8 24.04 -10.81 14.68
C GLN C 8 24.47 -10.00 15.88
N MET C 9 24.08 -10.44 17.06
CA MET C 9 24.42 -9.77 18.30
C MET C 9 25.42 -10.61 19.09
N THR C 10 26.49 -9.97 19.55
CA THR C 10 27.54 -10.67 20.28
C THR C 10 27.76 -10.16 21.70
N GLN C 11 27.68 -11.05 22.67
CA GLN C 11 27.91 -10.68 24.06
C GLN C 11 29.13 -11.43 24.57
N THR C 12 30.29 -10.95 24.15
CA THR C 12 31.59 -11.55 24.51
C THR C 12 31.73 -12.10 25.92
N THR C 13 31.40 -11.30 26.93
CA THR C 13 31.48 -11.74 28.32
C THR C 13 30.24 -12.56 28.59
N SER C 14 30.38 -13.87 28.60
CA SER C 14 29.24 -14.76 28.82
C SER C 14 28.78 -14.84 30.27
N SER C 15 29.65 -14.45 31.21
CA SER C 15 29.28 -14.50 32.62
C SER C 15 30.19 -13.73 33.57
N LEU C 16 29.63 -13.42 34.73
CA LEU C 16 30.36 -12.69 35.76
C LEU C 16 29.66 -12.62 37.12
N SER C 17 30.48 -12.48 38.15
CA SER C 17 30.03 -12.40 39.53
C SER C 17 30.60 -11.12 40.10
N ALA C 18 29.95 -10.55 41.11
CA ALA C 18 30.41 -9.31 41.72
C ALA C 18 29.66 -8.97 43.00
N SER C 19 30.40 -8.66 44.06
CA SER C 19 29.78 -8.30 45.34
C SER C 19 28.76 -7.21 45.18
N LEU C 20 28.01 -6.95 46.24
CA LEU C 20 26.99 -5.90 46.19
C LEU C 20 27.69 -4.58 46.32
N GLY C 21 27.07 -3.54 45.75
CA GLY C 21 27.66 -2.22 45.82
C GLY C 21 28.67 -2.02 44.71
N ASP C 22 28.74 -2.98 43.79
CA ASP C 22 29.66 -2.90 42.66
C ASP C 22 28.93 -2.25 41.50
N ARG C 23 29.69 -1.68 40.57
CA ARG C 23 29.14 -1.05 39.38
C ARG C 23 29.39 -2.06 38.26
N VAL C 24 28.42 -2.92 38.03
CA VAL C 24 28.52 -3.95 37.00
C VAL C 24 28.26 -3.34 35.63
N THR C 25 28.93 -3.87 34.62
CA THR C 25 28.75 -3.38 33.25
C THR C 25 28.60 -4.57 32.30
N VAL C 26 27.47 -4.63 31.60
CA VAL C 26 27.23 -5.71 30.65
C VAL C 26 27.34 -5.12 29.25
N SER C 27 28.18 -5.71 28.39
CA SER C 27 28.34 -5.16 27.05
C SER C 27 27.86 -6.02 25.89
N CYS C 28 27.15 -5.37 24.98
CA CYS C 28 26.59 -5.97 23.78
C CYS C 28 27.48 -5.45 22.66
N ARG C 29 27.27 -5.92 21.44
CA ARG C 29 28.11 -5.48 20.33
C ARG C 29 27.56 -6.02 19.02
N ALA C 30 26.82 -5.17 18.31
CA ALA C 30 26.21 -5.53 17.04
C ALA C 30 27.23 -5.83 15.93
N SER C 31 26.72 -6.21 14.76
CA SER C 31 27.59 -6.53 13.65
C SER C 31 27.41 -5.56 12.51
N GLN C 32 26.78 -4.42 12.80
CA GLN C 32 26.56 -3.38 11.80
C GLN C 32 25.65 -2.32 12.39
N ASP C 33 26.10 -1.07 12.35
CA ASP C 33 25.33 0.04 12.91
C ASP C 33 23.85 -0.29 12.96
N ILE C 34 23.31 -0.45 14.16
CA ILE C 34 21.90 -0.75 14.33
C ILE C 34 21.20 0.55 14.65
N ARG C 35 21.98 1.63 14.58
CA ARG C 35 21.48 2.98 14.86
C ARG C 35 20.60 3.14 16.09
N ASN C 36 21.10 2.73 17.25
CA ASN C 36 20.39 2.88 18.52
C ASN C 36 19.24 1.91 18.78
N TYR C 37 18.66 1.33 17.74
CA TYR C 37 17.55 0.40 17.96
C TYR C 37 18.03 -0.84 18.68
N LEU C 38 18.27 -0.70 19.98
CA LEU C 38 18.74 -1.80 20.81
C LEU C 38 18.05 -1.70 22.16
N ASN C 39 17.69 -2.85 22.74
CA ASN C 39 17.01 -2.88 24.02
C ASN C 39 17.65 -3.94 24.88
N TRP C 40 17.49 -3.82 26.20
CA TRP C 40 18.06 -4.77 27.14
C TRP C 40 16.99 -5.44 27.99
N TYR C 41 17.14 -6.73 28.26
CA TYR C 41 16.18 -7.43 29.08
C TYR C 41 16.93 -8.15 30.16
N GLN C 42 16.32 -8.30 31.32
CA GLN C 42 16.93 -8.99 32.44
C GLN C 42 16.18 -10.26 32.71
N GLN C 43 16.86 -11.40 32.68
CA GLN C 43 16.17 -12.64 32.97
C GLN C 43 16.38 -13.00 34.42
N LYS C 44 15.39 -12.71 35.25
CA LYS C 44 15.45 -13.01 36.66
C LYS C 44 15.86 -14.44 36.93
N PRO C 45 16.08 -14.80 38.22
CA PRO C 45 16.48 -16.16 38.52
C PRO C 45 15.30 -17.09 38.30
N ASP C 46 14.12 -16.62 38.67
CA ASP C 46 12.91 -17.39 38.50
C ASP C 46 12.48 -17.51 37.04
N GLY C 47 13.44 -17.89 36.19
CA GLY C 47 13.19 -18.08 34.77
C GLY C 47 12.28 -17.11 34.01
N THR C 48 11.96 -15.98 34.63
CA THR C 48 11.09 -14.99 34.00
C THR C 48 11.90 -14.04 33.15
N VAL C 49 11.25 -13.05 32.53
CA VAL C 49 11.95 -12.09 31.69
C VAL C 49 11.34 -10.70 31.77
N LYS C 50 12.16 -9.73 32.16
CA LYS C 50 11.73 -8.32 32.29
C LYS C 50 12.27 -7.40 31.20
N PHE C 51 11.44 -6.49 30.71
CA PHE C 51 11.83 -5.55 29.68
C PHE C 51 12.38 -4.35 30.44
N LEU C 52 13.64 -4.00 30.21
CA LEU C 52 14.28 -2.91 30.94
C LEU C 52 14.50 -1.59 30.24
N ILE C 53 15.30 -1.61 29.18
CA ILE C 53 15.61 -0.40 28.43
C ILE C 53 15.38 -0.62 26.96
N TYR C 54 14.83 0.39 26.30
CA TYR C 54 14.54 0.32 24.88
C TYR C 54 15.22 1.46 24.15
N TYR C 55 15.58 1.23 22.90
CA TYR C 55 16.24 2.25 22.09
C TYR C 55 17.52 2.78 22.73
N THR C 56 18.40 1.87 23.13
CA THR C 56 19.67 2.21 23.73
C THR C 56 19.71 2.73 25.16
N SER C 57 19.01 3.83 25.44
CA SER C 57 19.05 4.41 26.78
C SER C 57 17.75 4.82 27.46
N ARG C 58 16.61 4.67 26.80
CA ARG C 58 15.34 5.07 27.41
C ARG C 58 14.98 4.00 28.43
N LEU C 59 14.82 4.38 29.70
CA LEU C 59 14.47 3.39 30.72
C LEU C 59 12.99 3.12 30.79
N GLN C 60 12.64 1.84 30.86
CA GLN C 60 11.25 1.43 30.97
C GLN C 60 10.79 2.03 32.30
N PRO C 61 9.53 2.48 32.41
CA PRO C 61 9.10 3.04 33.69
C PRO C 61 9.15 1.96 34.76
N GLY C 62 9.59 2.34 35.95
CA GLY C 62 9.69 1.36 37.01
C GLY C 62 11.12 0.97 37.28
N VAL C 63 11.93 0.84 36.22
CA VAL C 63 13.33 0.48 36.39
C VAL C 63 14.02 1.48 37.32
N PRO C 64 14.81 0.99 38.28
CA PRO C 64 15.53 1.84 39.24
C PRO C 64 16.58 2.73 38.63
N SER C 65 16.46 4.02 38.90
CA SER C 65 17.38 5.04 38.41
C SER C 65 18.86 4.68 38.28
N ARG C 66 19.30 3.65 38.99
CA ARG C 66 20.70 3.27 38.95
C ARG C 66 21.08 2.44 37.72
N PHE C 67 20.14 2.24 36.82
CA PHE C 67 20.43 1.50 35.60
C PHE C 67 20.75 2.55 34.56
N SER C 68 21.05 2.15 33.33
CA SER C 68 21.36 3.10 32.25
C SER C 68 22.01 2.38 31.10
N GLY C 69 21.53 2.66 29.89
CA GLY C 69 22.08 2.02 28.71
C GLY C 69 22.96 3.04 28.05
N SER C 70 23.83 2.62 27.14
CA SER C 70 24.69 3.59 26.49
C SER C 70 25.12 3.12 25.13
N GLY C 71 25.75 4.01 24.38
CA GLY C 71 26.23 3.66 23.06
C GLY C 71 25.52 4.28 21.89
N SER C 72 25.96 3.84 20.71
CA SER C 72 25.46 4.25 19.40
C SER C 72 26.42 3.56 18.45
N GLY C 73 25.94 3.12 17.30
CA GLY C 73 26.83 2.42 16.40
C GLY C 73 26.72 0.94 16.68
N THR C 74 27.80 0.29 17.06
CA THR C 74 27.73 -1.14 17.34
C THR C 74 28.30 -1.51 18.68
N ASP C 75 28.27 -0.59 19.63
CA ASP C 75 28.80 -0.87 20.96
C ASP C 75 27.88 -0.28 22.01
N TYR C 76 26.90 -1.05 22.46
CA TYR C 76 25.99 -0.56 23.48
C TYR C 76 26.32 -1.30 24.75
N SER C 77 25.95 -0.73 25.90
CA SER C 77 26.24 -1.38 27.15
C SER C 77 25.43 -0.90 28.34
N LEU C 78 24.95 -1.87 29.13
CA LEU C 78 24.17 -1.62 30.33
C LEU C 78 25.13 -1.47 31.49
N THR C 79 24.84 -0.53 32.38
CA THR C 79 25.71 -0.29 33.50
C THR C 79 24.86 -0.20 34.75
N ILE C 80 25.10 -1.12 35.68
CA ILE C 80 24.32 -1.15 36.91
C ILE C 80 25.08 -0.56 38.09
N ASN C 81 24.95 0.74 38.31
CA ASN C 81 25.63 1.41 39.40
C ASN C 81 25.29 0.75 40.74
N ASN C 82 26.28 0.68 41.63
CA ASN C 82 26.13 0.05 42.95
C ASN C 82 25.06 -1.01 43.00
N LEU C 83 25.46 -2.20 42.53
CA LEU C 83 24.60 -3.36 42.44
C LEU C 83 23.75 -3.64 43.66
N GLU C 84 22.69 -4.41 43.47
CA GLU C 84 21.79 -4.79 44.55
C GLU C 84 21.21 -6.19 44.34
N GLN C 85 21.16 -6.97 45.39
CA GLN C 85 20.65 -8.33 45.31
C GLN C 85 19.55 -8.56 44.29
N GLU C 86 18.64 -7.60 44.16
CA GLU C 86 17.53 -7.74 43.22
C GLU C 86 17.82 -7.29 41.79
N ASP C 87 19.06 -7.43 41.37
CA ASP C 87 19.47 -7.07 40.02
C ASP C 87 20.09 -8.30 39.40
N ILE C 88 20.38 -9.28 40.24
CA ILE C 88 20.99 -10.51 39.78
C ILE C 88 20.12 -11.00 38.67
N GLY C 89 20.72 -11.80 37.79
CA GLY C 89 20.01 -12.37 36.67
C GLY C 89 20.90 -12.46 35.45
N THR C 90 20.34 -12.84 34.32
CA THR C 90 21.12 -12.94 33.08
C THR C 90 20.56 -11.90 32.13
N TYR C 91 21.41 -10.96 31.70
CA TYR C 91 20.99 -9.89 30.79
C TYR C 91 21.23 -10.17 29.33
N PHE C 92 20.19 -9.96 28.53
CA PHE C 92 20.27 -10.16 27.11
C PHE C 92 20.15 -8.78 26.52
N CYS C 93 20.46 -8.67 25.24
CA CYS C 93 20.38 -7.40 24.54
C CYS C 93 19.93 -7.67 23.13
N GLN C 94 18.64 -7.53 22.89
CA GLN C 94 18.09 -7.76 21.56
C GLN C 94 18.12 -6.49 20.77
N GLN C 95 18.59 -6.60 19.54
CA GLN C 95 18.64 -5.44 18.68
C GLN C 95 17.23 -5.33 18.12
N GLY C 96 16.96 -4.29 17.33
CA GLY C 96 15.62 -4.13 16.76
C GLY C 96 15.57 -3.15 15.60
N ASN C 97 16.65 -3.14 14.84
CA ASN C 97 16.76 -2.25 13.68
C ASN C 97 16.22 -2.94 12.43
N THR C 98 16.85 -4.05 12.06
CA THR C 98 16.47 -4.80 10.88
C THR C 98 16.05 -6.22 11.24
N PRO C 99 14.74 -6.50 11.20
CA PRO C 99 14.27 -7.85 11.54
C PRO C 99 14.95 -8.85 10.61
N PRO C 100 15.06 -10.11 11.04
CA PRO C 100 14.56 -10.60 12.33
C PRO C 100 15.35 -10.11 13.53
N TRP C 101 14.62 -9.74 14.58
CA TRP C 101 15.25 -9.28 15.80
C TRP C 101 16.13 -10.42 16.25
N THR C 102 17.25 -10.12 16.89
CA THR C 102 18.15 -11.15 17.37
C THR C 102 18.78 -10.70 18.68
N PHE C 103 18.73 -11.55 19.70
CA PHE C 103 19.28 -11.20 20.99
C PHE C 103 20.74 -11.61 21.13
N GLY C 104 21.35 -11.15 22.21
CA GLY C 104 22.72 -11.50 22.48
C GLY C 104 22.75 -12.90 23.01
N GLY C 105 23.70 -13.19 23.89
CA GLY C 105 23.81 -14.52 24.47
C GLY C 105 23.65 -14.50 25.97
N GLY C 106 23.50 -13.30 26.50
CA GLY C 106 23.32 -13.15 27.92
C GLY C 106 24.62 -13.14 28.70
N THR C 107 24.66 -12.30 29.74
CA THR C 107 25.83 -12.20 30.57
C THR C 107 25.36 -12.49 31.98
N LYS C 108 25.25 -13.76 32.32
CA LYS C 108 24.78 -14.16 33.64
C LYS C 108 25.53 -13.49 34.79
N LEU C 109 24.80 -12.68 35.55
CA LEU C 109 25.35 -11.95 36.69
C LEU C 109 25.03 -12.69 37.97
N GLU C 110 26.04 -12.99 38.76
CA GLU C 110 25.83 -13.71 40.01
C GLU C 110 26.14 -12.86 41.22
N ILE C 111 26.79 -13.48 42.20
CA ILE C 111 27.17 -12.78 43.43
C ILE C 111 28.33 -13.52 44.08
N LYS C 112 29.58 -13.09 43.78
CA LYS C 112 30.78 -13.75 44.32
C LYS C 112 30.47 -14.30 45.72
N ARG C 113 31.12 -15.41 46.10
CA ARG C 113 30.86 -16.01 47.42
C ARG C 113 31.58 -15.38 48.62
N GLY C 114 31.25 -15.76 49.76
N GLU C 134 -0.45 -10.13 39.97
CA GLU C 134 -0.46 -9.97 38.48
C GLU C 134 -0.39 -11.33 37.74
N VAL C 135 0.29 -11.33 36.59
CA VAL C 135 0.51 -12.51 35.75
C VAL C 135 0.31 -12.19 34.27
N GLN C 136 -0.72 -11.40 33.96
CA GLN C 136 -1.06 -11.01 32.59
C GLN C 136 -0.84 -12.08 31.51
N LEU C 137 0.41 -12.32 31.10
CA LEU C 137 0.69 -13.35 30.11
C LEU C 137 0.95 -14.68 30.78
N GLN C 138 -0.02 -15.59 30.65
CA GLN C 138 0.06 -16.91 31.23
C GLN C 138 0.27 -17.95 30.15
N GLN C 139 1.43 -18.60 30.13
CA GLN C 139 1.67 -19.60 29.11
C GLN C 139 1.12 -20.96 29.45
N SER C 140 1.32 -21.92 28.55
CA SER C 140 0.80 -23.27 28.75
C SER C 140 1.63 -24.11 29.71
N GLY C 141 1.46 -25.42 29.60
CA GLY C 141 2.19 -26.34 30.44
C GLY C 141 3.28 -27.07 29.68
N PRO C 142 4.25 -27.63 30.40
CA PRO C 142 5.38 -28.35 29.81
C PRO C 142 4.91 -29.53 29.00
N GLU C 143 5.39 -29.60 27.78
CA GLU C 143 5.06 -30.66 26.84
C GLU C 143 6.20 -31.63 26.78
N LEU C 144 5.91 -32.86 26.39
CA LEU C 144 6.92 -33.90 26.23
C LEU C 144 6.43 -34.68 25.03
N VAL C 145 7.16 -34.63 23.93
CA VAL C 145 6.71 -35.32 22.73
C VAL C 145 7.68 -36.34 22.16
N LYS C 146 7.11 -37.27 21.40
CA LYS C 146 7.89 -38.31 20.75
C LYS C 146 8.43 -37.72 19.44
N PRO C 147 9.76 -37.79 19.24
CA PRO C 147 10.45 -37.27 18.06
C PRO C 147 9.69 -37.43 16.76
N GLY C 148 9.04 -36.34 16.32
CA GLY C 148 8.29 -36.39 15.07
C GLY C 148 6.84 -35.94 15.16
N ALA C 149 6.40 -35.52 16.35
CA ALA C 149 5.04 -35.08 16.56
C ALA C 149 4.94 -33.58 16.83
N SER C 150 3.76 -33.03 16.54
CA SER C 150 3.48 -31.61 16.73
C SER C 150 2.91 -31.30 18.11
N VAL C 151 3.01 -30.02 18.49
CA VAL C 151 2.51 -29.55 19.78
C VAL C 151 1.93 -28.16 19.58
N LYS C 152 1.09 -27.73 20.51
CA LYS C 152 0.44 -26.43 20.42
C LYS C 152 0.49 -25.70 21.74
N ILE C 153 1.54 -24.90 21.90
CA ILE C 153 1.73 -24.13 23.13
C ILE C 153 0.76 -22.95 23.08
N SER C 154 0.32 -22.51 24.25
CA SER C 154 -0.62 -21.42 24.30
C SER C 154 -0.28 -20.26 25.21
N CYS C 155 -0.33 -19.06 24.65
CA CYS C 155 -0.06 -17.83 25.37
C CYS C 155 -1.46 -17.32 25.69
N LYS C 156 -1.75 -17.12 26.97
CA LYS C 156 -3.08 -16.65 27.33
C LYS C 156 -3.06 -15.30 28.01
N ASP C 157 -3.08 -14.24 27.20
CA ASP C 157 -3.06 -12.87 27.71
C ASP C 157 -4.34 -12.62 28.47
N SER C 158 -4.21 -12.02 29.64
CA SER C 158 -5.37 -11.72 30.47
C SER C 158 -5.62 -10.23 30.54
N GLY C 159 -4.67 -9.47 29.99
CA GLY C 159 -4.79 -8.02 29.99
C GLY C 159 -5.93 -7.56 29.09
N TYR C 160 -5.89 -6.30 28.69
CA TYR C 160 -6.96 -5.78 27.85
C TYR C 160 -6.50 -5.54 26.43
N ALA C 161 -5.21 -5.26 26.29
CA ALA C 161 -4.65 -4.99 24.97
C ALA C 161 -4.12 -6.23 24.28
N PHE C 162 -5.03 -7.03 23.75
CA PHE C 162 -4.60 -8.23 23.05
C PHE C 162 -4.70 -7.97 21.55
N ASN C 163 -5.92 -7.74 21.08
CA ASN C 163 -6.18 -7.50 19.68
C ASN C 163 -5.69 -6.12 19.28
N SER C 164 -4.94 -5.45 20.15
CA SER C 164 -4.41 -4.11 19.86
C SER C 164 -2.90 -4.02 20.09
N SER C 165 -2.30 -5.20 20.29
CA SER C 165 -0.88 -5.32 20.54
C SER C 165 -0.41 -6.66 20.00
N TRP C 166 0.76 -6.65 19.35
CA TRP C 166 1.34 -7.83 18.75
C TRP C 166 1.50 -9.01 19.68
N MET C 167 2.35 -9.94 19.24
CA MET C 167 2.63 -11.13 20.00
C MET C 167 3.81 -11.86 19.41
N ASN C 168 5.00 -11.66 19.96
CA ASN C 168 6.20 -12.31 19.48
C ASN C 168 6.42 -13.61 20.25
N TRP C 169 7.03 -14.63 19.64
CA TRP C 169 7.30 -15.85 20.37
C TRP C 169 8.79 -16.08 20.35
N VAL C 170 9.45 -15.98 21.49
CA VAL C 170 10.90 -16.17 21.57
C VAL C 170 11.30 -17.59 22.05
N LYS C 171 12.37 -18.14 21.48
CA LYS C 171 12.81 -19.49 21.81
C LYS C 171 14.16 -19.62 22.53
N GLN C 172 14.13 -19.86 23.84
CA GLN C 172 15.35 -20.02 24.63
C GLN C 172 15.82 -21.45 24.87
N ARG C 173 17.10 -21.70 24.62
CA ARG C 173 17.70 -23.02 24.81
C ARG C 173 19.14 -22.72 25.20
N PRO C 174 19.68 -23.37 26.23
CA PRO C 174 21.06 -23.13 26.67
C PRO C 174 22.06 -22.99 25.56
N GLY C 175 22.87 -21.92 25.64
CA GLY C 175 23.90 -21.62 24.65
C GLY C 175 23.46 -20.77 23.46
N GLN C 176 22.17 -20.81 23.18
CA GLN C 176 21.58 -20.07 22.08
C GLN C 176 20.76 -18.87 22.56
N GLY C 177 21.43 -17.94 23.23
CA GLY C 177 20.76 -16.78 23.75
C GLY C 177 19.27 -16.85 23.61
N LEU C 178 18.77 -16.28 22.52
CA LEU C 178 17.34 -16.24 22.23
C LEU C 178 17.15 -16.04 20.73
N GLU C 179 16.12 -16.65 20.17
CA GLU C 179 15.84 -16.54 18.76
C GLU C 179 14.41 -16.08 18.59
N TRP C 180 14.20 -15.01 17.84
CA TRP C 180 12.85 -14.55 17.62
C TRP C 180 12.24 -15.45 16.54
N ILE C 181 11.10 -16.03 16.84
CA ILE C 181 10.43 -16.92 15.92
C ILE C 181 9.53 -16.19 14.95
N GLY C 182 8.60 -15.43 15.51
CA GLY C 182 7.67 -14.69 14.69
C GLY C 182 6.66 -13.97 15.54
N ARG C 183 5.58 -13.55 14.91
CA ARG C 183 4.57 -12.85 15.65
C ARG C 183 3.37 -12.69 14.77
N ILE C 184 2.22 -12.54 15.41
CA ILE C 184 0.96 -12.36 14.71
C ILE C 184 0.27 -11.24 15.46
N TYR C 185 -0.62 -10.52 14.78
CA TYR C 185 -1.33 -9.43 15.43
C TYR C 185 -2.79 -9.81 15.58
N PRO C 186 -3.15 -10.48 16.68
CA PRO C 186 -4.52 -10.88 16.88
C PRO C 186 -5.55 -9.94 16.27
N GLY C 187 -5.44 -8.66 16.58
CA GLY C 187 -6.40 -7.68 16.06
C GLY C 187 -6.87 -7.78 14.61
N ASP C 188 -6.09 -8.40 13.74
CA ASP C 188 -6.48 -8.51 12.32
C ASP C 188 -6.03 -9.80 11.64
N GLY C 189 -4.88 -10.33 12.05
CA GLY C 189 -4.38 -11.57 11.45
C GLY C 189 -3.02 -11.53 10.75
N ASP C 190 -2.43 -10.36 10.62
CA ASP C 190 -1.13 -10.25 9.96
C ASP C 190 -0.04 -10.88 10.85
N SER C 191 0.95 -11.50 10.22
CA SER C 191 2.03 -12.17 10.96
C SER C 191 3.36 -12.14 10.24
N ASN C 192 4.44 -12.24 11.00
CA ASN C 192 5.80 -12.23 10.44
C ASN C 192 6.58 -13.41 10.99
N TYR C 193 7.42 -14.02 10.17
CA TYR C 193 8.21 -15.13 10.65
C TYR C 193 9.71 -14.96 10.44
N ASN C 194 10.45 -15.88 11.04
CA ASN C 194 11.89 -15.89 10.96
C ASN C 194 12.25 -16.88 9.89
N GLY C 195 13.41 -16.70 9.27
CA GLY C 195 13.82 -17.61 8.21
C GLY C 195 14.03 -19.06 8.61
N LYS C 196 14.67 -19.27 9.75
CA LYS C 196 14.94 -20.62 10.24
C LYS C 196 13.64 -21.30 10.72
N PHE C 197 12.65 -20.51 11.11
CA PHE C 197 11.38 -21.05 11.59
C PHE C 197 10.25 -20.94 10.56
N GLU C 198 10.62 -20.63 9.32
CA GLU C 198 9.65 -20.51 8.25
C GLU C 198 8.83 -21.78 8.21
N GLY C 199 9.53 -22.91 8.26
CA GLY C 199 8.86 -24.20 8.22
C GLY C 199 8.92 -25.00 9.52
N LYS C 200 8.29 -24.47 10.56
CA LYS C 200 8.27 -25.15 11.84
C LYS C 200 7.15 -24.63 12.69
N ALA C 201 7.20 -23.35 13.04
CA ALA C 201 6.14 -22.77 13.85
C ALA C 201 5.00 -22.33 12.95
N ILE C 202 3.80 -22.27 13.51
CA ILE C 202 2.65 -21.82 12.77
C ILE C 202 1.81 -21.05 13.75
N LEU C 203 1.99 -19.73 13.75
CA LEU C 203 1.27 -18.87 14.66
C LEU C 203 -0.20 -18.66 14.31
N THR C 204 -1.03 -18.97 15.29
CA THR C 204 -2.49 -18.87 15.21
C THR C 204 -2.95 -18.22 16.52
N ALA C 205 -3.97 -17.36 16.47
CA ALA C 205 -4.46 -16.70 17.66
C ALA C 205 -5.98 -16.64 17.70
N ASP C 206 -6.54 -16.45 18.89
CA ASP C 206 -8.00 -16.36 19.03
C ASP C 206 -8.48 -15.13 19.80
N LYS C 207 -8.85 -14.10 19.05
CA LYS C 207 -9.31 -12.83 19.60
C LYS C 207 -10.38 -12.90 20.69
N SER C 208 -11.23 -13.93 20.64
CA SER C 208 -12.30 -14.02 21.62
C SER C 208 -11.81 -14.38 23.01
N SER C 209 -10.73 -15.15 23.07
CA SER C 209 -10.22 -15.55 24.38
C SER C 209 -8.79 -15.08 24.63
N SER C 210 -8.42 -13.99 23.97
CA SER C 210 -7.09 -13.45 24.15
C SER C 210 -6.07 -14.58 24.30
N THR C 211 -5.73 -15.24 23.21
CA THR C 211 -4.77 -16.33 23.27
C THR C 211 -4.03 -16.50 21.99
N ALA C 212 -2.75 -16.84 22.09
CA ALA C 212 -1.94 -17.09 20.92
C ALA C 212 -1.50 -18.54 21.00
N TYR C 213 -1.12 -19.11 19.88
CA TYR C 213 -0.67 -20.48 19.89
C TYR C 213 0.43 -20.67 18.86
N MET C 214 1.43 -21.43 19.24
CA MET C 214 2.52 -21.72 18.35
C MET C 214 2.31 -23.19 18.06
N GLN C 215 2.82 -23.68 16.93
CA GLN C 215 2.63 -25.07 16.66
C GLN C 215 3.85 -25.73 16.04
N LEU C 216 4.88 -25.89 16.86
CA LEU C 216 6.08 -26.53 16.39
C LEU C 216 5.72 -27.88 15.80
N SER C 217 5.54 -27.93 14.48
CA SER C 217 5.19 -29.16 13.80
C SER C 217 6.44 -29.96 13.40
N SER C 218 6.37 -31.27 13.53
CA SER C 218 7.51 -32.12 13.22
C SER C 218 8.70 -31.75 14.08
N LEU C 219 8.69 -32.18 15.34
CA LEU C 219 9.79 -31.89 16.28
C LEU C 219 11.01 -32.78 16.09
N THR C 220 12.11 -32.38 16.72
CA THR C 220 13.39 -33.10 16.66
C THR C 220 14.11 -32.82 17.98
N SER C 221 15.16 -33.59 18.25
CA SER C 221 15.91 -33.38 19.48
C SER C 221 16.47 -31.95 19.51
N VAL C 222 16.29 -31.21 18.42
CA VAL C 222 16.77 -29.84 18.33
C VAL C 222 15.81 -28.87 18.97
N ASP C 223 14.53 -29.08 18.75
CA ASP C 223 13.51 -28.20 19.30
C ASP C 223 13.44 -28.23 20.83
N SER C 224 13.92 -29.31 21.43
CA SER C 224 13.90 -29.44 22.87
C SER C 224 14.45 -28.17 23.50
N ALA C 225 13.56 -27.28 23.91
CA ALA C 225 13.96 -26.01 24.52
C ALA C 225 12.76 -25.40 25.22
N VAL C 226 12.91 -24.18 25.73
CA VAL C 226 11.79 -23.50 26.38
C VAL C 226 11.25 -22.57 25.33
N TYR C 227 10.03 -22.07 25.48
CA TYR C 227 9.47 -21.16 24.48
C TYR C 227 8.66 -20.05 25.13
N PHE C 228 9.22 -18.85 25.20
CA PHE C 228 8.50 -17.74 25.80
C PHE C 228 7.62 -17.07 24.77
N CYS C 229 6.61 -16.36 25.23
CA CYS C 229 5.76 -15.68 24.29
C CYS C 229 5.63 -14.24 24.70
N ALA C 230 6.61 -13.44 24.30
CA ALA C 230 6.64 -12.04 24.62
C ALA C 230 5.80 -11.20 23.67
N ARG C 231 4.88 -10.44 24.23
CA ARG C 231 3.98 -9.59 23.45
C ARG C 231 4.62 -8.23 23.30
N SER C 232 4.67 -7.72 22.09
CA SER C 232 5.25 -6.41 21.89
C SER C 232 4.09 -5.46 21.65
N GLY C 233 3.77 -4.69 22.68
CA GLY C 233 2.70 -3.73 22.62
C GLY C 233 3.29 -2.36 22.91
N LEU C 234 3.10 -1.44 21.97
CA LEU C 234 3.66 -0.10 22.11
C LEU C 234 5.18 -0.28 22.06
N LEU C 235 5.71 -0.24 20.83
CA LEU C 235 7.12 -0.42 20.51
C LEU C 235 7.23 -1.63 19.61
N ARG C 236 7.14 -1.40 18.31
CA ARG C 236 7.24 -2.47 17.34
C ARG C 236 8.46 -3.38 17.56
N TYR C 237 9.61 -2.83 17.95
CA TYR C 237 10.84 -3.63 18.13
C TYR C 237 11.22 -3.97 19.56
N ALA C 238 10.21 -4.18 20.40
CA ALA C 238 10.47 -4.53 21.81
C ALA C 238 9.33 -5.31 22.48
N MET C 239 9.69 -6.42 23.08
CA MET C 239 8.73 -7.26 23.77
C MET C 239 8.75 -6.84 25.22
N ASP C 240 7.65 -6.33 25.73
CA ASP C 240 7.62 -5.90 27.11
C ASP C 240 7.16 -6.91 28.15
N TYR C 241 6.18 -7.74 27.82
CA TYR C 241 5.71 -8.74 28.79
C TYR C 241 6.02 -10.13 28.25
N TRP C 242 6.63 -10.96 29.06
CA TRP C 242 6.98 -12.29 28.63
C TRP C 242 6.24 -13.37 29.37
N GLY C 243 5.94 -14.46 28.70
CA GLY C 243 5.26 -15.55 29.39
C GLY C 243 6.17 -16.09 30.49
N GLN C 244 5.93 -17.34 30.89
CA GLN C 244 6.71 -17.99 31.91
C GLN C 244 7.62 -18.99 31.26
N GLY C 245 7.17 -19.56 30.16
CA GLY C 245 7.97 -20.55 29.46
C GLY C 245 7.25 -21.87 29.33
N THR C 246 7.79 -22.81 28.57
CA THR C 246 7.09 -24.05 28.40
C THR C 246 8.00 -25.17 27.97
N SER C 247 8.80 -25.67 28.89
CA SER C 247 9.74 -26.76 28.63
C SER C 247 9.22 -27.83 27.65
N VAL C 248 9.59 -27.72 26.37
CA VAL C 248 9.17 -28.68 25.36
C VAL C 248 10.35 -29.63 25.13
N THR C 249 10.55 -30.57 26.04
CA THR C 249 11.63 -31.52 25.89
C THR C 249 11.18 -32.63 24.94
N VAL C 250 12.12 -33.14 24.13
CA VAL C 250 11.80 -34.20 23.18
C VAL C 250 12.66 -35.45 23.38
N SER C 251 11.98 -36.57 23.60
CA SER C 251 12.61 -37.87 23.86
C SER C 251 13.36 -38.50 22.69
N SER C 252 13.78 -39.77 22.88
CA SER C 252 14.49 -40.53 21.86
C SER C 252 13.55 -41.44 21.07
N LYS D 5 51.75 -7.01 23.90
CA LYS D 5 52.76 -5.92 23.78
C LYS D 5 52.08 -4.54 23.83
N ASP D 6 52.11 -3.83 22.69
CA ASP D 6 51.52 -2.50 22.58
C ASP D 6 50.01 -2.66 22.44
N ILE D 7 49.27 -2.05 23.37
CA ILE D 7 47.81 -2.12 23.35
C ILE D 7 47.28 -1.09 22.37
N GLN D 8 46.52 -1.59 21.40
CA GLN D 8 45.99 -0.75 20.35
C GLN D 8 44.58 -0.26 20.58
N MET D 9 44.43 1.05 20.62
CA MET D 9 43.13 1.68 20.80
C MET D 9 42.51 2.03 19.45
N THR D 10 41.26 1.65 19.27
CA THR D 10 40.57 1.89 18.01
C THR D 10 39.32 2.73 18.14
N GLN D 11 39.25 3.80 17.38
CA GLN D 11 38.09 4.68 17.39
C GLN D 11 37.45 4.66 16.01
N THR D 12 36.73 3.58 15.74
CA THR D 12 36.06 3.37 14.46
C THR D 12 35.42 4.59 13.80
N THR D 13 34.59 5.31 14.54
CA THR D 13 33.94 6.51 14.00
C THR D 13 34.95 7.63 14.08
N SER D 14 35.57 7.95 12.94
CA SER D 14 36.58 9.00 12.91
C SER D 14 36.03 10.42 12.98
N SER D 15 34.74 10.59 12.71
CA SER D 15 34.14 11.92 12.75
C SER D 15 32.62 11.96 12.73
N LEU D 16 32.08 13.08 13.18
CA LEU D 16 30.64 13.29 13.21
C LEU D 16 30.21 14.73 13.54
N SER D 17 29.02 15.07 13.07
CA SER D 17 28.43 16.38 13.26
C SER D 17 27.07 16.13 13.87
N ALA D 18 26.55 17.11 14.61
CA ALA D 18 25.25 16.99 15.26
C ALA D 18 24.75 18.29 15.86
N SER D 19 23.51 18.65 15.55
CA SER D 19 22.93 19.88 16.08
C SER D 19 23.06 19.94 17.59
N LEU D 20 22.74 21.10 18.15
CA LEU D 20 22.81 21.27 19.59
C LEU D 20 21.61 20.61 20.21
N GLY D 21 21.76 20.19 21.45
CA GLY D 21 20.65 19.52 22.12
C GLY D 21 20.62 18.04 21.78
N ASP D 22 21.64 17.56 21.08
CA ASP D 22 21.73 16.15 20.70
C ASP D 22 22.52 15.40 21.75
N ARG D 23 22.32 14.10 21.82
CA ARG D 23 23.03 13.26 22.78
C ARG D 23 24.09 12.54 21.96
N VAL D 24 25.26 13.15 21.87
CA VAL D 24 26.37 12.60 21.12
C VAL D 24 27.03 11.47 21.88
N THR D 25 27.51 10.47 21.16
CA THR D 25 28.20 9.33 21.77
C THR D 25 29.47 9.02 21.02
N VAL D 26 30.60 9.05 21.72
CA VAL D 26 31.89 8.75 21.12
C VAL D 26 32.33 7.40 21.66
N SER D 27 32.65 6.45 20.78
CA SER D 27 33.06 5.13 21.23
C SER D 27 34.51 4.74 20.95
N CYS D 28 35.15 4.21 22.00
CA CYS D 28 36.54 3.74 21.97
C CYS D 28 36.41 2.23 21.96
N ARG D 29 37.51 1.50 21.80
CA ARG D 29 37.44 0.05 21.76
C ARG D 29 38.84 -0.54 21.82
N ALA D 30 39.25 -0.99 23.00
CA ALA D 30 40.59 -1.55 23.21
C ALA D 30 40.82 -2.86 22.46
N SER D 31 42.02 -3.42 22.59
CA SER D 31 42.33 -4.67 21.91
C SER D 31 42.60 -5.79 22.90
N GLN D 32 42.21 -5.56 24.15
CA GLN D 32 42.38 -6.54 25.22
C GLN D 32 42.01 -5.91 26.55
N ASP D 33 41.09 -6.56 27.26
CA ASP D 33 40.64 -6.05 28.54
C ASP D 33 41.67 -5.13 29.14
N ILE D 34 41.34 -3.86 29.25
CA ILE D 34 42.24 -2.88 29.85
C ILE D 34 41.78 -2.67 31.28
N ARG D 35 40.77 -3.42 31.66
CA ARG D 35 40.19 -3.37 33.00
C ARG D 35 39.91 -1.98 33.54
N ASN D 36 39.11 -1.21 32.80
CA ASN D 36 38.71 0.12 33.22
C ASN D 36 39.76 1.25 33.12
N TYR D 37 41.04 0.90 33.11
CA TYR D 37 42.06 1.94 33.03
C TYR D 37 41.99 2.65 31.70
N LEU D 38 41.00 3.51 31.55
CA LEU D 38 40.83 4.25 30.31
C LEU D 38 40.38 5.65 30.67
N ASN D 39 40.84 6.64 29.91
CA ASN D 39 40.49 8.03 30.17
C ASN D 39 40.13 8.71 28.86
N TRP D 40 39.40 9.81 28.93
CA TRP D 40 39.00 10.52 27.73
C TRP D 40 39.48 11.96 27.78
N TYR D 41 39.93 12.48 26.64
CA TYR D 41 40.39 13.87 26.58
C TYR D 41 39.66 14.56 25.44
N GLN D 42 39.40 15.85 25.58
CA GLN D 42 38.72 16.62 24.56
C GLN D 42 39.68 17.62 23.98
N GLN D 43 39.91 17.57 22.67
CA GLN D 43 40.81 18.56 22.08
C GLN D 43 40.00 19.70 21.52
N LYS D 44 39.94 20.79 22.28
CA LYS D 44 39.19 21.97 21.88
C LYS D 44 39.54 22.38 20.44
N PRO D 45 38.84 23.39 19.90
CA PRO D 45 39.14 23.84 18.54
C PRO D 45 40.48 24.56 18.56
N ASP D 46 40.71 25.36 19.60
CA ASP D 46 41.95 26.10 19.74
C ASP D 46 43.15 25.20 20.04
N GLY D 47 43.29 24.15 19.25
CA GLY D 47 44.39 23.19 19.40
C GLY D 47 44.86 22.79 20.78
N THR D 48 44.09 23.09 21.82
CA THR D 48 44.46 22.77 23.18
C THR D 48 43.99 21.36 23.52
N VAL D 49 44.23 20.91 24.75
CA VAL D 49 43.80 19.58 25.19
C VAL D 49 43.38 19.55 26.65
N LYS D 50 42.13 19.12 26.89
CA LYS D 50 41.57 19.03 28.22
C LYS D 50 41.42 17.59 28.73
N PHE D 51 41.74 17.37 30.00
CA PHE D 51 41.61 16.07 30.64
C PHE D 51 40.18 16.02 31.19
N LEU D 52 39.37 15.06 30.71
CA LEU D 52 37.97 14.96 31.10
C LEU D 52 37.57 13.89 32.09
N ILE D 53 37.74 12.64 31.70
CA ILE D 53 37.37 11.52 32.54
C ILE D 53 38.53 10.54 32.66
N TYR D 54 38.70 10.00 33.86
CA TYR D 54 39.75 9.03 34.11
C TYR D 54 39.17 7.76 34.69
N TYR D 55 39.81 6.64 34.39
CA TYR D 55 39.37 5.35 34.87
C TYR D 55 37.95 5.03 34.45
N THR D 56 37.66 5.17 33.17
CA THR D 56 36.37 4.85 32.62
C THR D 56 35.23 5.80 32.85
N SER D 57 34.89 6.07 34.12
CA SER D 57 33.74 6.94 34.44
C SER D 57 33.89 8.04 35.47
N ARG D 58 35.04 8.15 36.13
CA ARG D 58 35.22 9.19 37.14
C ARG D 58 35.39 10.51 36.41
N LEU D 59 34.52 11.48 36.68
CA LEU D 59 34.64 12.78 36.00
C LEU D 59 35.65 13.70 36.67
N GLN D 60 36.49 14.34 35.87
CA GLN D 60 37.47 15.26 36.38
C GLN D 60 36.63 16.39 36.98
N PRO D 61 37.08 17.00 38.09
CA PRO D 61 36.28 18.08 38.67
C PRO D 61 36.17 19.23 37.69
N GLY D 62 34.99 19.82 37.59
CA GLY D 62 34.81 20.91 36.66
C GLY D 62 34.00 20.49 35.47
N VAL D 63 34.22 19.28 34.97
CA VAL D 63 33.47 18.77 33.82
C VAL D 63 31.99 18.83 34.10
N PRO D 64 31.20 19.32 33.15
CA PRO D 64 29.75 19.42 33.30
C PRO D 64 29.01 18.12 33.43
N SER D 65 28.23 18.01 34.50
CA SER D 65 27.43 16.83 34.81
C SER D 65 26.79 16.08 33.66
N ARG D 66 26.67 16.71 32.50
CA ARG D 66 26.04 16.05 31.36
C ARG D 66 26.99 15.14 30.58
N PHE D 67 28.21 14.98 31.09
CA PHE D 67 29.17 14.09 30.46
C PHE D 67 29.04 12.77 31.21
N SER D 68 29.80 11.77 30.81
CA SER D 68 29.76 10.47 31.47
C SER D 68 30.45 9.41 30.63
N GLY D 69 31.30 8.63 31.27
CA GLY D 69 32.02 7.58 30.56
C GLY D 69 31.35 6.27 30.89
N SER D 70 31.62 5.23 30.13
CA SER D 70 30.98 3.96 30.42
C SER D 70 31.79 2.81 29.90
N GLY D 71 31.38 1.61 30.32
CA GLY D 71 32.06 0.41 29.87
C GLY D 71 32.86 -0.32 30.91
N SER D 72 33.54 -1.35 30.42
CA SER D 72 34.41 -2.25 31.17
C SER D 72 34.78 -3.31 30.14
N GLY D 73 36.00 -3.81 30.19
CA GLY D 73 36.40 -4.80 29.20
C GLY D 73 37.09 -4.07 28.07
N THR D 74 36.55 -4.14 26.86
CA THR D 74 37.16 -3.46 25.73
C THR D 74 36.22 -2.56 24.96
N ASP D 75 35.17 -2.10 25.60
CA ASP D 75 34.22 -1.22 24.95
C ASP D 75 33.83 -0.07 25.86
N TYR D 76 34.55 1.03 25.80
CA TYR D 76 34.21 2.15 26.65
C TYR D 76 33.64 3.22 25.75
N SER D 77 32.87 4.15 26.32
CA SER D 77 32.29 5.20 25.49
C SER D 77 31.79 6.42 26.22
N LEU D 78 32.10 7.57 25.66
CA LEU D 78 31.72 8.88 26.20
C LEU D 78 30.37 9.23 25.64
N THR D 79 29.52 9.82 26.47
CA THR D 79 28.18 10.18 26.04
C THR D 79 27.91 11.58 26.50
N ILE D 80 27.70 12.49 25.54
CA ILE D 80 27.44 13.88 25.85
C ILE D 80 25.97 14.23 25.74
N ASN D 81 25.22 14.06 26.83
CA ASN D 81 23.80 14.37 26.83
C ASN D 81 23.56 15.81 26.39
N ASN D 82 22.46 16.04 25.67
CA ASN D 82 22.09 17.35 25.14
C ASN D 82 23.29 18.26 24.94
N LEU D 83 23.97 18.05 23.81
CA LEU D 83 25.14 18.80 23.41
C LEU D 83 25.05 20.31 23.59
N GLU D 84 26.20 20.95 23.63
CA GLU D 84 26.29 22.41 23.76
C GLU D 84 27.51 22.95 23.04
N GLN D 85 27.33 24.07 22.35
CA GLN D 85 28.41 24.68 21.58
C GLN D 85 29.80 24.50 22.15
N GLU D 86 29.93 24.59 23.47
CA GLU D 86 31.24 24.46 24.14
C GLU D 86 31.68 23.04 24.46
N ASP D 87 31.25 22.08 23.64
CA ASP D 87 31.62 20.69 23.81
C ASP D 87 32.27 20.25 22.53
N ILE D 88 32.09 21.07 21.50
CA ILE D 88 32.68 20.77 20.20
C ILE D 88 34.14 20.46 20.43
N GLY D 89 34.72 19.68 19.52
CA GLY D 89 36.12 19.35 19.62
C GLY D 89 36.36 17.95 19.12
N THR D 90 37.59 17.45 19.29
CA THR D 90 37.92 16.12 18.86
C THR D 90 38.28 15.34 20.11
N TYR D 91 37.53 14.27 20.39
CA TYR D 91 37.76 13.45 21.58
C TYR D 91 38.64 12.24 21.36
N PHE D 92 39.64 12.09 22.21
CA PHE D 92 40.54 10.97 22.14
C PHE D 92 40.25 10.14 23.36
N CYS D 93 40.78 8.93 23.39
CA CYS D 93 40.57 8.04 24.51
C CYS D 93 41.82 7.25 24.69
N GLN D 94 42.68 7.69 25.62
CA GLN D 94 43.91 7.01 25.89
C GLN D 94 43.69 5.97 26.95
N GLN D 95 44.21 4.78 26.72
CA GLN D 95 44.09 3.72 27.68
C GLN D 95 45.20 3.96 28.68
N GLY D 96 45.29 3.17 29.74
CA GLY D 96 46.35 3.38 30.73
C GLY D 96 46.55 2.18 31.63
N ASN D 97 46.36 0.99 31.07
CA ASN D 97 46.51 -0.23 31.83
C ASN D 97 47.94 -0.74 31.74
N THR D 98 48.37 -1.02 30.52
CA THR D 98 49.70 -1.53 30.26
C THR D 98 50.49 -0.59 29.36
N PRO D 99 51.46 0.15 29.93
CA PRO D 99 52.25 1.06 29.11
C PRO D 99 52.93 0.28 27.99
N PRO D 100 53.28 0.96 26.89
CA PRO D 100 53.06 2.39 26.69
C PRO D 100 51.61 2.77 26.49
N TRP D 101 51.21 3.88 27.11
CA TRP D 101 49.85 4.36 26.99
C TRP D 101 49.65 4.60 25.50
N THR D 102 48.44 4.42 25.01
CA THR D 102 48.18 4.66 23.61
C THR D 102 46.78 5.24 23.45
N PHE D 103 46.66 6.32 22.70
CA PHE D 103 45.36 6.95 22.51
C PHE D 103 44.63 6.43 21.28
N GLY D 104 43.36 6.80 21.19
CA GLY D 104 42.56 6.39 20.05
C GLY D 104 42.98 7.24 18.87
N GLY D 105 42.03 7.52 17.99
CA GLY D 105 42.33 8.32 16.82
C GLY D 105 41.50 9.59 16.79
N GLY D 106 40.63 9.71 17.77
CA GLY D 106 39.80 10.90 17.85
C GLY D 106 38.55 10.83 17.00
N THR D 107 37.48 11.41 17.52
CA THR D 107 36.22 11.41 16.83
C THR D 107 35.82 12.87 16.75
N LYS D 108 36.36 13.58 15.78
CA LYS D 108 36.05 14.99 15.62
C LYS D 108 34.56 15.30 15.59
N LEU D 109 34.10 16.04 16.61
CA LEU D 109 32.71 16.45 16.74
C LEU D 109 32.53 17.86 16.22
N GLU D 110 31.61 18.05 15.29
CA GLU D 110 31.35 19.36 14.71
C GLU D 110 29.98 19.91 15.07
N ILE D 111 29.34 20.52 14.10
CA ILE D 111 28.01 21.10 14.30
C ILE D 111 27.32 21.21 12.95
N LYS D 112 26.60 20.16 12.54
CA LYS D 112 25.91 20.15 11.25
C LYS D 112 25.06 21.39 11.07
N ARG D 113 25.06 21.91 9.83
CA ARG D 113 24.30 23.10 9.45
C ARG D 113 23.00 23.39 10.26
N GLY D 114 22.60 24.58 10.34
N VAL D 135 47.54 29.81 32.03
CA VAL D 135 48.09 28.88 31.00
C VAL D 135 49.04 27.80 31.55
N GLN D 136 49.44 27.93 32.81
CA GLN D 136 50.36 27.02 33.50
C GLN D 136 51.45 26.41 32.59
N LEU D 137 51.22 25.23 32.04
CA LEU D 137 52.24 24.63 31.17
C LEU D 137 52.41 25.45 29.92
N GLN D 138 53.54 26.13 29.82
CA GLN D 138 53.83 26.96 28.66
C GLN D 138 54.89 26.30 27.81
N GLN D 139 54.54 25.87 26.59
CA GLN D 139 55.53 25.23 25.74
C GLN D 139 56.36 26.24 24.96
N SER D 140 57.33 25.74 24.18
CA SER D 140 58.23 26.58 23.38
C SER D 140 57.61 27.14 22.10
N GLY D 141 58.48 27.54 21.18
CA GLY D 141 58.01 28.09 19.92
C GLY D 141 58.14 27.13 18.76
N PRO D 142 57.43 27.36 17.65
CA PRO D 142 57.47 26.50 16.49
C PRO D 142 58.86 26.42 15.90
N GLU D 143 59.35 25.21 15.70
CA GLU D 143 60.68 25.01 15.14
C GLU D 143 60.52 24.64 13.70
N LEU D 144 61.59 24.84 12.95
CA LEU D 144 61.64 24.51 11.52
C LEU D 144 63.06 24.04 11.26
N VAL D 145 63.23 22.77 10.95
CA VAL D 145 64.57 22.26 10.76
C VAL D 145 64.87 21.64 9.43
N LYS D 146 66.15 21.61 9.11
CA LYS D 146 66.62 21.01 7.89
C LYS D 146 66.79 19.53 8.21
N PRO D 147 66.19 18.66 7.40
CA PRO D 147 66.21 17.19 7.52
C PRO D 147 67.52 16.58 7.96
N GLY D 148 67.66 16.31 9.25
CA GLY D 148 68.88 15.71 9.76
C GLY D 148 69.44 16.45 10.95
N ALA D 149 68.71 17.44 11.46
CA ALA D 149 69.16 18.24 12.61
C ALA D 149 68.29 18.06 13.86
N SER D 150 68.90 18.25 15.03
CA SER D 150 68.20 18.09 16.30
C SER D 150 67.50 19.37 16.73
N VAL D 151 66.58 19.23 17.68
CA VAL D 151 65.84 20.37 18.21
C VAL D 151 65.59 20.15 19.70
N LYS D 152 65.31 21.23 20.43
CA LYS D 152 65.06 21.11 21.85
C LYS D 152 63.82 21.89 22.25
N ILE D 153 62.69 21.20 22.30
CA ILE D 153 61.41 21.81 22.68
C ILE D 153 61.37 21.89 24.21
N SER D 154 60.82 22.97 24.73
CA SER D 154 60.75 23.19 26.18
C SER D 154 59.38 23.42 26.80
N CYS D 155 59.09 22.59 27.80
CA CYS D 155 57.83 22.63 28.54
C CYS D 155 58.18 23.46 29.76
N LYS D 156 57.51 24.60 29.92
CA LYS D 156 57.80 25.47 31.05
C LYS D 156 56.65 25.53 32.04
N ASP D 157 56.65 24.61 33.01
CA ASP D 157 55.58 24.59 34.00
C ASP D 157 55.77 25.79 34.89
N SER D 158 54.68 26.47 35.22
CA SER D 158 54.73 27.66 36.06
C SER D 158 54.09 27.40 37.40
N GLY D 159 53.36 26.29 37.48
CA GLY D 159 52.69 25.90 38.71
C GLY D 159 53.66 25.63 39.85
N TYR D 160 53.23 24.87 40.84
CA TYR D 160 54.07 24.59 41.99
C TYR D 160 54.54 23.13 42.06
N ALA D 161 53.72 22.23 41.53
CA ALA D 161 54.03 20.81 41.56
C ALA D 161 54.78 20.36 40.29
N PHE D 162 56.06 20.69 40.23
CA PHE D 162 56.82 20.28 39.07
C PHE D 162 57.61 19.07 39.49
N ASN D 163 58.54 19.29 40.42
CA ASN D 163 59.42 18.25 40.92
C ASN D 163 58.64 17.25 41.76
N SER D 164 57.32 17.38 41.74
CA SER D 164 56.49 16.47 42.50
C SER D 164 55.41 15.78 41.65
N SER D 165 55.47 16.01 40.34
CA SER D 165 54.52 15.42 39.38
C SER D 165 55.28 15.11 38.09
N TRP D 166 54.95 13.98 37.48
CA TRP D 166 55.64 13.58 36.25
C TRP D 166 55.62 14.61 35.13
N MET D 167 55.89 14.12 33.92
CA MET D 167 55.91 14.96 32.73
C MET D 167 55.92 14.07 31.50
N ASN D 168 54.76 13.87 30.87
CA ASN D 168 54.63 13.05 29.67
C ASN D 168 54.73 13.93 28.44
N TRP D 169 55.31 13.42 27.36
CA TRP D 169 55.37 14.19 26.12
C TRP D 169 54.61 13.44 25.03
N VAL D 170 53.46 13.97 24.61
CA VAL D 170 52.63 13.34 23.60
C VAL D 170 52.88 13.92 22.20
N LYS D 171 52.88 13.05 21.19
CA LYS D 171 53.15 13.48 19.82
C LYS D 171 51.97 13.38 18.84
N GLN D 172 51.37 14.51 18.46
CA GLN D 172 50.24 14.54 17.53
C GLN D 172 50.59 14.94 16.11
N ARG D 173 50.10 14.16 15.16
CA ARG D 173 50.31 14.40 13.73
C ARG D 173 49.04 13.85 13.09
N PRO D 174 48.43 14.59 12.13
CA PRO D 174 47.20 14.16 11.44
C PRO D 174 47.15 12.70 11.03
N GLY D 175 46.06 12.04 11.41
CA GLY D 175 45.88 10.63 11.09
C GLY D 175 46.45 9.68 12.12
N GLN D 176 47.36 10.19 12.95
CA GLN D 176 48.01 9.39 13.99
C GLN D 176 47.61 9.82 15.37
N GLY D 177 46.30 9.76 15.63
CA GLY D 177 45.77 10.14 16.93
C GLY D 177 46.78 10.80 17.85
N LEU D 178 47.46 10.01 18.66
CA LEU D 178 48.46 10.51 19.59
C LEU D 178 49.38 9.38 20.03
N GLU D 179 50.67 9.65 20.17
CA GLU D 179 51.61 8.62 20.58
C GLU D 179 52.31 9.09 21.81
N TRP D 180 52.34 8.28 22.86
CA TRP D 180 53.04 8.68 24.07
C TRP D 180 54.52 8.46 23.81
N ILE D 181 55.33 9.46 24.09
CA ILE D 181 56.75 9.34 23.85
C ILE D 181 57.50 8.83 25.05
N GLY D 182 57.32 9.51 26.18
CA GLY D 182 57.98 9.10 27.39
C GLY D 182 57.69 10.09 28.48
N ARG D 183 58.43 10.01 29.57
CA ARG D 183 58.21 10.95 30.63
C ARG D 183 59.36 10.88 31.57
N ILE D 184 59.61 11.95 32.29
CA ILE D 184 60.68 11.99 33.25
C ILE D 184 60.05 12.62 34.49
N TYR D 185 60.59 12.31 35.67
CA TYR D 185 60.06 12.89 36.90
C TYR D 185 61.08 13.88 37.47
N PRO D 186 60.98 15.15 37.07
CA PRO D 186 61.91 16.18 37.53
C PRO D 186 62.43 15.94 38.94
N GLY D 187 61.49 15.74 39.87
CA GLY D 187 61.83 15.52 41.26
C GLY D 187 63.03 14.66 41.63
N ASP D 188 63.41 13.70 40.78
CA ASP D 188 64.55 12.82 41.08
C ASP D 188 65.36 12.39 39.86
N GLY D 189 64.70 12.30 38.71
CA GLY D 189 65.41 11.94 37.49
C GLY D 189 65.03 10.67 36.76
N ASP D 190 64.09 9.92 37.32
CA ASP D 190 63.68 8.68 36.68
C ASP D 190 62.85 9.00 35.44
N SER D 191 62.93 8.13 34.43
CA SER D 191 62.21 8.33 33.17
C SER D 191 61.83 7.04 32.45
N ASN D 192 60.77 7.11 31.64
CA ASN D 192 60.28 5.96 30.88
C ASN D 192 60.07 6.36 29.43
N TYR D 193 60.44 5.48 28.51
CA TYR D 193 60.30 5.76 27.09
C TYR D 193 59.44 4.77 26.33
N ASN D 194 59.08 5.17 25.12
CA ASN D 194 58.28 4.34 24.26
C ASN D 194 59.24 3.59 23.35
N GLY D 195 58.83 2.42 22.87
CA GLY D 195 59.69 1.63 22.01
C GLY D 195 60.06 2.29 20.70
N LYS D 196 59.10 2.93 20.06
CA LYS D 196 59.36 3.58 18.78
C LYS D 196 60.24 4.82 18.92
N PHE D 197 60.19 5.44 20.10
CA PHE D 197 60.96 6.66 20.37
C PHE D 197 62.19 6.38 21.24
N GLU D 198 62.55 5.10 21.40
CA GLU D 198 63.70 4.75 22.20
C GLU D 198 64.89 5.52 21.69
N GLY D 199 65.05 5.55 20.37
CA GLY D 199 66.16 6.27 19.79
C GLY D 199 65.77 7.52 19.01
N LYS D 200 65.27 8.54 19.71
CA LYS D 200 64.85 9.75 19.04
C LYS D 200 64.74 10.89 20.04
N ALA D 201 63.82 10.76 20.97
CA ALA D 201 63.65 11.79 21.98
C ALA D 201 64.62 11.52 23.11
N ILE D 202 64.98 12.56 23.83
CA ILE D 202 65.87 12.43 24.96
C ILE D 202 65.36 13.43 25.98
N LEU D 203 64.57 12.94 26.93
CA LEU D 203 63.98 13.78 27.96
C LEU D 203 64.97 14.21 29.02
N THR D 204 65.06 15.52 29.19
CA THR D 204 65.92 16.16 30.17
C THR D 204 65.09 17.24 30.83
N ALA D 205 65.29 17.49 32.12
CA ALA D 205 64.52 18.53 32.83
C ALA D 205 65.38 19.28 33.82
N ASP D 206 64.93 20.48 34.18
CA ASP D 206 65.66 21.32 35.12
C ASP D 206 64.82 21.79 36.29
N LYS D 207 64.99 21.11 37.42
CA LYS D 207 64.25 21.40 38.64
C LYS D 207 64.24 22.85 39.13
N SER D 208 65.29 23.60 38.83
CA SER D 208 65.39 24.99 39.28
C SER D 208 64.47 25.95 38.55
N SER D 209 64.17 25.67 37.30
CA SER D 209 63.30 26.56 36.56
C SER D 209 62.08 25.84 36.03
N SER D 210 61.66 24.79 36.73
CA SER D 210 60.47 24.05 36.34
C SER D 210 60.35 23.96 34.81
N THR D 211 61.19 23.14 34.18
CA THR D 211 61.15 23.02 32.73
C THR D 211 61.56 21.65 32.24
N ALA D 212 60.90 21.16 31.20
CA ALA D 212 61.27 19.88 30.61
C ALA D 212 61.70 20.16 29.19
N TYR D 213 62.48 19.26 28.62
CA TYR D 213 62.95 19.44 27.27
C TYR D 213 63.02 18.12 26.55
N MET D 214 62.55 18.09 25.33
CA MET D 214 62.59 16.88 24.56
C MET D 214 63.63 17.20 23.55
N GLN D 215 64.28 16.20 22.98
CA GLN D 215 65.30 16.48 21.99
C GLN D 215 65.26 15.52 20.82
N LEU D 216 64.26 15.69 19.97
CA LEU D 216 64.11 14.86 18.80
C LEU D 216 65.40 15.01 18.00
N SER D 217 66.31 14.07 18.21
CA SER D 217 67.59 14.08 17.51
C SER D 217 67.50 13.36 16.17
N SER D 218 68.17 13.92 15.17
CA SER D 218 68.16 13.38 13.83
C SER D 218 66.73 13.31 13.34
N LEU D 219 66.21 14.44 12.85
CA LEU D 219 64.84 14.50 12.37
C LEU D 219 64.68 13.96 10.94
N THR D 220 63.43 13.79 10.53
CA THR D 220 63.07 13.29 9.20
C THR D 220 61.71 13.85 8.85
N SER D 221 61.30 13.70 7.59
CA SER D 221 60.00 14.21 7.14
C SER D 221 58.90 13.49 7.92
N VAL D 222 59.29 12.54 8.75
CA VAL D 222 58.33 11.80 9.54
C VAL D 222 58.00 12.56 10.80
N ASP D 223 59.03 13.07 11.46
CA ASP D 223 58.84 13.80 12.70
C ASP D 223 58.02 15.05 12.55
N SER D 224 57.91 15.56 11.33
CA SER D 224 57.12 16.76 11.10
C SER D 224 55.75 16.63 11.74
N ALA D 225 55.60 17.14 12.98
CA ALA D 225 54.33 17.06 13.70
C ALA D 225 54.32 18.05 14.85
N VAL D 226 53.25 18.04 15.64
CA VAL D 226 53.14 18.93 16.78
C VAL D 226 53.61 18.08 17.94
N TYR D 227 54.01 18.68 19.05
CA TYR D 227 54.44 17.90 20.21
C TYR D 227 53.96 18.55 21.50
N PHE D 228 52.95 17.94 22.13
CA PHE D 228 52.41 18.47 23.37
C PHE D 228 53.21 17.91 24.53
N CYS D 229 53.18 18.61 25.65
CA CYS D 229 53.89 18.11 26.80
C CYS D 229 52.92 18.05 27.96
N ALA D 230 52.17 16.97 28.05
CA ALA D 230 51.20 16.80 29.10
C ALA D 230 51.84 16.24 30.36
N ARG D 231 51.61 16.93 31.46
CA ARG D 231 52.15 16.51 32.74
C ARG D 231 51.16 15.63 33.45
N SER D 232 51.61 14.49 33.97
CA SER D 232 50.71 13.64 34.71
C SER D 232 51.04 13.77 36.19
N GLY D 233 50.17 14.47 36.89
CA GLY D 233 50.32 14.70 38.33
C GLY D 233 49.05 14.21 39.00
N LEU D 234 49.23 13.28 39.94
CA LEU D 234 48.12 12.68 40.66
C LEU D 234 47.31 11.92 39.58
N LEU D 235 47.72 10.67 39.39
CA LEU D 235 47.18 9.71 38.40
C LEU D 235 48.30 9.28 37.49
N ARG D 236 49.00 8.22 37.85
CA ARG D 236 50.10 7.72 37.05
C ARG D 236 49.76 7.52 35.58
N TYR D 237 48.52 7.13 35.29
CA TYR D 237 48.10 6.86 33.90
C TYR D 237 47.19 7.92 33.24
N ALA D 238 47.39 9.18 33.58
CA ALA D 238 46.57 10.21 32.99
C ALA D 238 47.29 11.54 33.02
N MET D 239 47.31 12.20 31.86
CA MET D 239 47.92 13.50 31.71
C MET D 239 46.81 14.53 31.87
N ASP D 240 46.91 15.36 32.90
CA ASP D 240 45.85 16.34 33.15
C ASP D 240 46.02 17.72 32.52
N TYR D 241 47.25 18.23 32.49
CA TYR D 241 47.47 19.55 31.90
C TYR D 241 48.35 19.38 30.68
N TRP D 242 47.93 19.99 29.57
CA TRP D 242 48.68 19.88 28.33
C TRP D 242 49.26 21.19 27.85
N GLY D 243 50.43 21.13 27.23
CA GLY D 243 51.00 22.33 26.70
C GLY D 243 50.10 22.84 25.60
N GLN D 244 50.63 23.72 24.77
CA GLN D 244 49.89 24.30 23.66
C GLN D 244 50.28 23.59 22.37
N GLY D 245 51.51 23.08 22.33
CA GLY D 245 52.01 22.39 21.16
C GLY D 245 53.23 23.06 20.59
N THR D 246 53.86 22.46 19.57
CA THR D 246 55.04 23.06 18.99
C THR D 246 55.36 22.57 17.58
N SER D 247 54.61 23.08 16.61
CA SER D 247 54.78 22.71 15.20
C SER D 247 56.23 22.56 14.74
N VAL D 248 56.72 21.33 14.77
CA VAL D 248 58.07 21.03 14.36
C VAL D 248 58.04 20.54 12.93
N THR D 249 57.77 21.43 11.99
CA THR D 249 57.72 21.03 10.60
C THR D 249 59.15 20.83 10.05
N VAL D 250 59.31 19.88 9.14
CA VAL D 250 60.63 19.60 8.57
C VAL D 250 60.67 19.71 7.04
N SER D 251 61.51 20.61 6.54
CA SER D 251 61.69 20.89 5.09
C SER D 251 62.29 19.78 4.25
N SER D 252 62.67 20.11 3.02
CA SER D 252 63.25 19.14 2.11
C SER D 252 64.76 19.28 2.11
N ARG E 1 19.55 -7.25 -1.19
CA ARG E 1 18.28 -6.88 -1.87
C ARG E 1 18.35 -7.33 -3.33
N ASP E 2 17.36 -8.12 -3.76
CA ASP E 2 17.32 -8.62 -5.14
C ASP E 2 17.21 -7.45 -6.14
N LYS E 3 16.72 -6.31 -5.65
CA LYS E 3 16.55 -5.12 -6.48
C LYS E 3 15.41 -5.39 -7.43
N ARG E 4 15.04 -6.66 -7.53
CA ARG E 4 13.93 -7.08 -8.39
C ARG E 4 12.66 -6.97 -7.56
N PHE E 5 12.68 -7.55 -6.36
CA PHE E 5 11.53 -7.43 -5.49
C PHE E 5 11.44 -6.01 -5.02
N HIS E 6 10.23 -5.60 -4.71
CA HIS E 6 9.97 -4.27 -4.20
C HIS E 6 9.75 -4.49 -2.72
N TYR E 7 10.80 -4.21 -1.96
CA TYR E 7 10.79 -4.41 -0.53
C TYR E 7 9.95 -3.34 0.16
N ASP E 8 10.40 -2.90 1.33
CA ASP E 8 9.66 -1.91 2.10
C ASP E 8 10.32 -1.69 3.45
N ARG E 9 9.47 -1.43 4.45
CA ARG E 9 9.94 -1.24 5.82
C ARG E 9 10.07 -2.66 6.34
N ASN E 10 10.74 -2.82 7.47
CA ASN E 10 10.97 -4.13 8.04
C ASN E 10 11.82 -4.87 7.01
N ASN E 11 12.12 -4.16 5.92
CA ASN E 11 12.95 -4.69 4.85
C ASN E 11 12.53 -6.07 4.36
N ILE E 12 11.22 -6.27 4.19
CA ILE E 12 10.65 -7.53 3.74
C ILE E 12 10.45 -7.55 2.23
N ALA E 13 9.36 -8.18 1.79
CA ALA E 13 9.03 -8.28 0.36
C ALA E 13 7.53 -8.15 0.23
N VAL E 14 7.07 -7.32 -0.73
CA VAL E 14 5.63 -7.13 -0.93
C VAL E 14 5.27 -7.15 -2.41
N GLY E 15 6.26 -7.44 -3.25
CA GLY E 15 6.01 -7.50 -4.68
C GLY E 15 7.22 -7.29 -5.57
N ALA E 16 7.30 -8.07 -6.65
CA ALA E 16 8.40 -7.96 -7.59
C ALA E 16 7.95 -7.27 -8.88
N ASP E 17 8.77 -7.40 -9.91
CA ASP E 17 8.48 -6.81 -11.20
C ASP E 17 7.62 -7.85 -11.91
N GLU E 18 6.67 -7.38 -12.72
CA GLU E 18 5.80 -8.29 -13.44
C GLU E 18 6.54 -9.48 -14.04
N SER E 19 7.51 -9.20 -14.92
CA SER E 19 8.29 -10.24 -15.57
C SER E 19 8.80 -11.32 -14.60
N VAL E 20 8.79 -11.01 -13.30
CA VAL E 20 9.24 -11.96 -12.27
C VAL E 20 8.13 -12.90 -11.86
N VAL E 21 6.93 -12.35 -11.70
CA VAL E 21 5.75 -13.14 -11.33
C VAL E 21 5.38 -14.05 -12.49
N LYS E 22 5.36 -13.47 -13.68
CA LYS E 22 5.03 -14.21 -14.88
C LYS E 22 5.90 -15.45 -14.99
N GLU E 23 7.18 -15.30 -14.67
CA GLU E 23 8.13 -16.40 -14.78
C GLU E 23 7.89 -17.59 -13.85
N ALA E 24 7.18 -17.36 -12.74
CA ALA E 24 6.90 -18.42 -11.77
C ALA E 24 5.75 -19.32 -12.20
N HIS E 25 4.64 -18.70 -12.55
CA HIS E 25 3.46 -19.42 -13.00
C HIS E 25 3.70 -19.86 -14.44
N ARG E 26 4.93 -19.63 -14.88
CA ARG E 26 5.39 -19.96 -16.22
C ARG E 26 5.19 -21.45 -16.52
N GLU E 27 5.33 -22.29 -15.49
CA GLU E 27 5.17 -23.73 -15.63
C GLU E 27 3.87 -24.24 -15.05
N VAL E 28 2.98 -24.73 -15.90
CA VAL E 28 1.70 -25.24 -15.43
C VAL E 28 1.72 -26.75 -15.41
N ILE E 29 1.42 -27.30 -14.24
CA ILE E 29 1.41 -28.74 -14.07
C ILE E 29 0.03 -29.30 -14.41
N ASN E 30 -0.98 -28.44 -14.43
CA ASN E 30 -2.33 -28.91 -14.74
C ASN E 30 -3.36 -27.80 -14.75
N SER E 31 -4.25 -27.82 -15.75
CA SER E 31 -5.31 -26.82 -15.87
C SER E 31 -6.64 -27.45 -16.29
N SER E 32 -7.70 -27.09 -15.58
CA SER E 32 -9.02 -27.63 -15.85
C SER E 32 -10.06 -26.60 -15.48
N THR E 33 -11.31 -26.87 -15.83
CA THR E 33 -12.40 -25.96 -15.52
C THR E 33 -12.66 -25.93 -14.04
N GLU E 34 -11.75 -26.50 -13.25
CA GLU E 34 -11.91 -26.49 -11.82
C GLU E 34 -10.78 -25.72 -11.15
N GLY E 35 -9.68 -25.52 -11.88
CA GLY E 35 -8.55 -24.76 -11.34
C GLY E 35 -7.19 -25.08 -11.94
N LEU E 36 -6.22 -24.21 -11.70
CA LEU E 36 -4.86 -24.46 -12.18
C LEU E 36 -4.21 -25.48 -11.23
N LEU E 37 -2.89 -25.52 -11.23
CA LEU E 37 -2.15 -26.46 -10.39
C LEU E 37 -0.65 -26.31 -10.66
N LEU E 38 -0.30 -25.19 -11.28
CA LEU E 38 1.08 -24.90 -11.59
C LEU E 38 2.00 -25.10 -10.40
N ASN E 39 3.29 -24.87 -10.63
CA ASN E 39 4.31 -25.02 -9.61
C ASN E 39 4.85 -23.64 -9.24
N ILE E 40 4.35 -23.07 -8.13
CA ILE E 40 4.79 -21.76 -7.68
C ILE E 40 5.83 -21.84 -6.59
N ASP E 41 6.87 -21.03 -6.74
CA ASP E 41 7.99 -20.97 -5.82
C ASP E 41 7.72 -20.16 -4.53
N LYS E 42 8.18 -20.67 -3.41
CA LYS E 42 7.99 -20.03 -2.13
C LYS E 42 8.45 -18.58 -2.07
N ASP E 43 9.48 -18.24 -2.85
CA ASP E 43 9.98 -16.87 -2.81
C ASP E 43 8.89 -15.91 -3.28
N ILE E 44 8.13 -16.35 -4.28
CA ILE E 44 7.02 -15.57 -4.84
C ILE E 44 5.72 -15.80 -4.05
N ARG E 45 5.39 -17.07 -3.89
CA ARG E 45 4.20 -17.48 -3.17
C ARG E 45 3.93 -16.51 -2.01
N LYS E 46 4.99 -15.90 -1.50
CA LYS E 46 4.89 -14.99 -0.37
C LYS E 46 4.32 -13.61 -0.70
N ILE E 47 4.85 -12.97 -1.73
CA ILE E 47 4.39 -11.64 -2.09
C ILE E 47 2.98 -11.58 -2.63
N LEU E 48 2.48 -12.69 -3.18
CA LEU E 48 1.12 -12.72 -3.74
C LEU E 48 0.06 -12.86 -2.66
N SER E 49 -1.03 -12.12 -2.82
CA SER E 49 -2.11 -12.19 -1.85
C SER E 49 -3.23 -13.03 -2.42
N GLY E 50 -3.28 -13.15 -3.74
CA GLY E 50 -4.34 -13.92 -4.36
C GLY E 50 -4.37 -13.86 -5.87
N TYR E 51 -5.42 -14.43 -6.44
CA TYR E 51 -5.55 -14.46 -7.88
C TYR E 51 -6.91 -13.97 -8.34
N ILE E 52 -7.04 -13.62 -9.63
CA ILE E 52 -8.31 -13.18 -10.19
C ILE E 52 -8.57 -13.96 -11.47
N VAL E 53 -9.66 -14.73 -11.48
CA VAL E 53 -10.04 -15.54 -12.64
C VAL E 53 -11.13 -14.88 -13.45
N GLU E 54 -10.99 -14.87 -14.76
CA GLU E 54 -12.01 -14.25 -15.60
C GLU E 54 -12.17 -14.99 -16.90
N ILE E 55 -13.35 -14.90 -17.49
CA ILE E 55 -13.62 -15.54 -18.76
C ILE E 55 -13.86 -14.45 -19.79
N GLU E 56 -12.95 -14.37 -20.74
CA GLU E 56 -13.06 -13.36 -21.78
C GLU E 56 -13.63 -13.95 -23.05
N ASP E 57 -14.79 -13.47 -23.47
CA ASP E 57 -15.45 -13.98 -24.68
C ASP E 57 -14.80 -13.50 -25.97
N THR E 58 -15.01 -14.24 -27.06
CA THR E 58 -14.44 -13.91 -28.36
C THR E 58 -14.58 -12.45 -28.73
N GLU E 59 -15.78 -11.88 -28.57
CA GLU E 59 -15.96 -10.48 -28.90
C GLU E 59 -14.96 -9.68 -28.10
N GLY E 60 -15.17 -9.57 -26.79
CA GLY E 60 -14.24 -8.83 -25.97
C GLY E 60 -14.75 -8.53 -24.57
N LEU E 61 -15.87 -9.13 -24.19
CA LEU E 61 -16.44 -8.90 -22.86
C LEU E 61 -15.82 -9.86 -21.85
N LYS E 62 -15.38 -9.31 -20.73
CA LYS E 62 -14.72 -10.10 -19.70
C LYS E 62 -15.53 -10.20 -18.43
N GLU E 63 -15.72 -11.44 -17.95
CA GLU E 63 -16.46 -11.71 -16.70
C GLU E 63 -15.49 -12.20 -15.62
N VAL E 64 -15.49 -11.53 -14.47
CA VAL E 64 -14.62 -11.94 -13.39
C VAL E 64 -15.41 -12.93 -12.53
N ILE E 65 -14.86 -14.13 -12.38
CA ILE E 65 -15.52 -15.15 -11.58
C ILE E 65 -15.58 -14.70 -10.13
N ASN E 66 -14.42 -14.64 -9.47
CA ASN E 66 -14.37 -14.24 -8.06
C ASN E 66 -14.24 -12.72 -7.95
N ASP E 67 -15.09 -12.02 -8.67
CA ASP E 67 -15.10 -10.57 -8.71
C ASP E 67 -15.36 -9.99 -7.34
N ARG E 68 -14.34 -9.98 -6.50
CA ARG E 68 -14.51 -9.44 -5.16
C ARG E 68 -13.20 -9.03 -4.52
N TYR E 69 -13.20 -7.86 -3.89
CA TYR E 69 -12.00 -7.34 -3.26
C TYR E 69 -11.44 -8.25 -2.17
N ASP E 70 -12.19 -9.27 -1.77
CA ASP E 70 -11.70 -10.18 -0.74
C ASP E 70 -11.82 -11.67 -1.03
N MET E 71 -12.29 -11.99 -2.22
CA MET E 71 -12.40 -13.38 -2.61
C MET E 71 -11.08 -13.68 -3.33
N LEU E 72 -10.23 -12.65 -3.39
CA LEU E 72 -8.95 -12.73 -4.06
C LEU E 72 -8.08 -13.95 -3.81
N ASN E 73 -8.22 -14.61 -2.66
CA ASN E 73 -7.37 -15.75 -2.41
C ASN E 73 -8.04 -17.09 -2.64
N ILE E 74 -7.78 -17.66 -3.80
CA ILE E 74 -8.31 -18.95 -4.19
C ILE E 74 -7.15 -19.92 -4.36
N SER E 75 -5.96 -19.50 -3.90
CA SER E 75 -4.78 -20.34 -4.00
C SER E 75 -4.65 -21.14 -2.71
N SER E 76 -3.77 -22.14 -2.71
CA SER E 76 -3.55 -23.00 -1.56
C SER E 76 -2.50 -24.07 -1.85
N LEU E 77 -1.46 -24.09 -1.03
CA LEU E 77 -0.33 -25.03 -1.16
C LEU E 77 -0.60 -26.43 -0.60
N ARG E 78 -0.12 -27.43 -1.32
CA ARG E 78 -0.33 -28.83 -0.91
C ARG E 78 0.83 -29.53 -0.19
N GLN E 79 0.78 -30.86 -0.25
CA GLN E 79 1.77 -31.72 0.38
C GLN E 79 3.09 -31.68 -0.39
N ASP E 80 2.99 -31.88 -1.70
CA ASP E 80 4.13 -31.87 -2.61
C ASP E 80 4.47 -30.41 -2.97
N GLY E 81 3.98 -29.51 -2.13
CA GLY E 81 4.22 -28.10 -2.31
C GLY E 81 3.78 -27.52 -3.64
N LYS E 82 2.66 -28.01 -4.18
CA LYS E 82 2.19 -27.48 -5.44
C LYS E 82 0.95 -26.64 -5.21
N THR E 83 0.95 -25.46 -5.81
CA THR E 83 -0.15 -24.52 -5.68
C THR E 83 -1.34 -24.88 -6.56
N PHE E 84 -2.51 -24.92 -5.96
CA PHE E 84 -3.71 -25.21 -6.73
C PHE E 84 -4.66 -24.02 -6.65
N ILE E 85 -4.80 -23.31 -7.76
CA ILE E 85 -5.72 -22.18 -7.78
C ILE E 85 -7.09 -22.78 -8.01
N ASP E 86 -7.98 -22.50 -7.06
CA ASP E 86 -9.33 -23.06 -7.10
C ASP E 86 -10.40 -22.15 -7.69
N PHE E 87 -10.75 -22.37 -8.96
CA PHE E 87 -11.79 -21.58 -9.66
C PHE E 87 -13.13 -21.82 -8.96
N LYS E 88 -13.50 -23.09 -8.95
CA LYS E 88 -14.72 -23.59 -8.35
C LYS E 88 -15.06 -23.01 -6.96
N LYS E 89 -14.05 -22.60 -6.22
CA LYS E 89 -14.23 -22.09 -4.86
C LYS E 89 -15.23 -20.96 -4.63
N TYR E 90 -15.06 -19.85 -5.35
CA TYR E 90 -15.94 -18.72 -5.18
C TYR E 90 -16.98 -18.55 -6.28
N ASN E 91 -17.11 -19.57 -7.12
CA ASN E 91 -18.10 -19.55 -8.18
C ASN E 91 -19.28 -20.40 -7.69
N ASP E 92 -19.66 -20.19 -6.43
CA ASP E 92 -20.74 -20.93 -5.78
C ASP E 92 -20.70 -22.44 -6.00
N LYS E 93 -19.62 -23.06 -5.56
CA LYS E 93 -19.45 -24.51 -5.65
C LYS E 93 -19.50 -25.12 -7.05
N LEU E 94 -19.51 -24.27 -8.08
CA LEU E 94 -19.55 -24.71 -9.47
C LEU E 94 -18.24 -24.44 -10.19
N PRO E 95 -17.86 -25.34 -11.10
CA PRO E 95 -16.62 -25.14 -11.83
C PRO E 95 -16.88 -24.15 -12.94
N LEU E 96 -15.83 -23.77 -13.66
CA LEU E 96 -15.95 -22.82 -14.74
C LEU E 96 -16.78 -23.32 -15.94
N TYR E 97 -17.71 -22.46 -16.37
CA TYR E 97 -18.56 -22.77 -17.51
C TYR E 97 -18.08 -22.04 -18.78
N ILE E 98 -17.45 -22.81 -19.68
CA ILE E 98 -16.95 -22.30 -20.95
C ILE E 98 -17.91 -22.78 -22.06
N SER E 99 -18.68 -21.86 -22.64
CA SER E 99 -19.64 -22.20 -23.68
C SER E 99 -19.12 -22.04 -25.11
N ASN E 100 -17.81 -22.09 -25.29
CA ASN E 100 -17.22 -21.92 -26.61
C ASN E 100 -15.71 -21.98 -26.59
N PRO E 101 -15.15 -23.02 -27.17
CA PRO E 101 -13.71 -23.26 -27.24
C PRO E 101 -12.82 -22.02 -27.38
N ASN E 102 -13.29 -20.99 -28.06
CA ASN E 102 -12.46 -19.82 -28.23
C ASN E 102 -12.49 -18.78 -27.12
N TYR E 103 -13.24 -19.03 -26.05
CA TYR E 103 -13.29 -18.10 -24.92
C TYR E 103 -12.01 -18.34 -24.13
N LYS E 104 -11.28 -17.29 -23.80
CA LYS E 104 -10.05 -17.45 -23.05
C LYS E 104 -10.39 -17.50 -21.57
N VAL E 105 -9.50 -18.08 -20.76
CA VAL E 105 -9.73 -18.16 -19.31
C VAL E 105 -8.55 -17.59 -18.55
N ASN E 106 -8.46 -16.27 -18.55
CA ASN E 106 -7.40 -15.57 -17.87
C ASN E 106 -7.43 -15.79 -16.36
N VAL E 107 -6.24 -15.81 -15.76
CA VAL E 107 -6.09 -15.94 -14.30
C VAL E 107 -5.01 -14.95 -13.90
N TYR E 108 -5.37 -13.93 -13.15
CA TYR E 108 -4.44 -12.90 -12.74
C TYR E 108 -3.91 -13.13 -11.34
N ALA E 109 -2.81 -12.46 -10.99
CA ALA E 109 -2.21 -12.57 -9.67
C ALA E 109 -2.10 -11.15 -9.11
N VAL E 110 -2.23 -10.99 -7.80
CA VAL E 110 -2.13 -9.67 -7.19
C VAL E 110 -1.05 -9.56 -6.08
N THR E 111 0.01 -8.81 -6.36
CA THR E 111 1.08 -8.63 -5.39
C THR E 111 0.41 -7.99 -4.19
N LYS E 112 0.92 -8.28 -3.00
CA LYS E 112 0.33 -7.72 -1.78
C LYS E 112 0.41 -6.19 -1.67
N GLU E 113 1.33 -5.59 -2.41
CA GLU E 113 1.46 -4.14 -2.36
C GLU E 113 0.37 -3.47 -3.19
N ASN E 114 -0.61 -4.25 -3.63
CA ASN E 114 -1.70 -3.69 -4.40
C ASN E 114 -3.03 -4.09 -3.78
N THR E 115 -3.01 -5.20 -3.04
CA THR E 115 -4.18 -5.73 -2.37
C THR E 115 -4.88 -4.66 -1.57
N ILE E 116 -6.21 -4.70 -1.60
CA ILE E 116 -7.04 -3.75 -0.86
C ILE E 116 -7.67 -4.45 0.37
N ILE E 117 -7.43 -3.87 1.54
CA ILE E 117 -7.93 -4.40 2.80
C ILE E 117 -9.42 -4.15 3.01
N ASN E 118 -9.94 -3.13 2.33
CA ASN E 118 -11.34 -2.74 2.39
C ASN E 118 -11.73 -1.98 1.11
N PRO E 119 -13.02 -1.57 0.98
CA PRO E 119 -13.55 -0.84 -0.18
C PRO E 119 -12.94 0.53 -0.47
N SER E 120 -13.80 1.52 -0.71
CA SER E 120 -13.32 2.87 -1.02
C SER E 120 -14.34 3.98 -0.75
N GLU E 121 -14.23 5.04 -1.55
CA GLU E 121 -15.11 6.21 -1.46
C GLU E 121 -16.23 6.09 -2.51
N ASN E 122 -16.61 4.85 -2.80
CA ASN E 122 -17.66 4.56 -3.77
C ASN E 122 -18.40 3.34 -3.21
N GLY E 123 -17.95 2.86 -2.06
CA GLY E 123 -18.54 1.69 -1.44
C GLY E 123 -18.42 0.57 -2.47
N ASP E 124 -17.31 0.60 -3.21
CA ASP E 124 -17.03 -0.37 -4.25
C ASP E 124 -16.17 -1.54 -3.78
N THR E 125 -16.44 -2.72 -4.31
CA THR E 125 -15.73 -3.93 -3.93
C THR E 125 -15.31 -4.79 -5.13
N SER E 126 -15.35 -4.19 -6.32
CA SER E 126 -14.99 -4.87 -7.56
C SER E 126 -13.48 -5.04 -7.77
N THR E 127 -13.12 -6.01 -8.60
CA THR E 127 -11.71 -6.28 -8.89
C THR E 127 -11.18 -5.33 -9.95
N ASN E 128 -11.81 -4.16 -10.06
CA ASN E 128 -11.32 -3.17 -11.01
C ASN E 128 -10.47 -2.29 -10.14
N GLY E 129 -9.33 -1.88 -10.69
CA GLY E 129 -8.43 -1.04 -9.94
C GLY E 129 -7.30 -1.94 -9.51
N ILE E 130 -7.58 -2.83 -8.56
CA ILE E 130 -6.59 -3.76 -8.07
C ILE E 130 -5.63 -4.09 -9.22
N LYS E 131 -4.41 -3.56 -9.16
CA LYS E 131 -3.43 -3.81 -10.22
C LYS E 131 -3.03 -5.27 -10.25
N LYS E 132 -3.69 -5.99 -11.12
CA LYS E 132 -3.47 -7.41 -11.30
C LYS E 132 -2.37 -7.71 -12.30
N ILE E 133 -1.94 -8.95 -12.33
CA ILE E 133 -0.89 -9.38 -13.24
C ILE E 133 -1.32 -10.70 -13.86
N LEU E 134 -1.40 -10.74 -15.18
CA LEU E 134 -1.78 -11.97 -15.84
C LEU E 134 -0.68 -12.98 -15.57
N ILE E 135 -1.04 -14.24 -15.44
CA ILE E 135 -0.07 -15.29 -15.19
C ILE E 135 -0.36 -16.55 -15.98
N PHE E 136 -1.59 -16.66 -16.48
CA PHE E 136 -2.01 -17.81 -17.25
C PHE E 136 -3.20 -17.37 -18.07
N SER E 137 -3.28 -17.86 -19.30
CA SER E 137 -4.37 -17.50 -20.20
C SER E 137 -4.47 -18.40 -21.41
N LYS E 138 -5.10 -19.55 -21.24
CA LYS E 138 -5.28 -20.47 -22.34
C LYS E 138 -6.73 -20.47 -22.77
N LYS E 139 -6.94 -20.58 -24.08
CA LYS E 139 -8.28 -20.59 -24.63
C LYS E 139 -9.13 -21.64 -23.95
N GLY E 140 -10.33 -21.85 -24.49
CA GLY E 140 -11.24 -22.82 -23.93
C GLY E 140 -10.85 -24.25 -24.25
N TYR E 141 -10.51 -24.50 -25.51
CA TYR E 141 -10.15 -25.84 -25.95
C TYR E 141 -8.74 -26.22 -25.52
N GLU E 142 -7.93 -25.24 -25.16
CA GLU E 142 -6.57 -25.54 -24.75
C GLU E 142 -6.60 -25.95 -23.28
N ILE E 143 -7.72 -25.69 -22.62
CA ILE E 143 -7.85 -26.02 -21.21
C ILE E 143 -8.14 -27.49 -21.00
N GLY E 144 -9.42 -27.86 -21.13
CA GLY E 144 -9.82 -29.25 -20.94
C GLY E 144 -9.41 -29.73 -19.55
N ARG F 1 -70.69 -2.87 -60.01
CA ARG F 1 -70.63 -3.48 -61.38
C ARG F 1 -69.18 -3.82 -61.74
N ASP F 2 -68.68 -4.87 -61.10
CA ASP F 2 -67.33 -5.37 -61.28
C ASP F 2 -67.14 -6.28 -60.07
N LYS F 3 -67.20 -7.59 -60.30
CA LYS F 3 -67.05 -8.57 -59.22
C LYS F 3 -65.81 -8.32 -58.33
N ARG F 4 -64.85 -7.57 -58.88
CA ARG F 4 -63.58 -7.21 -58.22
C ARG F 4 -63.63 -6.00 -57.25
N PHE F 5 -64.35 -4.94 -57.61
CA PHE F 5 -64.40 -3.76 -56.76
C PHE F 5 -65.40 -3.75 -55.63
N HIS F 6 -65.04 -3.01 -54.59
CA HIS F 6 -65.87 -2.85 -53.41
C HIS F 6 -66.34 -1.41 -53.51
N TYR F 7 -67.64 -1.16 -53.63
CA TYR F 7 -68.07 0.23 -53.74
C TYR F 7 -68.61 0.88 -52.49
N ASP F 8 -68.92 2.16 -52.65
CA ASP F 8 -69.42 3.00 -51.58
C ASP F 8 -70.87 3.42 -51.78
N ARG F 9 -71.64 3.40 -50.69
CA ARG F 9 -73.05 3.77 -50.70
C ARG F 9 -73.48 4.61 -51.90
N ASN F 10 -72.93 5.83 -51.96
CA ASN F 10 -73.18 6.82 -53.00
C ASN F 10 -72.56 6.34 -54.34
N ASN F 11 -72.56 5.03 -54.55
CA ASN F 11 -72.01 4.42 -55.76
C ASN F 11 -70.53 4.75 -55.95
N ILE F 12 -69.98 5.66 -55.15
CA ILE F 12 -68.57 6.02 -55.25
C ILE F 12 -67.72 4.76 -55.21
N ALA F 13 -66.89 4.56 -56.24
CA ALA F 13 -66.03 3.38 -56.29
C ALA F 13 -64.82 3.67 -55.43
N VAL F 14 -64.44 2.75 -54.54
CA VAL F 14 -63.29 2.98 -53.65
C VAL F 14 -62.30 1.87 -53.28
N GLY F 15 -62.42 0.67 -53.83
CA GLY F 15 -61.45 -0.35 -53.48
C GLY F 15 -61.77 -1.73 -54.00
N ALA F 16 -60.76 -2.37 -54.60
CA ALA F 16 -60.91 -3.70 -55.14
C ALA F 16 -60.24 -4.72 -54.23
N ASP F 17 -60.09 -5.93 -54.74
CA ASP F 17 -59.45 -7.03 -54.02
C ASP F 17 -57.97 -6.91 -54.29
N GLU F 18 -57.17 -7.19 -53.27
CA GLU F 18 -55.73 -7.07 -53.41
C GLU F 18 -55.22 -7.58 -54.75
N SER F 19 -55.47 -8.84 -55.06
CA SER F 19 -55.01 -9.43 -56.29
C SER F 19 -55.32 -8.57 -57.52
N VAL F 20 -56.21 -7.61 -57.36
CA VAL F 20 -56.59 -6.71 -58.45
C VAL F 20 -55.64 -5.53 -58.55
N VAL F 21 -55.31 -4.97 -57.39
CA VAL F 21 -54.40 -3.84 -57.32
C VAL F 21 -53.05 -4.33 -57.74
N LYS F 22 -52.66 -5.49 -57.23
CA LYS F 22 -51.36 -6.08 -57.54
C LYS F 22 -51.15 -6.23 -59.04
N GLU F 23 -52.22 -6.62 -59.73
CA GLU F 23 -52.17 -6.83 -61.16
C GLU F 23 -51.95 -5.60 -62.03
N ALA F 24 -52.25 -4.41 -61.52
CA ALA F 24 -52.06 -3.18 -62.28
C ALA F 24 -50.61 -2.68 -62.23
N HIS F 25 -50.07 -2.60 -61.02
CA HIS F 25 -48.69 -2.15 -60.82
C HIS F 25 -47.78 -3.30 -61.23
N ARG F 26 -48.42 -4.34 -61.74
CA ARG F 26 -47.73 -5.53 -62.20
C ARG F 26 -46.66 -5.18 -63.23
N GLU F 27 -46.92 -4.17 -64.04
CA GLU F 27 -45.94 -3.78 -65.05
C GLU F 27 -45.20 -2.49 -64.72
N VAL F 28 -43.89 -2.59 -64.52
CA VAL F 28 -43.07 -1.43 -64.19
C VAL F 28 -42.26 -0.92 -65.37
N ILE F 29 -42.54 0.30 -65.79
CA ILE F 29 -41.82 0.89 -66.90
C ILE F 29 -40.49 1.46 -66.49
N ASN F 30 -40.31 1.71 -65.20
CA ASN F 30 -39.05 2.28 -64.71
C ASN F 30 -38.98 2.48 -63.19
N SER F 31 -37.84 2.11 -62.61
CA SER F 31 -37.66 2.23 -61.17
C SER F 31 -36.27 2.73 -60.82
N SER F 32 -36.19 3.75 -59.98
CA SER F 32 -34.92 4.31 -59.58
C SER F 32 -35.02 4.80 -58.16
N THR F 33 -33.89 5.19 -57.57
CA THR F 33 -33.89 5.68 -56.20
C THR F 33 -34.64 7.01 -56.05
N GLU F 34 -35.37 7.38 -57.11
CA GLU F 34 -36.13 8.62 -57.11
C GLU F 34 -37.62 8.33 -57.26
N GLY F 35 -37.96 7.12 -57.73
CA GLY F 35 -39.36 6.78 -57.87
C GLY F 35 -39.70 5.77 -58.96
N LEU F 36 -40.86 5.13 -58.83
CA LEU F 36 -41.30 4.17 -59.82
C LEU F 36 -41.66 4.93 -61.09
N LEU F 37 -42.51 4.33 -61.91
CA LEU F 37 -42.96 4.92 -63.16
C LEU F 37 -43.83 3.93 -63.90
N LEU F 38 -44.30 2.91 -63.21
CA LEU F 38 -45.14 1.91 -63.81
C LEU F 38 -46.30 2.50 -64.61
N ASN F 39 -47.09 1.60 -65.19
CA ASN F 39 -48.23 1.98 -66.00
C ASN F 39 -49.49 1.56 -65.26
N ILE F 40 -50.14 2.52 -64.58
CA ILE F 40 -51.37 2.25 -63.83
C ILE F 40 -52.60 2.64 -64.62
N ASP F 41 -53.59 1.76 -64.59
CA ASP F 41 -54.83 1.93 -65.32
C ASP F 41 -55.83 2.85 -64.60
N LYS F 42 -56.51 3.69 -65.37
CA LYS F 42 -57.50 4.64 -64.83
C LYS F 42 -58.61 4.01 -64.00
N ASP F 43 -58.91 2.74 -64.26
CA ASP F 43 -59.97 2.09 -63.50
C ASP F 43 -59.54 2.00 -62.06
N ILE F 44 -58.26 1.68 -61.87
CA ILE F 44 -57.67 1.56 -60.52
C ILE F 44 -57.20 2.91 -59.98
N ARG F 45 -56.42 3.62 -60.78
CA ARG F 45 -55.88 4.94 -60.42
C ARG F 45 -56.90 5.70 -59.56
N LYS F 46 -58.17 5.39 -59.77
CA LYS F 46 -59.27 6.03 -59.06
C LYS F 46 -59.40 5.64 -57.58
N ILE F 47 -59.52 4.34 -57.30
CA ILE F 47 -59.70 3.87 -55.94
C ILE F 47 -58.53 4.11 -55.00
N LEU F 48 -57.33 4.23 -55.52
CA LEU F 48 -56.17 4.43 -54.66
C LEU F 48 -56.06 5.87 -54.18
N SER F 49 -55.63 6.04 -52.95
CA SER F 49 -55.50 7.38 -52.41
C SER F 49 -54.03 7.76 -52.39
N GLY F 50 -53.16 6.76 -52.35
CA GLY F 50 -51.74 7.05 -52.32
C GLY F 50 -50.88 5.81 -52.13
N TYR F 51 -49.58 6.02 -51.96
CA TYR F 51 -48.68 4.92 -51.78
C TYR F 51 -47.78 5.13 -50.57
N ILE F 52 -47.20 4.04 -50.05
CA ILE F 52 -46.30 4.08 -48.90
C ILE F 52 -44.96 3.41 -49.24
N VAL F 53 -43.89 4.19 -49.23
CA VAL F 53 -42.58 3.68 -49.58
C VAL F 53 -41.78 3.34 -48.34
N GLU F 54 -41.16 2.17 -48.30
CA GLU F 54 -40.35 1.82 -47.15
C GLU F 54 -39.09 1.06 -47.56
N ILE F 55 -38.06 1.19 -46.74
CA ILE F 55 -36.81 0.52 -47.00
C ILE F 55 -36.61 -0.54 -45.94
N GLU F 56 -36.66 -1.80 -46.35
CA GLU F 56 -36.52 -2.89 -45.41
C GLU F 56 -35.12 -3.45 -45.44
N ASP F 57 -34.44 -3.41 -44.30
CA ASP F 57 -33.06 -3.90 -44.21
C ASP F 57 -32.98 -5.41 -44.12
N THR F 58 -31.82 -5.96 -44.50
CA THR F 58 -31.58 -7.40 -44.49
C THR F 58 -32.05 -8.10 -43.23
N GLU F 59 -31.73 -7.53 -42.07
CA GLU F 59 -32.14 -8.12 -40.82
C GLU F 59 -33.64 -8.22 -40.80
N GLY F 60 -34.31 -7.07 -40.80
CA GLY F 60 -35.76 -7.09 -40.80
C GLY F 60 -36.40 -5.81 -40.35
N LEU F 61 -35.61 -4.76 -40.16
CA LEU F 61 -36.15 -3.49 -39.72
C LEU F 61 -36.58 -2.69 -40.93
N LYS F 62 -37.81 -2.16 -40.86
CA LYS F 62 -38.37 -1.39 -41.96
C LYS F 62 -38.58 0.09 -41.62
N GLU F 63 -38.11 0.98 -42.51
CA GLU F 63 -38.25 2.43 -42.33
C GLU F 63 -39.20 2.98 -43.36
N VAL F 64 -40.21 3.71 -42.92
CA VAL F 64 -41.16 4.25 -43.85
C VAL F 64 -40.68 5.62 -44.26
N ILE F 65 -40.45 5.83 -45.55
CA ILE F 65 -39.99 7.13 -46.00
C ILE F 65 -41.04 8.21 -45.76
N ASN F 66 -42.18 8.12 -46.43
CA ASN F 66 -43.22 9.09 -46.26
C ASN F 66 -44.16 8.65 -45.15
N ASP F 67 -43.58 8.28 -44.02
CA ASP F 67 -44.33 7.82 -42.85
C ASP F 67 -45.27 8.91 -42.34
N ARG F 68 -46.42 9.06 -42.98
CA ARG F 68 -47.35 10.09 -42.55
C ARG F 68 -48.77 9.82 -43.07
N TYR F 69 -49.75 9.98 -42.20
CA TYR F 69 -51.13 9.72 -42.55
C TYR F 69 -51.67 10.58 -43.69
N ASP F 70 -50.91 11.59 -44.11
CA ASP F 70 -51.34 12.46 -45.20
C ASP F 70 -50.28 12.73 -46.27
N MET F 71 -49.11 12.12 -46.14
CA MET F 71 -48.08 12.29 -47.15
C MET F 71 -48.28 11.15 -48.13
N LEU F 72 -49.33 10.38 -47.86
CA LEU F 72 -49.69 9.23 -48.66
C LEU F 72 -49.73 9.38 -50.16
N ASN F 73 -50.06 10.56 -50.68
CA ASN F 73 -50.14 10.67 -52.14
C ASN F 73 -48.87 11.21 -52.79
N ILE F 74 -48.05 10.30 -53.29
CA ILE F 74 -46.82 10.66 -53.95
C ILE F 74 -46.91 10.28 -55.42
N SER F 75 -48.09 9.86 -55.83
CA SER F 75 -48.31 9.47 -57.22
C SER F 75 -48.66 10.71 -58.01
N SER F 76 -48.68 10.60 -59.33
CA SER F 76 -49.00 11.72 -60.22
C SER F 76 -48.93 11.37 -61.71
N LEU F 77 -50.08 11.43 -62.37
CA LEU F 77 -50.20 11.06 -63.79
C LEU F 77 -49.62 12.08 -64.76
N ARG F 78 -48.94 11.59 -65.81
CA ARG F 78 -48.33 12.48 -66.80
C ARG F 78 -49.11 12.68 -68.10
N GLN F 79 -48.34 13.06 -69.14
CA GLN F 79 -48.87 13.33 -70.48
C GLN F 79 -49.25 12.05 -71.19
N ASP F 80 -48.31 11.11 -71.20
CA ASP F 80 -48.50 9.81 -71.82
C ASP F 80 -49.25 8.92 -70.85
N GLY F 81 -49.92 9.55 -69.89
CA GLY F 81 -50.69 8.84 -68.90
C GLY F 81 -49.97 7.80 -68.05
N LYS F 82 -48.72 8.06 -67.75
CA LYS F 82 -47.97 7.13 -66.94
C LYS F 82 -47.82 7.67 -65.52
N THR F 83 -48.14 6.83 -64.54
CA THR F 83 -48.05 7.19 -63.13
C THR F 83 -46.64 7.17 -62.62
N PHE F 84 -46.19 8.25 -62.00
CA PHE F 84 -44.84 8.29 -61.48
C PHE F 84 -44.90 8.45 -59.99
N ILE F 85 -44.55 7.40 -59.27
CA ILE F 85 -44.56 7.47 -57.82
C ILE F 85 -43.28 8.18 -57.43
N ASP F 86 -43.42 9.29 -56.73
CA ASP F 86 -42.29 10.12 -56.35
C ASP F 86 -41.72 9.88 -54.95
N PHE F 87 -40.64 9.11 -54.85
CA PHE F 87 -40.03 8.84 -53.55
C PHE F 87 -39.50 10.13 -52.98
N LYS F 88 -38.64 10.76 -53.76
CA LYS F 88 -37.96 12.01 -53.46
C LYS F 88 -38.85 13.11 -52.91
N LYS F 89 -40.13 13.05 -53.22
CA LYS F 89 -41.11 14.07 -52.79
C LYS F 89 -41.18 14.43 -51.30
N TYR F 90 -41.45 13.44 -50.47
CA TYR F 90 -41.59 13.65 -49.04
C TYR F 90 -40.42 13.19 -48.20
N ASN F 91 -39.28 12.98 -48.86
CA ASN F 91 -38.06 12.57 -48.18
C ASN F 91 -37.18 13.82 -48.17
N ASP F 92 -37.80 14.96 -47.88
CA ASP F 92 -37.11 16.23 -47.84
C ASP F 92 -36.23 16.45 -49.07
N LYS F 93 -36.84 16.50 -50.24
CA LYS F 93 -36.09 16.76 -51.46
C LYS F 93 -34.90 15.85 -51.77
N LEU F 94 -34.78 14.74 -51.06
CA LEU F 94 -33.69 13.82 -51.31
C LEU F 94 -34.21 12.51 -51.85
N PRO F 95 -33.42 11.83 -52.68
CA PRO F 95 -33.85 10.55 -53.25
C PRO F 95 -33.53 9.44 -52.26
N LEU F 96 -34.07 8.27 -52.49
CA LEU F 96 -33.84 7.17 -51.59
C LEU F 96 -32.36 6.83 -51.40
N TYR F 97 -31.98 6.61 -50.14
CA TYR F 97 -30.61 6.24 -49.78
C TYR F 97 -30.54 4.75 -49.44
N ILE F 98 -30.00 3.95 -50.35
CA ILE F 98 -29.86 2.51 -50.16
C ILE F 98 -28.38 2.20 -49.87
N SER F 99 -28.08 1.84 -48.62
CA SER F 99 -26.72 1.56 -48.21
C SER F 99 -26.32 0.09 -48.27
N ASN F 100 -26.96 -0.69 -49.13
CA ASN F 100 -26.65 -2.10 -49.23
C ASN F 100 -27.57 -2.81 -50.21
N PRO F 101 -27.01 -3.28 -51.33
CA PRO F 101 -27.72 -3.97 -52.39
C PRO F 101 -28.86 -4.88 -51.94
N ASN F 102 -28.70 -5.54 -50.81
CA ASN F 102 -29.75 -6.45 -50.38
C ASN F 102 -30.91 -5.84 -49.61
N TYR F 103 -30.93 -4.52 -49.49
CA TYR F 103 -32.04 -3.87 -48.80
C TYR F 103 -33.16 -3.81 -49.83
N LYS F 104 -34.37 -4.21 -49.46
CA LYS F 104 -35.48 -4.20 -50.39
C LYS F 104 -36.11 -2.82 -50.31
N VAL F 105 -36.80 -2.42 -51.37
CA VAL F 105 -37.44 -1.11 -51.40
C VAL F 105 -38.92 -1.22 -51.64
N ASN F 106 -39.67 -1.64 -50.64
CA ASN F 106 -41.10 -1.81 -50.76
C ASN F 106 -41.88 -0.51 -51.03
N VAL F 107 -42.96 -0.63 -51.81
CA VAL F 107 -43.83 0.49 -52.13
C VAL F 107 -45.24 -0.03 -52.06
N TYR F 108 -46.00 0.46 -51.09
CA TYR F 108 -47.37 0.02 -50.87
C TYR F 108 -48.38 0.99 -51.45
N ALA F 109 -49.62 0.51 -51.63
CA ALA F 109 -50.71 1.33 -52.16
C ALA F 109 -51.87 1.28 -51.18
N VAL F 110 -52.59 2.38 -51.03
CA VAL F 110 -53.71 2.41 -50.09
C VAL F 110 -55.06 2.72 -50.76
N THR F 111 -55.99 1.76 -50.70
CA THR F 111 -57.31 1.93 -51.30
C THR F 111 -57.97 3.01 -50.46
N LYS F 112 -58.77 3.85 -51.10
CA LYS F 112 -59.44 4.95 -50.42
C LYS F 112 -60.31 4.52 -49.27
N GLU F 113 -60.82 3.28 -49.31
CA GLU F 113 -61.68 2.81 -48.23
C GLU F 113 -60.89 2.50 -46.94
N ASN F 114 -59.60 2.81 -46.93
CA ASN F 114 -58.77 2.55 -45.76
C ASN F 114 -58.09 3.84 -45.36
N THR F 115 -57.96 4.75 -46.31
CA THR F 115 -57.32 6.03 -46.08
C THR F 115 -57.93 6.73 -44.88
N ILE F 116 -57.06 7.37 -44.09
CA ILE F 116 -57.47 8.14 -42.90
C ILE F 116 -57.44 9.66 -43.15
N ILE F 117 -58.60 10.28 -42.95
CA ILE F 117 -58.77 11.70 -43.16
C ILE F 117 -58.08 12.52 -42.06
N ASN F 118 -57.99 11.91 -40.87
CA ASN F 118 -57.34 12.53 -39.71
C ASN F 118 -56.72 11.47 -38.78
N PRO F 119 -56.06 11.90 -37.68
CA PRO F 119 -55.41 11.00 -36.71
C PRO F 119 -56.34 10.04 -35.97
N SER F 120 -56.16 9.97 -34.65
CA SER F 120 -56.97 9.07 -33.84
C SER F 120 -57.16 9.50 -32.36
N GLU F 121 -57.27 8.47 -31.51
CA GLU F 121 -57.43 8.63 -30.07
C GLU F 121 -56.07 8.39 -29.40
N ASN F 122 -55.00 8.63 -30.18
CA ASN F 122 -53.60 8.48 -29.72
C ASN F 122 -52.81 9.65 -30.32
N GLY F 123 -53.54 10.55 -31.01
CA GLY F 123 -52.91 11.71 -31.62
C GLY F 123 -51.80 11.16 -32.45
N ASP F 124 -52.09 10.03 -33.09
CA ASP F 124 -51.12 9.31 -33.92
C ASP F 124 -51.32 9.62 -35.41
N THR F 125 -50.22 9.65 -36.15
CA THR F 125 -50.27 9.97 -37.56
C THR F 125 -49.40 9.04 -38.41
N SER F 126 -48.97 7.94 -37.82
CA SER F 126 -48.11 6.97 -38.50
C SER F 126 -48.81 6.10 -39.53
N THR F 127 -48.03 5.52 -40.43
CA THR F 127 -48.59 4.66 -41.46
C THR F 127 -48.80 3.26 -40.96
N ASN F 128 -48.98 3.12 -39.65
CA ASN F 128 -49.28 1.80 -39.10
C ASN F 128 -50.77 1.81 -39.01
N GLY F 129 -51.39 0.68 -39.30
CA GLY F 129 -52.84 0.61 -39.26
C GLY F 129 -53.30 0.65 -40.69
N ILE F 130 -53.18 1.83 -41.29
CA ILE F 130 -53.56 2.04 -42.69
C ILE F 130 -53.33 0.73 -43.43
N LYS F 131 -54.41 0.00 -43.69
CA LYS F 131 -54.27 -1.26 -44.39
C LYS F 131 -53.72 -1.02 -45.78
N LYS F 132 -52.41 -1.21 -45.91
CA LYS F 132 -51.72 -1.01 -47.17
C LYS F 132 -51.64 -2.30 -47.99
N ILE F 133 -51.27 -2.15 -49.25
CA ILE F 133 -51.15 -3.28 -50.15
C ILE F 133 -49.84 -3.16 -50.93
N LEU F 134 -48.99 -4.17 -50.82
CA LEU F 134 -47.73 -4.12 -51.53
C LEU F 134 -48.02 -4.16 -53.03
N ILE F 135 -47.24 -3.43 -53.82
CA ILE F 135 -47.45 -3.41 -55.26
C ILE F 135 -46.12 -3.51 -56.00
N PHE F 136 -45.02 -3.22 -55.31
CA PHE F 136 -43.68 -3.28 -55.88
C PHE F 136 -42.69 -3.52 -54.76
N SER F 137 -41.69 -4.35 -55.02
CA SER F 137 -40.68 -4.66 -54.03
C SER F 137 -39.44 -5.33 -54.59
N LYS F 138 -38.54 -4.51 -55.11
CA LYS F 138 -37.31 -5.01 -55.67
C LYS F 138 -36.16 -4.67 -54.75
N LYS F 139 -35.20 -5.58 -54.63
CA LYS F 139 -34.05 -5.37 -53.78
C LYS F 139 -33.29 -4.15 -54.22
N GLY F 140 -32.25 -3.84 -53.49
CA GLY F 140 -31.46 -2.66 -53.78
C GLY F 140 -30.78 -2.67 -55.11
N TYR F 141 -30.11 -3.78 -55.44
CA TYR F 141 -29.37 -3.93 -56.70
C TYR F 141 -30.25 -4.16 -57.91
N GLU F 142 -31.51 -4.56 -57.68
CA GLU F 142 -32.45 -4.79 -58.76
C GLU F 142 -33.05 -3.46 -59.19
N ILE F 143 -32.93 -2.46 -58.32
CA ILE F 143 -33.45 -1.12 -58.59
C ILE F 143 -32.57 -0.36 -59.57
N GLY F 144 -31.53 0.30 -59.05
CA GLY F 144 -30.66 1.06 -59.91
C GLY F 144 -31.40 2.16 -60.67
N ASP G 2 2.04 33.03 -4.67
CA ASP G 2 2.45 34.29 -3.98
C ASP G 2 3.92 34.66 -4.25
N LYS G 3 4.57 35.23 -3.25
CA LYS G 3 5.98 35.62 -3.37
C LYS G 3 6.83 34.85 -2.35
N ARG G 4 6.16 34.10 -1.48
CA ARG G 4 6.84 33.32 -0.44
C ARG G 4 7.43 32.04 -1.00
N PHE G 5 6.74 31.48 -1.98
CA PHE G 5 7.18 30.22 -2.59
C PHE G 5 8.40 30.26 -3.47
N HIS G 6 9.08 29.12 -3.53
CA HIS G 6 10.28 28.95 -4.34
C HIS G 6 9.90 28.10 -5.53
N TYR G 7 10.40 28.49 -6.70
CA TYR G 7 10.03 27.76 -7.90
C TYR G 7 11.06 27.00 -8.69
N ASP G 8 10.56 26.01 -9.42
CA ASP G 8 11.35 25.16 -10.29
C ASP G 8 11.50 26.04 -11.53
N ARG G 9 12.48 25.77 -12.38
CA ARG G 9 12.62 26.58 -13.58
C ARG G 9 11.22 26.76 -14.16
N ASN G 10 10.48 25.65 -14.25
CA ASN G 10 9.11 25.63 -14.79
C ASN G 10 8.18 26.49 -13.94
N ASN G 11 8.78 27.41 -13.20
CA ASN G 11 8.03 28.29 -12.30
C ASN G 11 6.82 27.53 -11.76
N ILE G 12 7.16 26.48 -11.00
CA ILE G 12 6.24 25.57 -10.31
C ILE G 12 6.49 25.78 -8.81
N ALA G 13 5.47 25.54 -8.00
CA ALA G 13 5.59 25.67 -6.55
C ALA G 13 6.16 24.36 -6.01
N VAL G 14 7.34 24.41 -5.39
CA VAL G 14 7.98 23.23 -4.81
C VAL G 14 8.17 23.40 -3.32
N GLY G 15 8.32 24.65 -2.90
CA GLY G 15 8.53 24.93 -1.50
C GLY G 15 8.59 26.41 -1.14
N ALA G 16 8.13 26.74 0.04
CA ALA G 16 8.11 28.13 0.49
C ALA G 16 9.21 28.35 1.49
N ASP G 17 9.10 29.45 2.22
CA ASP G 17 10.05 29.83 3.25
C ASP G 17 9.55 29.15 4.52
N GLU G 18 10.47 28.69 5.36
CA GLU G 18 10.06 28.01 6.58
C GLU G 18 8.91 28.69 7.30
N SER G 19 9.09 29.97 7.61
CA SER G 19 8.09 30.75 8.33
C SER G 19 6.70 30.66 7.72
N VAL G 20 6.64 30.17 6.47
CA VAL G 20 5.38 30.02 5.75
C VAL G 20 4.73 28.68 6.05
N VAL G 21 5.55 27.62 6.07
CA VAL G 21 5.06 26.26 6.36
C VAL G 21 4.63 26.23 7.81
N LYS G 22 5.47 26.80 8.69
CA LYS G 22 5.20 26.85 10.13
C LYS G 22 3.83 27.48 10.42
N GLU G 23 3.51 28.51 9.66
CA GLU G 23 2.25 29.23 9.84
C GLU G 23 0.98 28.44 9.51
N ALA G 24 1.09 27.41 8.68
CA ALA G 24 -0.08 26.63 8.30
C ALA G 24 -0.45 25.58 9.34
N HIS G 25 0.55 24.81 9.78
CA HIS G 25 0.34 23.78 10.78
C HIS G 25 0.23 24.48 12.13
N ARG G 26 0.30 25.79 12.07
CA ARG G 26 0.20 26.66 13.21
C ARG G 26 -1.03 26.33 14.07
N GLU G 27 -2.12 25.89 13.42
CA GLU G 27 -3.38 25.58 14.10
C GLU G 27 -3.60 24.09 14.14
N VAL G 28 -3.61 23.52 15.34
CA VAL G 28 -3.81 22.09 15.48
C VAL G 28 -5.20 21.78 16.00
N ILE G 29 -5.96 21.03 15.21
CA ILE G 29 -7.34 20.67 15.58
C ILE G 29 -7.37 19.47 16.53
N ASN G 30 -6.31 18.66 16.49
CA ASN G 30 -6.23 17.48 17.35
C ASN G 30 -4.91 16.72 17.31
N SER G 31 -4.40 16.35 18.48
CA SER G 31 -3.15 15.62 18.57
C SER G 31 -3.25 14.49 19.61
N SER G 32 -2.78 13.31 19.22
CA SER G 32 -2.82 12.15 20.09
C SER G 32 -1.65 11.26 19.75
N THR G 33 -1.46 10.21 20.54
CA THR G 33 -0.37 9.29 20.28
C THR G 33 -0.63 8.44 19.04
N GLU G 34 -1.60 8.88 18.22
CA GLU G 34 -1.94 8.18 16.98
C GLU G 34 -1.74 9.08 15.77
N GLY G 35 -1.67 10.39 16.00
CA GLY G 35 -1.46 11.33 14.91
C GLY G 35 -2.02 12.72 15.14
N LEU G 36 -1.58 13.68 14.34
CA LEU G 36 -2.06 15.05 14.44
C LEU G 36 -3.41 15.08 13.75
N LEU G 37 -3.85 16.28 13.38
CA LEU G 37 -5.14 16.42 12.73
C LEU G 37 -5.38 17.88 12.42
N LEU G 38 -4.30 18.64 12.47
CA LEU G 38 -4.35 20.07 12.20
C LEU G 38 -5.09 20.39 10.91
N ASN G 39 -5.20 21.70 10.64
CA ASN G 39 -5.87 22.20 9.46
C ASN G 39 -4.84 22.82 8.48
N ILE G 40 -4.45 22.04 7.47
CA ILE G 40 -3.48 22.48 6.48
C ILE G 40 -4.16 22.96 5.21
N ASP G 41 -3.68 24.12 4.73
CA ASP G 41 -4.20 24.76 3.54
C ASP G 41 -3.71 24.14 2.23
N LYS G 42 -4.59 24.06 1.25
CA LYS G 42 -4.29 23.49 -0.07
C LYS G 42 -3.12 24.14 -0.80
N ASP G 43 -2.90 25.42 -0.58
CA ASP G 43 -1.79 26.09 -1.23
C ASP G 43 -0.49 25.45 -0.78
N ILE G 44 -0.42 25.11 0.51
CA ILE G 44 0.77 24.47 1.09
C ILE G 44 0.73 22.97 0.83
N ARG G 45 -0.39 22.37 1.21
CA ARG G 45 -0.61 20.93 1.07
C ARG G 45 0.08 20.41 -0.16
N LYS G 46 0.24 21.28 -1.15
CA LYS G 46 0.87 20.93 -2.41
C LYS G 46 2.39 20.77 -2.40
N ILE G 47 3.08 21.78 -1.88
CA ILE G 47 4.53 21.74 -1.86
C ILE G 47 5.15 20.66 -0.98
N LEU G 48 4.43 20.23 0.06
CA LEU G 48 4.93 19.20 0.97
C LEU G 48 4.80 17.80 0.41
N SER G 49 5.87 17.02 0.59
CA SER G 49 5.89 15.65 0.11
C SER G 49 5.56 14.71 1.27
N GLY G 50 5.79 15.16 2.50
CA GLY G 50 5.50 14.31 3.66
C GLY G 50 5.97 14.87 4.99
N TYR G 51 5.86 14.07 6.03
CA TYR G 51 6.27 14.50 7.34
C TYR G 51 7.21 13.50 8.02
N ILE G 52 7.90 13.95 9.04
CA ILE G 52 8.82 13.10 9.79
C ILE G 52 8.46 13.24 11.26
N VAL G 53 8.16 12.11 11.90
CA VAL G 53 7.81 12.10 13.31
C VAL G 53 8.95 11.56 14.15
N GLU G 54 9.27 12.23 15.26
CA GLU G 54 10.35 11.74 16.10
C GLU G 54 10.06 11.98 17.57
N ILE G 55 10.61 11.13 18.42
CA ILE G 55 10.42 11.24 19.85
C ILE G 55 11.76 11.60 20.49
N GLU G 56 11.85 12.84 20.98
CA GLU G 56 13.07 13.32 21.60
C GLU G 56 13.03 13.19 23.09
N ASP G 57 13.93 12.39 23.67
CA ASP G 57 13.96 12.18 25.11
C ASP G 57 14.55 13.35 25.89
N THR G 58 14.22 13.44 27.18
CA THR G 58 14.66 14.53 28.03
C THR G 58 16.13 14.86 27.90
N GLU G 59 16.97 13.82 27.94
CA GLU G 59 18.41 14.01 27.80
C GLU G 59 18.71 14.74 26.49
N GLY G 60 18.47 14.05 25.37
CA GLY G 60 18.70 14.66 24.09
C GLY G 60 18.77 13.69 22.94
N LEU G 61 18.37 12.44 23.14
CA LEU G 61 18.40 11.45 22.07
C LEU G 61 17.07 11.45 21.34
N LYS G 62 17.13 11.51 20.02
CA LYS G 62 15.93 11.56 19.21
C LYS G 62 15.73 10.31 18.35
N GLU G 63 14.54 9.74 18.40
CA GLU G 63 14.24 8.54 17.61
C GLU G 63 13.22 8.88 16.53
N VAL G 64 13.56 8.60 15.28
CA VAL G 64 12.65 8.90 14.17
C VAL G 64 11.76 7.70 13.96
N ILE G 65 10.46 7.88 14.14
CA ILE G 65 9.50 6.79 13.97
C ILE G 65 9.53 6.23 12.55
N ASN G 66 9.11 7.03 11.58
CA ASN G 66 9.08 6.63 10.18
C ASN G 66 10.42 6.93 9.52
N ASP G 67 11.49 6.63 10.24
CA ASP G 67 12.83 6.87 9.76
C ASP G 67 13.09 6.22 8.42
N ARG G 68 12.57 6.81 7.35
CA ARG G 68 12.79 6.20 6.05
C ARG G 68 12.62 7.20 4.91
N TYR G 69 13.54 7.12 3.94
CA TYR G 69 13.52 8.05 2.83
C TYR G 69 12.25 8.00 1.98
N ASP G 70 11.37 7.03 2.24
CA ASP G 70 10.14 6.93 1.45
C ASP G 70 8.89 6.68 2.28
N MET G 71 9.04 6.61 3.59
CA MET G 71 7.89 6.43 4.46
C MET G 71 7.44 7.85 4.81
N LEU G 72 8.15 8.82 4.25
CA LEU G 72 7.86 10.22 4.48
C LEU G 72 6.42 10.66 4.42
N ASN G 73 5.59 9.99 3.63
CA ASN G 73 4.21 10.45 3.55
C ASN G 73 3.23 9.72 4.44
N ILE G 74 2.94 10.34 5.57
CA ILE G 74 2.01 9.81 6.54
C ILE G 74 0.83 10.77 6.68
N SER G 75 0.73 11.70 5.73
CA SER G 75 -0.36 12.67 5.70
C SER G 75 -1.47 12.13 4.82
N SER G 76 -2.66 12.72 4.96
CA SER G 76 -3.83 12.31 4.18
C SER G 76 -5.04 13.21 4.45
N LEU G 77 -5.59 13.79 3.38
CA LEU G 77 -6.73 14.71 3.44
C LEU G 77 -8.08 14.02 3.51
N ARG G 78 -8.96 14.53 4.36
CA ARG G 78 -10.28 13.94 4.54
C ARG G 78 -11.45 14.61 3.79
N GLN G 79 -12.66 14.31 4.26
CA GLN G 79 -13.92 14.81 3.73
C GLN G 79 -14.07 16.32 3.98
N ASP G 80 -13.89 16.71 5.24
CA ASP G 80 -13.97 18.11 5.69
C ASP G 80 -12.64 18.83 5.41
N GLY G 81 -11.86 18.23 4.51
CA GLY G 81 -10.58 18.75 4.08
C GLY G 81 -9.58 18.99 5.18
N LYS G 82 -9.58 18.11 6.18
CA LYS G 82 -8.64 18.27 7.27
C LYS G 82 -7.54 17.23 7.14
N THR G 83 -6.29 17.67 7.30
CA THR G 83 -5.14 16.77 7.19
C THR G 83 -4.88 16.01 8.48
N PHE G 84 -4.77 14.69 8.36
CA PHE G 84 -4.50 13.86 9.51
C PHE G 84 -3.15 13.20 9.33
N ILE G 85 -2.18 13.59 10.14
CA ILE G 85 -0.87 12.98 10.04
C ILE G 85 -0.97 11.69 10.84
N ASP G 86 -0.61 10.59 10.19
CA ASP G 86 -0.74 9.29 10.82
C ASP G 86 0.55 8.72 11.38
N PHE G 87 0.74 8.85 12.69
CA PHE G 87 1.94 8.33 13.35
C PHE G 87 1.93 6.83 13.27
N LYS G 88 0.83 6.25 13.73
CA LYS G 88 0.58 4.83 13.77
C LYS G 88 0.88 4.05 12.47
N LYS G 89 0.78 4.76 11.34
CA LYS G 89 1.00 4.19 10.01
C LYS G 89 2.28 3.39 9.75
N TYR G 90 3.44 4.00 9.95
CA TYR G 90 4.69 3.31 9.69
C TYR G 90 5.44 2.82 10.94
N ASN G 91 4.72 2.79 12.06
CA ASN G 91 5.26 2.34 13.33
C ASN G 91 4.68 0.95 13.56
N ASP G 92 4.67 0.15 12.50
CA ASP G 92 4.14 -1.22 12.52
C ASP G 92 2.80 -1.33 13.22
N LYS G 93 1.80 -0.63 12.70
CA LYS G 93 0.45 -0.69 13.24
C LYS G 93 0.27 -0.28 14.71
N LEU G 94 1.33 0.21 15.34
CA LEU G 94 1.24 0.64 16.73
C LEU G 94 1.30 2.15 16.85
N PRO G 95 0.59 2.72 17.85
CA PRO G 95 0.58 4.17 18.08
C PRO G 95 1.85 4.54 18.83
N LEU G 96 2.09 5.84 18.98
CA LEU G 96 3.30 6.29 19.66
C LEU G 96 3.40 5.91 21.14
N TYR G 97 4.58 5.41 21.51
CA TYR G 97 4.87 5.01 22.88
C TYR G 97 5.70 6.07 23.60
N ILE G 98 5.05 6.85 24.47
CA ILE G 98 5.72 7.89 25.24
C ILE G 98 5.85 7.41 26.69
N SER G 99 7.08 7.10 27.09
CA SER G 99 7.36 6.59 28.44
C SER G 99 7.78 7.63 29.45
N ASN G 100 7.37 8.88 29.23
CA ASN G 100 7.73 9.97 30.14
C ASN G 100 7.19 11.30 29.67
N PRO G 101 6.22 11.85 30.41
CA PRO G 101 5.58 13.13 30.11
C PRO G 101 6.47 14.20 29.48
N ASN G 102 7.73 14.21 29.86
CA ASN G 102 8.65 15.24 29.36
C ASN G 102 9.36 14.90 28.03
N TYR G 103 8.95 13.82 27.39
CA TYR G 103 9.54 13.48 26.09
C TYR G 103 8.75 14.32 25.09
N LYS G 104 9.42 15.02 24.19
CA LYS G 104 8.72 15.84 23.21
C LYS G 104 8.41 14.95 22.03
N VAL G 105 7.38 15.30 21.24
CA VAL G 105 6.98 14.53 20.07
C VAL G 105 7.00 15.37 18.80
N ASN G 106 8.19 15.73 18.34
CA ASN G 106 8.36 16.54 17.15
C ASN G 106 7.79 15.90 15.88
N VAL G 107 7.26 16.73 14.99
CA VAL G 107 6.73 16.28 13.71
C VAL G 107 7.19 17.26 12.66
N TYR G 108 8.04 16.79 11.77
CA TYR G 108 8.62 17.64 10.72
C TYR G 108 7.87 17.49 9.39
N ALA G 109 8.05 18.47 8.50
CA ALA G 109 7.42 18.46 7.19
C ALA G 109 8.53 18.63 6.16
N VAL G 110 8.42 17.98 5.01
CA VAL G 110 9.47 18.10 3.99
C VAL G 110 8.98 18.69 2.67
N THR G 111 9.54 19.84 2.30
CA THR G 111 9.17 20.49 1.04
C THR G 111 9.64 19.55 -0.05
N LYS G 112 8.87 19.47 -1.13
CA LYS G 112 9.21 18.58 -2.23
C LYS G 112 10.57 18.88 -2.86
N GLU G 113 11.05 20.12 -2.71
CA GLU G 113 12.33 20.47 -3.30
C GLU G 113 13.50 19.92 -2.50
N ASN G 114 13.18 19.12 -1.48
CA ASN G 114 14.22 18.49 -0.65
C ASN G 114 14.06 16.98 -0.62
N THR G 115 12.84 16.54 -0.91
CA THR G 115 12.52 15.12 -0.94
C THR G 115 13.53 14.39 -1.82
N ILE G 116 13.89 13.17 -1.38
CA ILE G 116 14.80 12.28 -2.11
C ILE G 116 14.01 11.11 -2.74
N ILE G 117 14.13 11.00 -4.06
CA ILE G 117 13.44 10.00 -4.83
C ILE G 117 14.07 8.62 -4.65
N ASN G 118 15.33 8.61 -4.23
CA ASN G 118 16.10 7.39 -3.99
C ASN G 118 17.28 7.65 -3.03
N PRO G 119 18.00 6.58 -2.62
CA PRO G 119 19.14 6.67 -1.70
C PRO G 119 20.30 7.60 -2.14
N SER G 120 21.52 7.10 -1.97
CA SER G 120 22.72 7.87 -2.32
C SER G 120 23.96 7.02 -2.67
N GLU G 121 25.13 7.58 -2.33
CA GLU G 121 26.43 6.94 -2.54
C GLU G 121 26.95 6.33 -1.22
N ASN G 122 26.00 5.89 -0.38
CA ASN G 122 26.28 5.27 0.91
C ASN G 122 25.21 4.17 1.09
N GLY G 123 24.35 4.02 0.08
CA GLY G 123 23.29 3.03 0.16
C GLY G 123 22.50 3.36 1.43
N ASP G 124 22.39 4.66 1.69
CA ASP G 124 21.70 5.19 2.87
C ASP G 124 20.23 5.59 2.60
N THR G 125 19.36 5.30 3.57
CA THR G 125 17.94 5.59 3.41
C THR G 125 17.35 6.31 4.62
N SER G 126 18.23 6.83 5.47
CA SER G 126 17.81 7.53 6.68
C SER G 126 17.23 8.93 6.44
N THR G 127 16.48 9.43 7.42
CA THR G 127 15.88 10.75 7.32
C THR G 127 16.87 11.85 7.75
N ASN G 128 18.15 11.54 7.72
CA ASN G 128 19.17 12.53 8.04
C ASN G 128 19.51 13.10 6.69
N GLY G 129 19.71 14.41 6.62
CA GLY G 129 20.02 15.03 5.35
C GLY G 129 18.77 15.72 4.90
N ILE G 130 17.75 14.94 4.53
CA ILE G 130 16.48 15.49 4.11
C ILE G 130 16.19 16.74 4.95
N LYS G 131 16.36 17.92 4.36
CA LYS G 131 16.12 19.17 5.09
C LYS G 131 14.66 19.29 5.51
N LYS G 132 14.38 18.87 6.73
CA LYS G 132 13.04 18.90 7.27
C LYS G 132 12.73 20.26 7.88
N ILE G 133 11.46 20.47 8.22
CA ILE G 133 10.99 21.71 8.84
C ILE G 133 10.05 21.37 9.99
N LEU G 134 10.40 21.78 11.19
CA LEU G 134 9.53 21.49 12.33
C LEU G 134 8.19 22.17 12.11
N ILE G 135 7.11 21.56 12.56
CA ILE G 135 5.81 22.16 12.39
C ILE G 135 4.95 21.96 13.62
N PHE G 136 5.33 21.02 14.46
CA PHE G 136 4.59 20.72 15.68
C PHE G 136 5.53 20.03 16.62
N SER G 137 5.46 20.38 17.90
CA SER G 137 6.31 19.76 18.92
C SER G 137 5.82 20.01 20.34
N LYS G 138 4.88 19.20 20.79
CA LYS G 138 4.36 19.32 22.13
C LYS G 138 4.92 18.19 22.98
N LYS G 139 5.23 18.49 24.24
CA LYS G 139 5.77 17.49 25.15
C LYS G 139 4.84 16.30 25.23
N GLY G 140 5.19 15.36 26.09
CA GLY G 140 4.38 14.17 26.24
C GLY G 140 3.03 14.40 26.90
N TYR G 141 3.02 15.16 27.98
CA TYR G 141 1.80 15.42 28.71
C TYR G 141 0.92 16.46 28.02
N GLU G 142 1.51 17.22 27.11
CA GLU G 142 0.76 18.23 26.37
C GLU G 142 -0.01 17.56 25.23
N ILE G 143 0.35 16.31 24.93
CA ILE G 143 -0.31 15.57 23.86
C ILE G 143 -1.59 14.92 24.34
N GLY G 144 -1.49 13.80 25.04
CA GLY G 144 -2.69 13.13 25.52
C GLY G 144 -3.62 12.77 24.38
N ARG H 1 46.89 -14.38 70.00
CA ARG H 1 48.13 -14.92 70.63
C ARG H 1 48.26 -16.44 70.48
N ASP H 2 47.14 -17.16 70.54
CA ASP H 2 47.18 -18.63 70.37
C ASP H 2 45.92 -19.17 69.69
N LYS H 3 44.84 -19.30 70.46
CA LYS H 3 43.57 -19.83 69.95
C LYS H 3 42.86 -18.93 68.93
N ARG H 4 43.49 -17.83 68.55
CA ARG H 4 42.91 -16.92 67.58
C ARG H 4 43.52 -17.10 66.19
N PHE H 5 44.72 -17.67 66.14
CA PHE H 5 45.48 -17.87 64.91
C PHE H 5 45.36 -19.21 64.23
N HIS H 6 45.61 -19.21 62.92
CA HIS H 6 45.59 -20.42 62.13
C HIS H 6 47.06 -20.72 61.84
N TYR H 7 47.54 -21.92 62.15
CA TYR H 7 48.93 -22.23 61.90
C TYR H 7 49.11 -23.23 60.76
N ASP H 8 50.35 -23.38 60.29
CA ASP H 8 50.64 -24.31 59.21
C ASP H 8 51.02 -25.69 59.80
N ARG H 9 51.69 -26.55 59.01
CA ARG H 9 52.11 -27.87 59.51
C ARG H 9 53.03 -27.75 60.74
N ASN H 10 54.00 -26.83 60.68
CA ASN H 10 54.95 -26.59 61.79
C ASN H 10 54.35 -25.80 62.94
N ASN H 11 53.22 -25.16 62.66
CA ASN H 11 52.46 -24.38 63.61
C ASN H 11 52.82 -22.92 63.75
N ILE H 12 53.55 -22.37 62.78
CA ILE H 12 53.86 -20.96 62.83
C ILE H 12 52.50 -20.34 62.57
N ALA H 13 52.44 -19.02 62.59
CA ALA H 13 51.20 -18.38 62.29
C ALA H 13 51.26 -18.18 60.76
N VAL H 14 50.09 -18.01 60.16
CA VAL H 14 49.97 -17.72 58.73
C VAL H 14 48.69 -16.91 58.62
N GLY H 15 48.04 -16.73 59.77
CA GLY H 15 46.83 -15.96 59.77
C GLY H 15 45.83 -16.26 60.86
N ALA H 16 45.15 -15.21 61.28
CA ALA H 16 44.12 -15.30 62.32
C ALA H 16 42.74 -15.15 61.69
N ASP H 17 41.75 -15.01 62.56
CA ASP H 17 40.38 -14.83 62.11
C ASP H 17 40.25 -13.36 61.77
N GLU H 18 39.43 -13.03 60.78
CA GLU H 18 39.27 -11.65 60.37
C GLU H 18 39.10 -10.71 61.55
N SER H 19 38.09 -10.98 62.37
CA SER H 19 37.81 -10.13 63.54
C SER H 19 39.04 -9.83 64.40
N VAL H 20 40.09 -10.63 64.21
CA VAL H 20 41.33 -10.45 64.95
C VAL H 20 42.20 -9.43 64.26
N VAL H 21 42.24 -9.49 62.93
CA VAL H 21 43.07 -8.55 62.18
C VAL H 21 42.44 -7.18 62.28
N LYS H 22 41.12 -7.14 62.13
CA LYS H 22 40.38 -5.88 62.17
C LYS H 22 40.65 -5.13 63.45
N GLU H 23 40.76 -5.88 64.53
CA GLU H 23 40.99 -5.31 65.85
C GLU H 23 42.34 -4.63 66.06
N ALA H 24 43.32 -4.98 65.23
CA ALA H 24 44.64 -4.40 65.38
C ALA H 24 44.74 -3.04 64.70
N HIS H 25 44.34 -2.99 63.44
CA HIS H 25 44.37 -1.74 62.68
C HIS H 25 43.23 -0.86 63.15
N ARG H 26 42.56 -1.37 64.19
CA ARG H 26 41.43 -0.72 64.84
C ARG H 26 41.80 0.71 65.26
N GLU H 27 43.06 0.90 65.64
CA GLU H 27 43.51 2.22 66.09
C GLU H 27 44.41 2.90 65.08
N VAL H 28 43.92 3.97 64.47
CA VAL H 28 44.69 4.73 63.48
C VAL H 28 45.32 5.97 64.05
N ILE H 29 46.64 6.04 64.01
CA ILE H 29 47.36 7.20 64.54
C ILE H 29 47.46 8.32 63.53
N ASN H 30 47.23 8.00 62.26
CA ASN H 30 47.30 9.02 61.21
C ASN H 30 46.96 8.51 59.82
N SER H 31 46.17 9.29 59.07
CA SER H 31 45.80 8.90 57.72
C SER H 31 45.80 10.11 56.79
N SER H 32 46.44 9.95 55.64
CA SER H 32 46.54 11.01 54.66
C SER H 32 46.56 10.41 53.26
N THR H 33 46.58 11.27 52.24
CA THR H 33 46.61 10.79 50.87
C THR H 33 47.96 10.21 50.49
N GLU H 34 48.79 9.99 51.51
CA GLU H 34 50.13 9.44 51.32
C GLU H 34 50.30 8.11 52.06
N GLY H 35 49.43 7.86 53.02
CA GLY H 35 49.49 6.60 53.74
C GLY H 35 48.93 6.60 55.15
N LEU H 36 48.60 5.42 55.66
CA LEU H 36 48.10 5.28 57.01
C LEU H 36 49.26 5.48 57.95
N LEU H 37 49.14 4.99 59.18
CA LEU H 37 50.21 5.11 60.17
C LEU H 37 49.73 4.53 61.45
N LEU H 38 48.67 3.74 61.38
CA LEU H 38 48.12 3.12 62.57
C LEU H 38 49.14 2.42 63.44
N ASN H 39 48.67 1.83 64.54
CA ASN H 39 49.56 1.13 65.45
C ASN H 39 49.26 -0.36 65.41
N ILE H 40 50.08 -1.09 64.65
CA ILE H 40 49.93 -2.55 64.51
C ILE H 40 50.86 -3.33 65.44
N ASP H 41 50.27 -4.32 66.11
CA ASP H 41 50.96 -5.16 67.05
C ASP H 41 51.83 -6.24 66.40
N LYS H 42 53.01 -6.46 66.98
CA LYS H 42 53.95 -7.46 66.48
C LYS H 42 53.40 -8.88 66.34
N ASP H 43 52.41 -9.22 67.16
CA ASP H 43 51.83 -10.54 67.08
C ASP H 43 51.14 -10.71 65.72
N ILE H 44 50.50 -9.65 65.26
CA ILE H 44 49.82 -9.64 63.97
C ILE H 44 50.78 -9.28 62.84
N ARG H 45 51.54 -8.22 63.06
CA ARG H 45 52.51 -7.73 62.08
C ARG H 45 53.22 -8.89 61.38
N LYS H 46 53.30 -10.02 62.07
CA LYS H 46 53.94 -11.23 61.55
C LYS H 46 53.13 -11.99 60.48
N ILE H 47 51.88 -12.32 60.79
CA ILE H 47 51.08 -13.06 59.84
C ILE H 47 50.73 -12.33 58.55
N LEU H 48 50.76 -11.01 58.56
CA LEU H 48 50.43 -10.23 57.35
C LEU H 48 51.58 -10.14 56.38
N SER H 49 51.27 -10.29 55.08
CA SER H 49 52.30 -10.21 54.06
C SER H 49 52.25 -8.84 53.41
N GLY H 50 51.09 -8.21 53.44
CA GLY H 50 50.97 -6.90 52.84
C GLY H 50 49.57 -6.34 52.84
N TYR H 51 49.39 -5.20 52.19
CA TYR H 51 48.11 -4.55 52.15
C TYR H 51 47.69 -4.20 50.72
N ILE H 52 46.40 -3.93 50.51
CA ILE H 52 45.85 -3.56 49.21
C ILE H 52 45.04 -2.29 49.36
N VAL H 53 45.44 -1.25 48.64
CA VAL H 53 44.77 0.04 48.70
C VAL H 53 43.90 0.27 47.48
N GLU H 54 42.69 0.75 47.68
CA GLU H 54 41.80 0.98 46.54
C GLU H 54 40.92 2.18 46.77
N ILE H 55 40.54 2.82 45.70
CA ILE H 55 39.69 3.98 45.78
C ILE H 55 38.35 3.61 45.18
N GLU H 56 37.32 3.56 46.03
CA GLU H 56 35.98 3.19 45.59
C GLU H 56 35.16 4.42 45.33
N ASP H 57 34.66 4.59 44.10
CA ASP H 57 33.86 5.77 43.77
C ASP H 57 32.41 5.67 44.25
N THR H 58 31.75 6.82 44.40
CA THR H 58 30.36 6.86 44.86
C THR H 58 29.48 5.83 44.19
N GLU H 59 29.49 5.79 42.85
CA GLU H 59 28.66 4.83 42.15
C GLU H 59 28.96 3.45 42.71
N GLY H 60 30.12 2.92 42.36
CA GLY H 60 30.47 1.61 42.86
C GLY H 60 31.69 1.00 42.22
N LEU H 61 32.42 1.79 41.43
CA LEU H 61 33.62 1.27 40.78
C LEU H 61 34.84 1.43 41.70
N LYS H 62 35.62 0.36 41.80
CA LYS H 62 36.78 0.36 42.67
C LYS H 62 38.07 0.22 41.89
N GLU H 63 39.03 1.10 42.17
CA GLU H 63 40.34 1.04 41.53
C GLU H 63 41.41 0.63 42.56
N VAL H 64 42.18 -0.39 42.25
CA VAL H 64 43.22 -0.83 43.17
C VAL H 64 44.49 -0.09 42.82
N ILE H 65 45.03 0.67 43.77
CA ILE H 65 46.27 1.40 43.52
C ILE H 65 47.43 0.45 43.22
N ASN H 66 47.85 -0.32 44.22
CA ASN H 66 48.95 -1.24 44.02
C ASN H 66 48.45 -2.57 43.54
N ASP H 67 47.59 -2.52 42.54
CA ASP H 67 46.99 -3.71 41.96
C ASP H 67 48.06 -4.65 41.42
N ARG H 68 48.70 -5.41 42.29
CA ARG H 68 49.71 -6.33 41.80
C ARG H 68 49.94 -7.44 42.80
N TYR H 69 50.10 -8.67 42.31
CA TYR H 69 50.28 -9.84 43.18
C TYR H 69 51.55 -9.78 44.00
N ASP H 70 52.42 -8.82 43.72
CA ASP H 70 53.67 -8.69 44.47
C ASP H 70 53.99 -7.29 45.00
N MET H 71 53.12 -6.32 44.75
CA MET H 71 53.35 -4.96 45.24
C MET H 71 52.65 -4.91 46.58
N LEU H 72 52.07 -6.04 46.94
CA LEU H 72 51.33 -6.17 48.18
C LEU H 72 51.94 -5.60 49.44
N ASN H 73 53.26 -5.53 49.52
CA ASN H 73 53.87 -5.01 50.75
C ASN H 73 54.27 -3.55 50.72
N ILE H 74 53.37 -2.71 51.22
CA ILE H 74 53.60 -1.27 51.27
C ILE H 74 53.70 -0.86 52.73
N SER H 75 53.79 -1.84 53.62
CA SER H 75 53.88 -1.55 55.04
C SER H 75 55.34 -1.42 55.40
N SER H 76 55.64 -0.94 56.61
CA SER H 76 57.02 -0.76 57.06
C SER H 76 57.09 -0.18 58.47
N LEU H 77 57.69 -0.93 59.38
CA LEU H 77 57.81 -0.55 60.79
C LEU H 77 58.89 0.48 61.08
N ARG H 78 58.59 1.43 61.97
CA ARG H 78 59.54 2.48 62.29
C ARG H 78 60.34 2.32 63.57
N GLN H 79 60.84 3.46 64.08
CA GLN H 79 61.63 3.54 65.31
C GLN H 79 60.77 3.33 66.54
N ASP H 80 59.68 4.10 66.60
CA ASP H 80 58.73 4.03 67.70
C ASP H 80 57.80 2.85 67.46
N GLY H 81 58.23 1.95 66.60
CA GLY H 81 57.46 0.76 66.28
C GLY H 81 56.07 1.00 65.70
N LYS H 82 55.93 2.04 64.89
CA LYS H 82 54.64 2.30 64.30
C LYS H 82 54.66 1.96 62.82
N THR H 83 53.65 1.23 62.38
CA THR H 83 53.51 0.80 60.98
C THR H 83 52.98 1.89 60.09
N PHE H 84 53.68 2.15 59.00
CA PHE H 84 53.23 3.18 58.08
C PHE H 84 52.95 2.54 56.74
N ILE H 85 51.68 2.44 56.38
CA ILE H 85 51.32 1.87 55.10
C ILE H 85 51.55 2.98 54.10
N ASP H 86 52.36 2.71 53.09
CA ASP H 86 52.72 3.73 52.11
C ASP H 86 51.91 3.67 50.82
N PHE H 87 50.91 4.54 50.69
CA PHE H 87 50.12 4.53 49.46
C PHE H 87 51.00 4.95 48.30
N LYS H 88 51.65 6.08 48.50
CA LYS H 88 52.53 6.72 47.53
C LYS H 88 53.58 5.84 46.91
N LYS H 89 53.94 4.75 47.59
CA LYS H 89 54.97 3.81 47.15
C LYS H 89 54.87 3.16 45.78
N TYR H 90 53.74 2.52 45.50
CA TYR H 90 53.54 1.85 44.21
C TYR H 90 52.59 2.56 43.23
N ASN H 91 52.27 3.81 43.52
CA ASN H 91 51.41 4.61 42.67
C ASN H 91 52.36 5.54 41.95
N ASP H 92 53.46 4.97 41.44
CA ASP H 92 54.49 5.73 40.73
C ASP H 92 54.87 7.05 41.40
N LYS H 93 55.38 6.97 42.62
CA LYS H 93 55.82 8.17 43.33
C LYS H 93 54.79 9.25 43.58
N LEU H 94 53.52 8.99 43.29
CA LEU H 94 52.49 9.98 43.53
C LEU H 94 51.56 9.55 44.65
N PRO H 95 51.03 10.50 45.41
CA PRO H 95 50.12 10.17 46.51
C PRO H 95 48.75 9.95 45.93
N LEU H 96 47.82 9.49 46.77
CA LEU H 96 46.46 9.22 46.32
C LEU H 96 45.67 10.44 45.82
N TYR H 97 45.03 10.26 44.66
CA TYR H 97 44.21 11.32 44.03
C TYR H 97 42.73 11.10 44.27
N ILE H 98 42.16 11.86 45.18
CA ILE H 98 40.75 11.77 45.53
C ILE H 98 39.99 12.94 44.94
N SER H 99 39.24 12.69 43.88
CA SER H 99 38.51 13.75 43.19
C SER H 99 37.09 13.98 43.66
N ASN H 100 36.79 13.64 44.91
CA ASN H 100 35.44 13.82 45.41
C ASN H 100 35.30 13.31 46.82
N PRO H 101 35.13 14.21 47.76
CA PRO H 101 34.98 13.90 49.18
C PRO H 101 34.31 12.58 49.50
N ASN H 102 33.31 12.21 48.71
CA ASN H 102 32.59 10.97 48.99
C ASN H 102 33.21 9.67 48.48
N TYR H 103 34.40 9.73 47.90
CA TYR H 103 35.05 8.51 47.44
C TYR H 103 35.68 7.91 48.68
N LYS H 104 35.49 6.61 48.90
CA LYS H 104 36.08 5.96 50.07
C LYS H 104 37.49 5.50 49.71
N VAL H 105 38.36 5.34 50.70
CA VAL H 105 39.72 4.90 50.44
C VAL H 105 40.06 3.62 51.18
N ASN H 106 39.52 2.51 50.72
CA ASN H 106 39.76 1.23 51.36
C ASN H 106 41.21 0.80 51.35
N VAL H 107 41.62 0.10 52.41
CA VAL H 107 42.96 -0.44 52.57
C VAL H 107 42.82 -1.83 53.16
N TYR H 108 43.13 -2.84 52.38
CA TYR H 108 43.00 -4.23 52.83
C TYR H 108 44.32 -4.82 53.29
N ALA H 109 44.24 -5.95 53.99
CA ALA H 109 45.42 -6.63 54.49
C ALA H 109 45.37 -8.06 54.01
N VAL H 110 46.51 -8.69 53.79
CA VAL H 110 46.51 -10.06 53.32
C VAL H 110 47.33 -11.01 54.19
N THR H 111 46.63 -11.94 54.85
CA THR H 111 47.29 -12.92 55.69
C THR H 111 48.22 -13.67 54.77
N LYS H 112 49.36 -14.11 55.27
CA LYS H 112 50.33 -14.84 54.47
C LYS H 112 49.81 -16.15 53.90
N GLU H 113 48.86 -16.77 54.59
CA GLU H 113 48.29 -18.04 54.14
C GLU H 113 47.39 -17.85 52.90
N ASN H 114 47.39 -16.64 52.34
CA ASN H 114 46.57 -16.35 51.16
C ASN H 114 47.46 -15.74 50.10
N THR H 115 48.57 -15.16 50.55
CA THR H 115 49.51 -14.53 49.65
C THR H 115 49.92 -15.50 48.55
N ILE H 116 50.03 -14.97 47.32
CA ILE H 116 50.42 -15.73 46.13
C ILE H 116 51.88 -15.47 45.76
N ILE H 117 52.67 -16.53 45.74
CA ILE H 117 54.09 -16.41 45.43
C ILE H 117 54.37 -16.09 43.96
N ASN H 118 53.42 -16.47 43.11
CA ASN H 118 53.51 -16.24 41.66
C ASN H 118 52.08 -16.15 41.05
N PRO H 119 51.96 -15.95 39.72
CA PRO H 119 50.66 -15.85 39.02
C PRO H 119 49.82 -17.13 39.02
N SER H 120 49.26 -17.49 37.86
CA SER H 120 48.42 -18.67 37.76
C SER H 120 48.37 -19.35 36.38
N GLU H 121 47.20 -19.91 36.07
CA GLU H 121 46.92 -20.59 34.81
C GLU H 121 46.15 -19.63 33.86
N ASN H 122 46.41 -18.34 34.05
CA ASN H 122 45.79 -17.27 33.28
C ASN H 122 46.88 -16.18 33.09
N GLY H 123 48.08 -16.48 33.58
CA GLY H 123 49.17 -15.52 33.49
C GLY H 123 48.66 -14.23 34.09
N ASP H 124 47.83 -14.38 35.12
CA ASP H 124 47.20 -13.26 35.81
C ASP H 124 48.01 -12.83 37.04
N THR H 125 48.05 -11.53 37.27
CA THR H 125 48.79 -10.97 38.41
C THR H 125 47.98 -9.94 39.18
N SER H 126 46.66 -9.94 39.00
CA SER H 126 45.74 -9.02 39.66
C SER H 126 45.43 -9.36 41.13
N THR H 127 45.02 -8.34 41.90
CA THR H 127 44.70 -8.53 43.30
C THR H 127 43.31 -9.10 43.49
N ASN H 128 42.81 -9.76 42.45
CA ASN H 128 41.51 -10.40 42.54
C ASN H 128 41.87 -11.82 42.91
N GLY H 129 41.09 -12.42 43.78
CA GLY H 129 41.37 -13.78 44.24
C GLY H 129 41.98 -13.66 45.62
N ILE H 130 43.18 -13.10 45.68
CA ILE H 130 43.88 -12.90 46.92
C ILE H 130 42.86 -12.54 48.00
N LYS H 131 42.52 -13.50 48.86
CA LYS H 131 41.54 -13.20 49.89
C LYS H 131 42.05 -12.11 50.83
N LYS H 132 41.58 -10.89 50.60
CA LYS H 132 41.97 -9.75 51.40
C LYS H 132 41.01 -9.50 52.57
N ILE H 133 41.42 -8.63 53.49
CA ILE H 133 40.64 -8.31 54.66
C ILE H 133 40.67 -6.82 54.87
N LEU H 134 39.49 -6.19 54.85
CA LEU H 134 39.46 -4.75 55.05
C LEU H 134 39.99 -4.44 56.43
N ILE H 135 40.64 -3.30 56.60
CA ILE H 135 41.18 -2.93 57.90
C ILE H 135 41.02 -1.46 58.18
N PHE H 136 40.77 -0.70 57.13
CA PHE H 136 40.58 0.75 57.22
C PHE H 136 39.77 1.20 56.01
N SER H 137 38.82 2.11 56.22
CA SER H 137 38.01 2.59 55.12
C SER H 137 37.27 3.88 55.42
N LYS H 138 37.98 5.01 55.34
CA LYS H 138 37.34 6.29 55.59
C LYS H 138 37.10 7.03 54.28
N LYS H 139 35.97 7.74 54.19
CA LYS H 139 35.62 8.50 53.01
C LYS H 139 36.71 9.46 52.63
N GLY H 140 36.48 10.23 51.57
CA GLY H 140 37.48 11.17 51.13
C GLY H 140 37.69 12.35 52.06
N TYR H 141 36.59 12.91 52.56
CA TYR H 141 36.73 14.07 53.44
C TYR H 141 37.12 13.69 54.84
N GLU H 142 36.96 12.42 55.18
CA GLU H 142 37.32 11.96 56.53
C GLU H 142 38.82 11.71 56.59
N ILE H 143 39.46 11.66 55.42
CA ILE H 143 40.89 11.42 55.35
C ILE H 143 41.71 12.66 55.63
N GLY H 144 41.85 13.52 54.63
CA GLY H 144 42.61 14.74 54.81
C GLY H 144 44.04 14.47 55.29
#